data_8P0U
#
_entry.id   8P0U
#
_cell.length_a   1.00
_cell.length_b   1.00
_cell.length_c   1.00
_cell.angle_alpha   90.00
_cell.angle_beta   90.00
_cell.angle_gamma   90.00
#
_symmetry.space_group_name_H-M   'P 1'
#
loop_
_entity.id
_entity.type
_entity.pdbx_description
1 polymer 'Polymerase acidic protein'
2 polymer 'RNA-directed RNA polymerase catalytic subunit'
3 polymer 'Polymerase basic protein 2'
4 polymer "3'RNA"
5 non-polymer 'MAGNESIUM ION'
#
loop_
_entity_poly.entity_id
_entity_poly.type
_entity_poly.pdbx_seq_one_letter_code
_entity_poly.pdbx_strand_id
1 'polypeptide(L)'
;MTDRPDHIDSRVWELSETQEDWITQVHGHVRRVVECWKYTICCLISNMHTHRGAPQYDVFKWQDRSTIEWICSKKKVQYP
ERDTPDLYDNERAVAYKVLLVSDLSDHSPTSGIYHDLAFNLEGEAEESCALVLRGSQLQDIKGFLCRALEWVVSNNLTQE
VVETISGEAKLQFSVGTTFRTLLKRDTDWDVIPTPRVEPNVPRIEGRRWTQMKKLPLLKEKEGPPSPWRALLLGADSEYI
VCPPGTDQEAISWIHSQSEIECIRESKSTPASVITCLTSSLQSFAEGNPVRSRIHEDIIAFGINKKQEKKQSASSSASGE
WKRAEYQVEEMSLPPWVEEEMVLLRSDQEDNWIELEKNAIYTEVDGVAEGLVDKYIEIVGRTKVASVIEKWQIAATRTFS
QLHTDRSRITACPIITRDPSGNCQFWGMVLLGPHHVKRDTDNAPLLIAEIMGEDTEEKYPKHSVFSLKVEGKQFLLSLKI
TSFSRNKLYTFSNIRRVLIQPASIYSQVVLSRAAENNSLNLEVNPEIQLYLEGAQRGMTLYQWVRMILCLEFLMAIYNNP
QMEGFLANMRRLHMSRHAMMERRQVFLPFGSRPEDKVNECIINNPIVAYLAKGWNSMPNVYY
;
A
2 'polypeptide(L)'
;MNLFTPRSEINPTTTQELLYAYTGPAPVAYGTRTRAVLENIIRPYQYFYKEPNVQRALDIKTGCKEPEDINVEGPSSGFH
TASVLKLADNFFRKYRPAMEKLKYWILVKLPKLKYAELSKGRQTYSFIHKRNLPAPIALEETVEFLEQNLRRKIGPTLLS
YCQAIADVMELDETTYEGARDPRPWDIQLEEIDSDEEDPLFRQVGREETYTIKFSREELWDQMRTLNTMWKHLERGRLNR
RTIATPSMLIRGFVKIVEDAAKEILENVPTSGVPVGGEEKLAKLASKQTFHTAVTGELSGDQEKFNECLDPDAMRLMWTV
FLRKLGCPDWIMELFNIPFMVFKSKLADMGEGLVYTKGKLTDRKPLGEMPSEFDDLVRNVVGNSISCRLGMFMGMYNLTS
TLLALISIEREELTGSHVESSDDFIHFFNCKTHEEMFKQAETLRLTLKLVGINMSPSKCILISPAGIGEFNSKFHHRDFV
GNVATELPALVPNGTNPMTDLAMGLNVIKHSVNTGQMNLCTGALAMRIFNHAYKYAYMALGVTRRTRFMEENAITPLLTN
QGASPVHSFSTMHLDEVALRRHLGLLDEETLRRILNPNNPVTQKGDPSMFFRIENKMPQIMEDYSVPSCFKYTLSRNRTI
QDKPHKALLNKEERYQRVTSIINKLFPEVLIQEASAPGTVRESLKRRLELVVERSDLDEERKKRILSRIF
;
B
3 'polypeptide(L)'
;MDREEPAESECTLRALVEEYNGACKEAPKEMSKQFTDYNTFKRYTTSKKDHAPQMRLVYSVRKPWPISMTPSKEIPLVFN
GTKLKDTILDLGESKRTRANIVVPDYWSKYGSQTSLEVVNAILYAEDLKVQRFFSTEWGEIRYGRMLPFRKPVQACPTIE
EVNPASIPHTLLQVFCPQYTTLDSKRKAHMGAVEKLKRVMEPICKVQTQESAVHIARSLIDSNKKWLPTVVDHTPRTAEM
AHFLCSKYHYVHTNTQDLSDTRSIDNLCGELVKRSLKCRCPKETLVANLDKITIQGRPMREVLADHDGELPYLGICRVAM
GLSTHHTMKIRSTKFSILNSDHPRIEVKKVFSLSPDVQVTIPYRRFKGKAKVYFQNDQIQGYFSCTDRQIDEIKISAPKN
APLLEPLLDICYYGSFIEPGFEQTFGFYPAGKREFVDSFFMHHSKDHKAFLIHMGLDKDLSLPLSPELNWKEPALSKVCR
VTELDSTVQPYTSATREFVLGETLNVYTQHENGLELLICPTEIRSTRGPLPPGTNLSGSEFIDIYQDPFSRAKSLLKSTI
LHAERCKEFVGNMLEEYQDPAETTVQSLVPINTWGKSAKRKLQEEITSDPDWHQCPRKRAKMSYLAIIAGSIQDRDKKQT
NVPRAFMLRGSQIEYDMKATRGLVVDTTNRIIVGGETVLREGKGGPEGYVQTGVFEEQPRCYLVDTPDHGLSMGLSRFCV
HSQGRYFQYEKKISIWEETDNIKATIDSQRDLKRRRDIEEMVSKRARIV
;
C
4 'polyribonucleotide' AGAGAAAUCAAGGCCCCCGGCCUGUUUUUGCU R,V
#
# COMPACT_ATOMS: atom_id res chain seq x y z
N THR A 2 13.98 -38.60 27.00
CA THR A 2 15.24 -39.33 27.18
C THR A 2 15.69 -39.99 25.87
N ASP A 3 14.80 -40.02 24.89
CA ASP A 3 15.11 -40.65 23.62
C ASP A 3 16.08 -39.79 22.82
N ARG A 4 16.43 -40.27 21.63
CA ARG A 4 17.36 -39.60 20.73
C ARG A 4 16.60 -38.76 19.72
N PRO A 5 16.85 -37.45 19.63
CA PRO A 5 16.18 -36.65 18.60
C PRO A 5 16.48 -37.19 17.20
N ASP A 6 15.48 -37.10 16.33
CA ASP A 6 15.58 -37.74 15.02
C ASP A 6 16.68 -37.11 14.17
N HIS A 7 17.04 -35.86 14.43
CA HIS A 7 18.06 -35.17 13.64
C HIS A 7 19.47 -35.40 14.18
N ILE A 8 19.63 -36.17 15.25
CA ILE A 8 20.94 -36.54 15.77
C ILE A 8 21.17 -38.01 15.50
N ASP A 9 22.33 -38.34 14.94
CA ASP A 9 22.64 -39.72 14.60
C ASP A 9 22.78 -40.56 15.86
N SER A 10 22.48 -41.86 15.72
CA SER A 10 22.48 -42.75 16.87
C SER A 10 23.87 -42.88 17.48
N ARG A 11 24.90 -42.98 16.65
CA ARG A 11 26.25 -43.17 17.17
C ARG A 11 26.69 -41.98 18.02
N VAL A 12 26.39 -40.76 17.56
CA VAL A 12 26.75 -39.57 18.35
C VAL A 12 26.02 -39.57 19.68
N TRP A 13 24.73 -39.93 19.67
CA TRP A 13 23.97 -39.99 20.91
C TRP A 13 24.60 -40.99 21.88
N GLU A 14 24.89 -42.20 21.40
CA GLU A 14 25.45 -43.22 22.27
C GLU A 14 26.82 -42.79 22.81
N LEU A 15 27.64 -42.18 21.95
CA LEU A 15 28.94 -41.68 22.41
C LEU A 15 28.77 -40.65 23.50
N SER A 16 27.93 -39.63 23.27
CA SER A 16 27.70 -38.60 24.26
C SER A 16 27.11 -39.17 25.55
N GLU A 17 26.45 -40.33 25.47
CA GLU A 17 25.86 -40.92 26.66
C GLU A 17 26.88 -41.11 27.77
N THR A 18 28.15 -41.32 27.42
CA THR A 18 29.19 -41.62 28.40
C THR A 18 30.29 -40.55 28.45
N GLN A 19 29.95 -39.30 28.11
CA GLN A 19 30.92 -38.22 28.11
C GLN A 19 30.80 -37.29 29.31
N GLU A 20 29.57 -37.02 29.76
CA GLU A 20 29.35 -36.13 30.90
C GLU A 20 28.23 -36.70 31.76
N ASP A 21 28.17 -36.23 33.00
CA ASP A 21 27.11 -36.64 33.93
C ASP A 21 25.90 -35.73 33.71
N TRP A 22 25.19 -36.00 32.61
CA TRP A 22 24.05 -35.17 32.26
C TRP A 22 22.98 -35.21 33.33
N ILE A 23 22.86 -36.32 34.05
CA ILE A 23 21.78 -36.47 35.03
C ILE A 23 21.92 -35.47 36.16
N THR A 24 23.16 -35.16 36.56
CA THR A 24 23.41 -34.21 37.64
C THR A 24 23.56 -32.77 37.14
N GLN A 25 23.30 -32.52 35.86
CA GLN A 25 23.37 -31.18 35.28
C GLN A 25 21.97 -30.65 35.02
N VAL A 26 21.75 -29.39 35.36
CA VAL A 26 20.45 -28.77 35.14
C VAL A 26 20.13 -28.78 33.66
N HIS A 27 18.92 -29.23 33.31
CA HIS A 27 18.53 -29.43 31.92
C HIS A 27 19.54 -30.34 31.22
N GLY A 28 19.77 -31.51 31.84
CA GLY A 28 20.78 -32.41 31.32
C GLY A 28 20.51 -32.85 29.90
N HIS A 29 19.24 -33.15 29.59
CA HIS A 29 18.91 -33.59 28.24
C HIS A 29 19.24 -32.50 27.21
N VAL A 30 18.88 -31.25 27.52
CA VAL A 30 19.14 -30.16 26.58
C VAL A 30 20.64 -29.91 26.45
N ARG A 31 21.38 -29.99 27.57
CA ARG A 31 22.82 -29.84 27.51
C ARG A 31 23.44 -30.89 26.61
N ARG A 32 23.04 -32.15 26.79
CA ARG A 32 23.55 -33.22 25.95
C ARG A 32 23.18 -33.00 24.49
N VAL A 33 21.96 -32.53 24.24
CA VAL A 33 21.52 -32.32 22.87
C VAL A 33 22.35 -31.23 22.19
N VAL A 34 22.61 -30.13 22.90
CA VAL A 34 23.40 -29.05 22.31
C VAL A 34 24.84 -29.50 22.09
N GLU A 35 25.39 -30.28 23.01
CA GLU A 35 26.74 -30.82 22.80
C GLU A 35 26.78 -31.74 21.59
N CYS A 36 25.74 -32.55 21.40
CA CYS A 36 25.66 -33.38 20.21
C CYS A 36 25.57 -32.53 18.96
N TRP A 37 24.83 -31.42 19.02
CA TRP A 37 24.80 -30.49 17.90
C TRP A 37 26.19 -29.98 17.58
N LYS A 38 26.95 -29.62 18.60
CA LYS A 38 28.31 -29.11 18.39
C LYS A 38 29.18 -30.17 17.75
N TYR A 39 29.09 -31.42 18.23
CA TYR A 39 29.88 -32.50 17.63
C TYR A 39 29.49 -32.69 16.16
N THR A 40 28.19 -32.67 15.87
CA THR A 40 27.75 -32.86 14.49
C THR A 40 28.20 -31.71 13.60
N ILE A 41 28.23 -30.50 14.13
CA ILE A 41 28.75 -29.36 13.38
C ILE A 41 30.23 -29.56 13.07
N CYS A 42 30.99 -30.02 14.06
CA CYS A 42 32.40 -30.31 13.82
C CYS A 42 32.56 -31.37 12.74
N CYS A 43 31.74 -32.42 12.78
CA CYS A 43 31.81 -33.48 11.78
C CYS A 43 31.48 -32.94 10.39
N LEU A 44 30.44 -32.11 10.30
CA LEU A 44 30.09 -31.50 9.02
C LEU A 44 31.25 -30.68 8.48
N ILE A 45 31.95 -29.97 9.37
CA ILE A 45 33.13 -29.22 8.95
C ILE A 45 34.21 -30.17 8.43
N SER A 46 34.41 -31.30 9.12
CA SER A 46 35.55 -32.16 8.85
C SER A 46 35.33 -33.13 7.70
N ASN A 47 34.10 -33.30 7.22
CA ASN A 47 33.81 -34.35 6.25
C ASN A 47 34.48 -34.08 4.91
N MET A 48 35.03 -35.13 4.32
CA MET A 48 35.57 -35.11 2.95
C MET A 48 36.46 -33.89 2.73
N HIS A 49 37.56 -33.83 3.49
CA HIS A 49 38.51 -32.74 3.36
C HIS A 49 39.88 -33.28 3.77
N THR A 50 40.69 -33.63 2.77
CA THR A 50 42.02 -34.22 2.99
C THR A 50 43.08 -33.22 2.57
N HIS A 51 44.10 -33.04 3.42
CA HIS A 51 45.23 -32.17 3.14
C HIS A 51 46.48 -33.02 3.09
N ARG A 52 47.11 -33.08 1.92
CA ARG A 52 48.34 -33.85 1.72
C ARG A 52 48.14 -35.32 2.09
N GLY A 53 46.96 -35.87 1.74
CA GLY A 53 46.65 -37.26 1.98
C GLY A 53 46.10 -37.56 3.36
N ALA A 54 46.19 -36.61 4.28
CA ALA A 54 45.64 -36.75 5.63
C ALA A 54 44.47 -35.80 5.83
N PRO A 55 43.58 -36.09 6.78
CA PRO A 55 42.42 -35.22 6.97
C PRO A 55 42.83 -33.78 7.22
N GLN A 56 42.09 -32.86 6.60
CA GLN A 56 42.39 -31.44 6.77
C GLN A 56 41.98 -30.94 8.15
N TYR A 57 40.98 -31.56 8.76
CA TYR A 57 40.46 -31.16 10.05
C TYR A 57 40.56 -32.32 11.03
N ASP A 58 41.11 -32.06 12.21
CA ASP A 58 41.21 -33.04 13.28
C ASP A 58 40.31 -32.62 14.43
N VAL A 59 39.49 -33.55 14.91
CA VAL A 59 38.48 -33.27 15.93
C VAL A 59 39.03 -33.70 17.29
N PHE A 60 39.16 -32.74 18.21
CA PHE A 60 39.55 -33.03 19.57
C PHE A 60 38.36 -33.22 20.50
N LYS A 61 37.15 -32.99 20.02
CA LYS A 61 35.97 -33.03 20.88
C LYS A 61 35.67 -34.47 21.31
N TRP A 62 35.39 -34.64 22.60
CA TRP A 62 35.06 -35.94 23.16
C TRP A 62 36.13 -36.97 22.81
N GLN A 63 37.39 -36.57 22.95
CA GLN A 63 38.53 -37.47 22.79
C GLN A 63 39.38 -37.39 24.04
N ASP A 64 40.08 -38.49 24.34
CA ASP A 64 40.87 -38.56 25.55
C ASP A 64 41.98 -37.50 25.54
N ARG A 65 42.30 -36.99 26.74
CA ARG A 65 43.27 -35.91 26.83
C ARG A 65 44.65 -36.36 26.36
N SER A 66 45.01 -37.62 26.64
CA SER A 66 46.32 -38.11 26.22
C SER A 66 46.46 -38.07 24.70
N THR A 67 45.44 -38.57 23.99
CA THR A 67 45.49 -38.55 22.52
C THR A 67 45.48 -37.13 21.99
N ILE A 68 44.66 -36.25 22.58
CA ILE A 68 44.60 -34.88 22.11
C ILE A 68 45.95 -34.19 22.27
N GLU A 69 46.58 -34.38 23.43
CA GLU A 69 47.89 -33.79 23.68
C GLU A 69 48.94 -34.38 22.75
N TRP A 70 48.87 -35.68 22.48
CA TRP A 70 49.80 -36.29 21.54
C TRP A 70 49.65 -35.67 20.15
N ILE A 71 48.41 -35.49 19.69
CA ILE A 71 48.18 -34.89 18.39
C ILE A 71 48.70 -33.46 18.37
N CYS A 72 48.43 -32.70 19.43
CA CYS A 72 48.88 -31.31 19.48
C CYS A 72 50.40 -31.22 19.47
N SER A 73 51.06 -32.11 20.21
CA SER A 73 52.52 -32.15 20.20
C SER A 73 53.05 -32.49 18.81
N LYS A 74 52.39 -33.43 18.13
CA LYS A 74 52.78 -33.73 16.76
C LYS A 74 52.73 -32.48 15.88
N LYS A 75 51.83 -31.54 16.20
CA LYS A 75 51.73 -30.29 15.47
C LYS A 75 52.49 -29.15 16.15
N LYS A 76 53.25 -29.45 17.20
CA LYS A 76 54.06 -28.44 17.90
C LYS A 76 53.20 -27.35 18.51
N VAL A 77 52.05 -27.74 19.08
CA VAL A 77 51.17 -26.82 19.77
C VAL A 77 50.75 -27.45 21.08
N GLN A 78 50.35 -26.60 22.03
CA GLN A 78 49.92 -27.05 23.35
C GLN A 78 48.73 -26.21 23.80
N TYR A 79 47.73 -26.89 24.37
CA TYR A 79 46.53 -26.23 24.87
C TYR A 79 46.24 -26.72 26.28
N PRO A 80 45.63 -25.89 27.12
CA PRO A 80 45.26 -26.33 28.47
C PRO A 80 44.10 -27.31 28.44
N GLU A 81 43.85 -27.93 29.59
CA GLU A 81 42.71 -28.82 29.72
C GLU A 81 41.40 -28.06 29.57
N ARG A 82 41.27 -26.91 30.25
CA ARG A 82 40.04 -26.13 30.18
C ARG A 82 39.81 -25.57 28.79
N ASP A 83 40.82 -24.91 28.22
CA ASP A 83 40.69 -24.26 26.92
C ASP A 83 41.16 -25.19 25.79
N THR A 84 40.46 -26.32 25.69
CA THR A 84 40.78 -27.31 24.67
C THR A 84 39.96 -27.04 23.42
N PRO A 85 40.57 -26.69 22.29
CA PRO A 85 39.78 -26.39 21.10
C PRO A 85 39.05 -27.62 20.58
N ASP A 86 37.90 -27.36 19.95
CA ASP A 86 37.10 -28.46 19.42
C ASP A 86 37.75 -29.06 18.17
N LEU A 87 38.26 -28.22 17.28
CA LEU A 87 38.79 -28.66 15.99
C LEU A 87 40.13 -28.01 15.74
N TYR A 88 40.92 -28.63 14.85
CA TYR A 88 42.18 -28.06 14.42
C TYR A 88 42.31 -28.26 12.91
N ASP A 89 42.50 -27.16 12.18
CA ASP A 89 42.69 -27.21 10.73
C ASP A 89 44.18 -27.25 10.43
N ASN A 90 44.64 -28.38 9.87
CA ASN A 90 46.05 -28.52 9.52
C ASN A 90 46.43 -27.62 8.37
N GLU A 91 45.58 -27.54 7.34
CA GLU A 91 45.88 -26.69 6.19
C GLU A 91 46.12 -25.26 6.64
N ARG A 92 45.23 -24.73 7.48
CA ARG A 92 45.43 -23.41 8.07
C ARG A 92 46.20 -23.46 9.38
N ALA A 93 46.44 -24.65 9.92
CA ALA A 93 47.24 -24.82 11.14
C ALA A 93 46.70 -23.94 12.26
N VAL A 94 45.37 -23.91 12.41
CA VAL A 94 44.71 -23.05 13.37
C VAL A 94 43.69 -23.86 14.16
N ALA A 95 43.63 -23.61 15.47
CA ALA A 95 42.65 -24.25 16.33
C ALA A 95 41.36 -23.44 16.37
N TYR A 96 40.24 -24.15 16.43
CA TYR A 96 38.91 -23.54 16.42
C TYR A 96 38.07 -24.17 17.52
N LYS A 97 37.17 -23.36 18.06
CA LYS A 97 36.24 -23.79 19.11
C LYS A 97 34.83 -23.41 18.67
N VAL A 98 34.05 -24.40 18.24
CA VAL A 98 32.70 -24.13 17.77
C VAL A 98 31.87 -23.55 18.91
N LEU A 99 30.99 -22.60 18.56
CA LEU A 99 30.17 -21.93 19.56
C LEU A 99 28.77 -21.69 19.00
N LEU A 100 27.77 -21.80 19.86
CA LEU A 100 26.39 -21.47 19.53
C LEU A 100 25.93 -20.30 20.39
N VAL A 101 25.32 -19.31 19.74
CA VAL A 101 24.91 -18.08 20.41
C VAL A 101 23.53 -17.68 19.88
N SER A 102 22.71 -17.12 20.76
CA SER A 102 21.38 -16.67 20.35
C SER A 102 21.49 -15.62 19.24
N ASP A 103 22.32 -14.61 19.44
CA ASP A 103 22.56 -13.58 18.44
C ASP A 103 24.05 -13.48 18.16
N LEU A 104 24.39 -13.40 16.88
CA LEU A 104 25.79 -13.39 16.48
C LEU A 104 26.51 -12.12 16.96
N SER A 105 25.80 -11.00 17.00
CA SER A 105 26.44 -9.74 17.41
C SER A 105 26.99 -9.82 18.82
N ASP A 106 26.31 -10.54 19.72
CA ASP A 106 26.78 -10.67 21.09
C ASP A 106 28.11 -11.40 21.19
N HIS A 107 28.46 -12.20 20.19
CA HIS A 107 29.69 -12.98 20.25
C HIS A 107 30.91 -12.07 20.25
N SER A 108 31.96 -12.52 20.94
CA SER A 108 33.23 -11.82 21.02
C SER A 108 34.36 -12.78 20.69
N PRO A 109 35.52 -12.29 20.24
CA PRO A 109 36.63 -13.18 19.92
C PRO A 109 37.12 -14.00 21.11
N THR A 110 36.93 -13.51 22.33
CA THR A 110 37.43 -14.19 23.52
C THR A 110 38.95 -14.19 23.54
N SER A 111 39.57 -15.26 24.01
CA SER A 111 41.02 -15.36 24.06
C SER A 111 41.58 -15.68 22.67
N GLY A 112 42.90 -15.59 22.54
CA GLY A 112 43.58 -15.85 21.29
C GLY A 112 44.04 -17.27 21.09
N ILE A 113 43.70 -18.19 21.98
CA ILE A 113 44.13 -19.58 21.83
C ILE A 113 43.46 -20.26 20.65
N TYR A 114 42.24 -19.85 20.29
CA TYR A 114 41.52 -20.46 19.19
C TYR A 114 40.52 -19.47 18.64
N HIS A 115 40.39 -19.45 17.30
CA HIS A 115 39.36 -18.63 16.67
C HIS A 115 37.99 -19.24 16.94
N ASP A 116 37.04 -18.39 17.28
CA ASP A 116 35.71 -18.84 17.69
C ASP A 116 34.79 -18.91 16.47
N LEU A 117 34.33 -20.12 16.15
CA LEU A 117 33.36 -20.33 15.07
C LEU A 117 31.96 -20.18 15.68
N ALA A 118 31.43 -18.97 15.59
CA ALA A 118 30.15 -18.64 16.23
C ALA A 118 29.00 -18.81 15.24
N PHE A 119 27.92 -19.40 15.72
CA PHE A 119 26.73 -19.64 14.91
C PHE A 119 25.49 -19.39 15.75
N ASN A 120 24.37 -19.15 15.07
CA ASN A 120 23.08 -18.96 15.72
C ASN A 120 22.15 -20.12 15.37
N LEU A 121 21.11 -20.28 16.20
CA LEU A 121 20.23 -21.42 16.07
C LEU A 121 19.46 -21.41 14.75
N GLU A 122 19.43 -20.28 14.04
CA GLU A 122 18.75 -20.20 12.76
C GLU A 122 19.61 -20.67 11.60
N GLY A 123 20.85 -21.10 11.86
CA GLY A 123 21.74 -21.57 10.82
C GLY A 123 22.73 -20.54 10.33
N GLU A 124 22.51 -19.25 10.63
CA GLU A 124 23.45 -18.23 10.21
C GLU A 124 24.75 -18.35 11.02
N ALA A 125 25.84 -17.88 10.41
CA ALA A 125 27.16 -17.95 11.01
C ALA A 125 27.75 -16.55 11.13
N GLU A 126 28.75 -16.43 12.00
CA GLU A 126 29.44 -15.16 12.16
C GLU A 126 30.16 -14.78 10.88
N GLU A 127 30.35 -13.48 10.68
CA GLU A 127 30.98 -13.01 9.45
C GLU A 127 32.37 -13.61 9.27
N SER A 128 33.06 -13.93 10.37
CA SER A 128 34.34 -14.59 10.26
C SER A 128 34.21 -16.01 9.73
N CYS A 129 33.13 -16.71 10.09
CA CYS A 129 32.95 -18.08 9.64
C CYS A 129 32.80 -18.17 8.13
N ALA A 130 32.25 -17.13 7.50
CA ALA A 130 32.10 -17.15 6.05
C ALA A 130 33.45 -17.20 5.34
N LEU A 131 34.54 -16.87 6.03
CA LEU A 131 35.88 -16.94 5.47
C LEU A 131 36.51 -18.31 5.68
N VAL A 132 36.59 -18.76 6.93
CA VAL A 132 37.29 -20.00 7.24
C VAL A 132 36.59 -21.19 6.60
N LEU A 133 35.27 -21.27 6.74
CA LEU A 133 34.51 -22.42 6.24
C LEU A 133 34.08 -22.19 4.80
N ARG A 134 33.89 -23.29 4.08
CA ARG A 134 33.49 -23.25 2.68
C ARG A 134 31.98 -23.05 2.57
N GLY A 135 31.52 -22.87 1.32
CA GLY A 135 30.10 -22.72 1.09
C GLY A 135 29.32 -23.99 1.39
N SER A 136 29.83 -25.14 0.99
CA SER A 136 29.14 -26.39 1.25
C SER A 136 29.06 -26.68 2.74
N GLN A 137 30.14 -26.42 3.47
CA GLN A 137 30.12 -26.61 4.92
C GLN A 137 29.05 -25.74 5.56
N LEU A 138 29.00 -24.46 5.17
CA LEU A 138 28.00 -23.56 5.73
C LEU A 138 26.59 -24.00 5.39
N GLN A 139 26.36 -24.45 4.15
CA GLN A 139 25.03 -24.90 3.76
C GLN A 139 24.60 -26.12 4.58
N ASP A 140 25.52 -27.09 4.74
CA ASP A 140 25.18 -28.28 5.51
C ASP A 140 24.90 -27.93 6.97
N ILE A 141 25.73 -27.08 7.56
CA ILE A 141 25.52 -26.69 8.95
C ILE A 141 24.20 -25.94 9.09
N LYS A 142 23.88 -25.07 8.14
CA LYS A 142 22.63 -24.32 8.20
C LYS A 142 21.44 -25.26 8.12
N GLY A 143 21.47 -26.24 7.22
CA GLY A 143 20.38 -27.20 7.16
C GLY A 143 20.23 -28.00 8.43
N PHE A 144 21.35 -28.49 8.98
CA PHE A 144 21.28 -29.26 10.21
C PHE A 144 20.73 -28.43 11.35
N LEU A 145 21.17 -27.17 11.47
CA LEU A 145 20.70 -26.33 12.57
C LEU A 145 19.24 -25.92 12.37
N CYS A 146 18.80 -25.79 11.11
CA CYS A 146 17.38 -25.58 10.85
C CYS A 146 16.56 -26.76 11.33
N ARG A 147 17.03 -27.99 11.06
CA ARG A 147 16.35 -29.17 11.57
C ARG A 147 16.34 -29.18 13.10
N ALA A 148 17.47 -28.80 13.71
CA ALA A 148 17.55 -28.76 15.16
C ALA A 148 16.57 -27.75 15.75
N LEU A 149 16.46 -26.57 15.13
CA LEU A 149 15.51 -25.57 15.60
C LEU A 149 14.08 -26.04 15.41
N GLU A 150 13.80 -26.76 14.32
CA GLU A 150 12.48 -27.34 14.13
C GLU A 150 12.16 -28.31 15.25
N TRP A 151 13.12 -29.15 15.61
CA TRP A 151 12.93 -30.06 16.73
C TRP A 151 12.69 -29.29 18.03
N VAL A 152 13.45 -28.22 18.23
CA VAL A 152 13.30 -27.44 19.47
C VAL A 152 11.90 -26.87 19.58
N VAL A 153 11.42 -26.23 18.51
CA VAL A 153 10.10 -25.61 18.56
C VAL A 153 9.01 -26.68 18.66
N SER A 154 9.20 -27.81 17.99
CA SER A 154 8.20 -28.87 18.03
C SER A 154 8.09 -29.53 19.40
N ASN A 155 9.10 -29.40 20.26
CA ASN A 155 9.09 -30.02 21.58
C ASN A 155 9.00 -29.01 22.71
N ASN A 156 8.72 -27.75 22.41
CA ASN A 156 8.52 -26.72 23.43
C ASN A 156 9.74 -26.60 24.34
N LEU A 157 10.93 -26.64 23.75
CA LEU A 157 12.18 -26.54 24.50
C LEU A 157 12.96 -25.28 24.15
N THR A 158 12.29 -24.23 23.69
CA THR A 158 13.00 -23.01 23.30
C THR A 158 13.70 -22.38 24.49
N GLN A 159 13.01 -22.25 25.61
CA GLN A 159 13.60 -21.61 26.79
C GLN A 159 14.82 -22.37 27.28
N GLU A 160 14.72 -23.70 27.35
CA GLU A 160 15.82 -24.49 27.87
C GLU A 160 17.06 -24.37 26.99
N VAL A 161 16.87 -24.43 25.67
CA VAL A 161 18.00 -24.30 24.76
C VAL A 161 18.60 -22.90 24.86
N VAL A 162 17.75 -21.87 24.87
CA VAL A 162 18.25 -20.51 24.94
C VAL A 162 19.05 -20.31 26.23
N GLU A 163 18.58 -20.89 27.33
CA GLU A 163 19.33 -20.82 28.58
C GLU A 163 20.66 -21.56 28.45
N THR A 164 20.64 -22.74 27.83
CA THR A 164 21.85 -23.56 27.78
C THR A 164 22.96 -22.88 26.97
N ILE A 165 22.62 -22.33 25.81
CA ILE A 165 23.64 -21.77 24.92
C ILE A 165 24.03 -20.37 25.34
N SER A 166 23.05 -19.56 25.77
CA SER A 166 23.32 -18.15 26.02
C SER A 166 23.61 -17.88 27.49
N GLY A 167 22.74 -18.35 28.37
CA GLY A 167 22.87 -18.05 29.79
C GLY A 167 21.53 -18.07 30.50
N GLU A 168 21.20 -16.97 31.18
CA GLU A 168 19.90 -16.83 31.81
C GLU A 168 19.35 -15.44 31.55
N ALA A 169 18.05 -15.37 31.27
CA ALA A 169 17.42 -14.08 31.02
C ALA A 169 17.43 -13.23 32.29
N LYS A 170 17.49 -11.91 32.09
CA LYS A 170 17.53 -10.95 33.18
C LYS A 170 16.30 -10.04 33.09
N LEU A 171 16.04 -9.33 34.19
CA LEU A 171 14.94 -8.38 34.23
C LEU A 171 15.30 -7.17 33.38
N GLN A 172 14.79 -7.12 32.16
CA GLN A 172 15.09 -6.05 31.23
C GLN A 172 14.08 -4.91 31.27
N PHE A 173 13.05 -5.01 32.11
CA PHE A 173 12.03 -3.98 32.18
C PHE A 173 11.37 -4.01 33.55
N SER A 174 10.97 -2.82 34.02
CA SER A 174 10.26 -2.70 35.27
C SER A 174 9.55 -1.36 35.28
N VAL A 175 8.50 -1.28 36.11
CA VAL A 175 7.69 -0.06 36.24
C VAL A 175 7.55 0.26 37.71
N GLY A 176 7.70 1.54 38.05
CA GLY A 176 7.58 1.99 39.42
C GLY A 176 6.13 2.06 39.88
N THR A 177 5.96 2.47 41.12
CA THR A 177 4.63 2.50 41.72
C THR A 177 3.76 3.62 41.16
N THR A 178 4.35 4.79 40.90
CA THR A 178 3.56 5.91 40.40
C THR A 178 3.08 5.64 38.97
N PHE A 179 3.93 5.05 38.14
CA PHE A 179 3.51 4.70 36.79
C PHE A 179 2.40 3.65 36.82
N ARG A 180 2.51 2.69 37.75
CA ARG A 180 1.42 1.72 37.92
C ARG A 180 0.13 2.41 38.33
N THR A 181 0.23 3.39 39.23
CA THR A 181 -0.96 4.14 39.65
C THR A 181 -1.58 4.86 38.46
N LEU A 182 -0.77 5.50 37.64
CA LEU A 182 -1.30 6.17 36.45
C LEU A 182 -1.95 5.17 35.50
N LEU A 183 -1.31 4.03 35.27
CA LEU A 183 -1.85 3.05 34.34
C LEU A 183 -3.18 2.50 34.84
N LYS A 184 -3.29 2.23 36.14
CA LYS A 184 -4.52 1.68 36.70
C LYS A 184 -5.50 2.80 37.02
N ARG A 185 -5.83 3.62 36.03
CA ARG A 185 -6.76 4.72 36.19
C ARG A 185 -8.06 4.55 35.42
N ASP A 186 -8.04 3.81 34.31
CA ASP A 186 -9.20 3.64 33.46
C ASP A 186 -9.40 2.18 33.10
N THR A 187 -9.28 1.30 34.08
CA THR A 187 -9.49 -0.13 33.85
C THR A 187 -9.67 -0.83 35.18
N ASP A 188 -10.49 -1.88 35.17
CA ASP A 188 -10.79 -2.62 36.39
C ASP A 188 -9.70 -3.61 36.77
N TRP A 189 -8.69 -3.80 35.94
CA TRP A 189 -7.64 -4.79 36.18
C TRP A 189 -6.31 -4.10 36.43
N ASP A 190 -5.36 -4.88 36.94
CA ASP A 190 -4.03 -4.39 37.24
C ASP A 190 -3.18 -4.47 35.98
N VAL A 191 -1.87 -4.20 36.11
CA VAL A 191 -0.99 -4.23 34.95
C VAL A 191 -1.01 -5.62 34.30
N ILE A 192 -0.93 -6.66 35.11
CA ILE A 192 -1.11 -8.03 34.63
C ILE A 192 -2.55 -8.43 34.93
N PRO A 193 -3.47 -8.35 33.96
CA PRO A 193 -4.88 -8.63 34.26
C PRO A 193 -5.08 -10.09 34.64
N THR A 194 -5.65 -10.32 35.82
CA THR A 194 -5.96 -11.66 36.31
C THR A 194 -7.40 -11.68 36.80
N PRO A 195 -8.36 -11.53 35.89
CA PRO A 195 -9.78 -11.60 36.30
C PRO A 195 -10.16 -13.01 36.71
N ARG A 196 -10.44 -13.20 37.99
CA ARG A 196 -10.77 -14.53 38.53
C ARG A 196 -12.19 -14.89 38.13
N VAL A 197 -12.33 -15.39 36.91
CA VAL A 197 -13.59 -15.91 36.40
C VAL A 197 -13.30 -17.18 35.62
N GLU A 198 -14.18 -18.16 35.75
CA GLU A 198 -13.96 -19.45 35.11
C GLU A 198 -14.05 -19.29 33.60
N PRO A 199 -13.01 -19.64 32.84
CA PRO A 199 -13.10 -19.51 31.38
C PRO A 199 -14.15 -20.44 30.81
N ASN A 200 -15.08 -19.88 30.03
CA ASN A 200 -16.16 -20.65 29.44
C ASN A 200 -16.87 -19.77 28.42
N VAL A 201 -17.18 -20.34 27.26
CA VAL A 201 -17.91 -19.64 26.21
C VAL A 201 -19.39 -19.98 26.37
N PRO A 202 -20.26 -19.00 26.63
CA PRO A 202 -21.70 -19.32 26.76
C PRO A 202 -22.33 -19.67 25.43
N ARG A 203 -23.62 -20.01 25.46
CA ARG A 203 -24.38 -20.35 24.26
C ARG A 203 -25.47 -19.31 24.09
N ILE A 204 -25.23 -18.32 23.24
CA ILE A 204 -26.18 -17.23 23.04
C ILE A 204 -27.22 -17.66 22.03
N GLU A 205 -28.41 -17.07 22.14
CA GLU A 205 -29.50 -17.32 21.20
C GLU A 205 -29.33 -16.39 20.00
N GLY A 206 -29.07 -16.98 18.84
CA GLY A 206 -28.89 -16.23 17.61
C GLY A 206 -30.18 -16.07 16.83
N ARG A 207 -30.03 -15.75 15.56
CA ARG A 207 -31.14 -15.58 14.64
C ARG A 207 -30.97 -16.56 13.48
N ARG A 208 -31.92 -16.52 12.55
CA ARG A 208 -31.93 -17.42 11.40
C ARG A 208 -31.39 -16.70 10.17
N TRP A 209 -30.72 -17.46 9.31
CA TRP A 209 -30.18 -16.94 8.06
C TRP A 209 -31.22 -17.10 6.97
N THR A 210 -31.70 -15.99 6.43
CA THR A 210 -32.74 -16.00 5.41
C THR A 210 -32.11 -16.05 4.02
N GLN A 211 -32.74 -16.81 3.12
CA GLN A 211 -32.23 -16.96 1.77
C GLN A 211 -32.62 -15.77 0.91
N MET A 212 -31.69 -15.38 0.02
CA MET A 212 -31.96 -14.33 -0.97
C MET A 212 -32.47 -15.03 -2.23
N LYS A 213 -33.80 -15.08 -2.39
CA LYS A 213 -34.38 -15.77 -3.53
C LYS A 213 -34.29 -14.94 -4.81
N LYS A 214 -34.36 -13.62 -4.70
CA LYS A 214 -34.27 -12.73 -5.86
C LYS A 214 -33.30 -11.61 -5.56
N LEU A 215 -32.63 -11.14 -6.60
CA LEU A 215 -31.70 -10.02 -6.43
C LEU A 215 -32.47 -8.75 -6.12
N PRO A 216 -31.88 -7.84 -5.34
CA PRO A 216 -32.57 -6.60 -4.99
C PRO A 216 -32.57 -5.60 -6.14
N LEU A 217 -33.43 -4.60 -5.99
CA LEU A 217 -33.54 -3.50 -6.96
C LEU A 217 -32.96 -2.24 -6.35
N LEU A 218 -32.09 -1.57 -7.09
CA LEU A 218 -31.49 -0.32 -6.62
C LEU A 218 -32.50 0.82 -6.73
N LYS A 219 -32.30 1.83 -5.90
CA LYS A 219 -33.21 2.97 -5.81
C LYS A 219 -32.78 4.04 -6.82
N GLU A 220 -33.66 4.35 -7.76
CA GLU A 220 -33.44 5.43 -8.71
C GLU A 220 -34.00 6.73 -8.12
N LYS A 221 -33.14 7.73 -8.00
CA LYS A 221 -33.55 8.99 -7.39
C LYS A 221 -34.30 9.85 -8.39
N GLU A 222 -35.17 10.71 -7.84
CA GLU A 222 -35.91 11.69 -8.62
C GLU A 222 -35.32 13.07 -8.40
N GLY A 223 -35.59 13.96 -9.35
CA GLY A 223 -35.12 15.32 -9.27
C GLY A 223 -34.62 15.83 -10.60
N PRO A 224 -34.00 17.01 -10.60
CA PRO A 224 -33.47 17.57 -11.85
C PRO A 224 -32.42 16.65 -12.44
N PRO A 225 -32.35 16.55 -13.77
CA PRO A 225 -31.27 15.77 -14.37
C PRO A 225 -29.92 16.34 -13.98
N SER A 226 -28.97 15.45 -13.74
CA SER A 226 -27.64 15.88 -13.36
C SER A 226 -26.95 16.56 -14.55
N PRO A 227 -26.33 17.72 -14.37
CA PRO A 227 -25.59 18.34 -15.46
C PRO A 227 -24.17 17.83 -15.55
N TRP A 228 -23.52 18.11 -16.68
CA TRP A 228 -22.13 17.76 -16.85
C TRP A 228 -21.27 18.51 -15.84
N ARG A 229 -20.63 17.76 -14.93
CA ARG A 229 -19.85 18.36 -13.85
C ARG A 229 -18.37 18.00 -13.93
N ALA A 230 -17.93 17.34 -14.99
CA ALA A 230 -16.53 16.98 -15.12
C ALA A 230 -15.69 18.23 -15.42
N LEU A 231 -14.38 18.06 -15.33
CA LEU A 231 -13.47 19.19 -15.54
C LEU A 231 -13.56 19.70 -16.98
N LEU A 232 -13.24 18.84 -17.94
CA LEU A 232 -13.29 19.19 -19.34
C LEU A 232 -14.53 18.54 -19.97
N LEU A 233 -14.66 18.67 -21.28
CA LEU A 233 -15.76 18.06 -22.01
C LEU A 233 -15.43 16.60 -22.31
N GLY A 234 -16.46 15.86 -22.74
CA GLY A 234 -16.31 14.47 -23.09
C GLY A 234 -16.56 14.20 -24.55
N ALA A 235 -17.67 13.54 -24.86
CA ALA A 235 -18.00 13.23 -26.24
C ALA A 235 -18.18 14.50 -27.06
N ASP A 236 -18.56 15.60 -26.43
CA ASP A 236 -18.78 16.88 -27.12
C ASP A 236 -17.48 17.65 -27.34
N SER A 237 -16.33 16.99 -27.22
CA SER A 237 -15.06 17.65 -27.45
C SER A 237 -14.76 17.74 -28.93
N GLU A 238 -14.24 18.89 -29.36
CA GLU A 238 -13.82 19.11 -30.73
C GLU A 238 -12.55 19.94 -30.71
N TYR A 239 -11.90 20.03 -31.87
CA TYR A 239 -10.66 20.79 -31.99
C TYR A 239 -10.64 21.54 -33.31
N ILE A 240 -9.92 22.65 -33.33
CA ILE A 240 -9.71 23.42 -34.55
C ILE A 240 -8.39 23.00 -35.16
N VAL A 241 -8.41 22.70 -36.46
CA VAL A 241 -7.19 22.30 -37.16
C VAL A 241 -6.43 23.55 -37.60
N CYS A 242 -5.17 23.62 -37.24
CA CYS A 242 -4.29 24.75 -37.53
C CYS A 242 -3.03 24.25 -38.19
N PRO A 243 -2.31 25.11 -38.92
CA PRO A 243 -1.15 24.66 -39.66
C PRO A 243 -0.07 24.18 -38.70
N PRO A 244 0.81 23.29 -39.16
CA PRO A 244 1.85 22.75 -38.27
C PRO A 244 2.74 23.87 -37.72
N GLY A 245 3.16 23.68 -36.48
CA GLY A 245 4.02 24.65 -35.82
C GLY A 245 3.99 24.45 -34.32
N THR A 246 4.62 25.38 -33.62
CA THR A 246 4.64 25.35 -32.17
C THR A 246 3.31 25.83 -31.61
N ASP A 247 3.18 25.73 -30.27
CA ASP A 247 1.95 26.17 -29.63
C ASP A 247 1.72 27.65 -29.86
N GLN A 248 2.77 28.46 -29.74
CA GLN A 248 2.63 29.90 -29.93
C GLN A 248 2.17 30.22 -31.34
N GLU A 249 2.72 29.54 -32.35
CA GLU A 249 2.31 29.80 -33.73
C GLU A 249 0.85 29.45 -33.93
N ALA A 250 0.40 28.30 -33.40
CA ALA A 250 -0.99 27.90 -33.56
C ALA A 250 -1.93 28.89 -32.87
N ILE A 251 -1.56 29.34 -31.68
CA ILE A 251 -2.41 30.29 -30.96
C ILE A 251 -2.45 31.63 -31.68
N SER A 252 -1.31 32.05 -32.25
CA SER A 252 -1.31 33.28 -33.03
C SER A 252 -2.20 33.14 -34.26
N TRP A 253 -2.16 31.99 -34.92
CA TRP A 253 -3.03 31.76 -36.07
C TRP A 253 -4.49 31.80 -35.66
N ILE A 254 -4.83 31.20 -34.51
CA ILE A 254 -6.20 31.24 -34.02
C ILE A 254 -6.62 32.67 -33.72
N HIS A 255 -5.75 33.42 -33.05
CA HIS A 255 -6.08 34.78 -32.64
C HIS A 255 -6.19 35.73 -33.81
N SER A 256 -5.45 35.49 -34.89
CA SER A 256 -5.50 36.39 -36.04
C SER A 256 -6.88 36.38 -36.70
N GLN A 257 -7.42 35.19 -36.93
CA GLN A 257 -8.72 35.03 -37.59
C GLN A 257 -9.69 34.46 -36.55
N SER A 258 -10.35 35.35 -35.81
CA SER A 258 -11.28 34.92 -34.78
C SER A 258 -12.28 36.04 -34.49
N GLU A 259 -13.57 35.72 -34.57
CA GLU A 259 -14.65 36.64 -34.19
C GLU A 259 -15.46 35.93 -33.11
N ILE A 260 -15.04 36.10 -31.85
CA ILE A 260 -15.71 35.45 -30.74
C ILE A 260 -16.90 36.31 -30.32
N GLU A 261 -18.11 35.74 -30.46
CA GLU A 261 -19.34 36.39 -30.05
C GLU A 261 -20.16 35.43 -29.21
N CYS A 262 -20.72 35.94 -28.12
CA CYS A 262 -21.47 35.10 -27.19
C CYS A 262 -22.79 34.67 -27.82
N ILE A 263 -23.05 33.37 -27.79
CA ILE A 263 -24.33 32.82 -28.24
C ILE A 263 -25.27 32.56 -27.08
N ARG A 264 -24.75 31.99 -25.99
CA ARG A 264 -25.57 31.65 -24.83
C ARG A 264 -24.80 32.02 -23.58
N GLU A 265 -25.27 33.04 -22.87
CA GLU A 265 -24.61 33.52 -21.66
C GLU A 265 -25.11 32.73 -20.46
N SER A 266 -24.19 32.29 -19.61
CA SER A 266 -24.52 31.62 -18.36
C SER A 266 -24.30 32.59 -17.22
N LYS A 267 -25.28 32.67 -16.31
CA LYS A 267 -25.17 33.60 -15.19
C LYS A 267 -24.08 33.20 -14.21
N SER A 268 -23.58 31.96 -14.29
CA SER A 268 -22.48 31.54 -13.44
C SER A 268 -21.13 31.94 -14.00
N THR A 269 -21.02 32.01 -15.33
CA THR A 269 -19.80 32.43 -16.03
C THR A 269 -20.19 33.55 -16.98
N PRO A 270 -20.20 34.81 -16.53
CA PRO A 270 -20.69 35.89 -17.38
C PRO A 270 -19.87 36.02 -18.65
N ALA A 271 -20.56 36.43 -19.73
CA ALA A 271 -19.92 36.51 -21.04
C ALA A 271 -18.73 37.46 -21.03
N SER A 272 -18.76 38.50 -20.19
CA SER A 272 -17.66 39.46 -20.15
C SER A 272 -16.32 38.78 -19.89
N VAL A 273 -16.31 37.70 -19.12
CA VAL A 273 -15.07 36.98 -18.82
C VAL A 273 -14.34 36.53 -20.08
N ILE A 274 -15.00 36.57 -21.24
CA ILE A 274 -14.32 36.20 -22.48
C ILE A 274 -13.12 37.11 -22.72
N THR A 275 -13.18 38.36 -22.25
CA THR A 275 -12.03 39.24 -22.40
C THR A 275 -10.79 38.66 -21.71
N CYS A 276 -10.98 37.94 -20.60
CA CYS A 276 -9.85 37.33 -19.92
C CYS A 276 -9.22 36.22 -20.77
N LEU A 277 -9.96 35.67 -21.73
CA LEU A 277 -9.40 34.64 -22.59
C LEU A 277 -8.57 35.24 -23.72
N THR A 278 -9.19 36.09 -24.54
CA THR A 278 -8.47 36.68 -25.67
C THR A 278 -7.19 37.36 -25.21
N SER A 279 -7.27 38.11 -24.11
CA SER A 279 -6.06 38.77 -23.59
C SER A 279 -4.95 37.76 -23.35
N SER A 280 -5.27 36.63 -22.73
CA SER A 280 -4.28 35.57 -22.59
C SER A 280 -3.88 35.01 -23.96
N LEU A 281 -4.86 34.76 -24.83
CA LEU A 281 -4.55 34.23 -26.15
C LEU A 281 -3.58 35.15 -26.89
N GLN A 282 -3.80 36.46 -26.79
CA GLN A 282 -2.83 37.41 -27.34
C GLN A 282 -1.50 37.31 -26.63
N SER A 283 -1.52 37.27 -25.30
CA SER A 283 -0.28 37.26 -24.54
C SER A 283 0.56 36.04 -24.88
N PHE A 284 -0.07 34.87 -24.96
CA PHE A 284 0.65 33.67 -25.36
C PHE A 284 1.21 33.80 -26.77
N ALA A 285 0.48 34.49 -27.65
CA ALA A 285 0.97 34.68 -29.01
C ALA A 285 2.27 35.47 -29.03
N GLU A 286 2.36 36.50 -28.20
CA GLU A 286 3.57 37.33 -28.14
C GLU A 286 4.56 36.79 -27.11
N GLY A 287 4.88 35.51 -27.21
CA GLY A 287 5.94 34.92 -26.41
C GLY A 287 5.52 34.50 -25.01
N ASN A 288 5.35 35.47 -24.12
CA ASN A 288 5.16 35.16 -22.70
C ASN A 288 3.79 34.52 -22.48
N PRO A 289 3.73 33.36 -21.82
CA PRO A 289 2.42 32.81 -21.45
C PRO A 289 1.82 33.50 -20.24
N VAL A 290 2.66 33.91 -19.29
CA VAL A 290 2.17 34.65 -18.14
C VAL A 290 1.74 36.04 -18.58
N ARG A 291 0.83 36.63 -17.80
CA ARG A 291 0.20 37.88 -18.19
C ARG A 291 -0.26 38.62 -16.94
N SER A 292 -0.18 39.95 -16.98
CA SER A 292 -0.66 40.76 -15.88
C SER A 292 -2.19 40.69 -15.81
N ARG A 293 -2.72 40.99 -14.62
CA ARG A 293 -4.15 40.92 -14.41
C ARG A 293 -4.85 42.06 -15.15
N ILE A 294 -6.16 41.89 -15.33
CA ILE A 294 -7.03 42.91 -15.90
C ILE A 294 -8.27 43.01 -15.03
N HIS A 295 -9.12 44.00 -15.34
CA HIS A 295 -10.30 44.24 -14.52
C HIS A 295 -11.22 43.02 -14.49
N GLU A 296 -11.46 42.42 -15.66
CA GLU A 296 -12.37 41.29 -15.73
C GLU A 296 -11.86 40.11 -14.91
N ASP A 297 -10.54 39.93 -14.84
CA ASP A 297 -9.98 38.82 -14.09
C ASP A 297 -10.57 38.71 -12.70
N ILE A 298 -10.98 39.84 -12.11
CA ILE A 298 -11.52 39.83 -10.75
C ILE A 298 -12.67 38.84 -10.65
N ILE A 299 -13.60 38.88 -11.61
CA ILE A 299 -14.72 37.95 -11.59
C ILE A 299 -14.41 36.63 -12.29
N ALA A 300 -13.24 36.52 -12.94
CA ALA A 300 -12.90 35.30 -13.65
C ALA A 300 -12.39 34.23 -12.70
N PHE A 301 -11.48 34.61 -11.79
CA PHE A 301 -10.85 33.67 -10.87
C PHE A 301 -11.21 33.95 -9.42
N GLY A 302 -12.34 34.62 -9.18
CA GLY A 302 -12.78 34.89 -7.82
C GLY A 302 -11.75 35.65 -7.01
N ILE A 303 -11.17 36.70 -7.60
CA ILE A 303 -10.18 37.49 -6.90
C ILE A 303 -10.87 38.34 -5.84
N ASN A 304 -10.35 38.28 -4.61
CA ASN A 304 -10.90 39.04 -3.50
C ASN A 304 -12.39 38.76 -3.34
N LYS A 305 -12.75 37.47 -3.44
CA LYS A 305 -14.14 37.03 -3.30
C LYS A 305 -14.45 36.47 -1.93
N LYS A 306 -13.51 35.77 -1.31
CA LYS A 306 -13.76 35.22 0.03
C LYS A 306 -14.10 36.32 1.02
N GLN A 307 -13.33 37.41 0.99
CA GLN A 307 -13.62 38.54 1.88
C GLN A 307 -14.96 39.18 1.54
N GLU A 308 -15.32 39.22 0.26
CA GLU A 308 -16.63 39.76 -0.12
C GLU A 308 -17.75 38.98 0.52
N LYS A 309 -17.71 37.65 0.41
CA LYS A 309 -18.74 36.82 1.03
C LYS A 309 -18.70 36.96 2.56
N LYS A 310 -17.50 37.04 3.13
CA LYS A 310 -17.38 37.24 4.57
C LYS A 310 -18.15 38.48 5.00
N GLN A 311 -17.88 39.61 4.34
CA GLN A 311 -18.55 40.85 4.70
C GLN A 311 -20.05 40.77 4.47
N SER A 312 -20.46 40.19 3.33
CA SER A 312 -21.89 40.10 3.02
C SER A 312 -22.63 39.27 4.06
N ALA A 313 -22.06 38.12 4.45
CA ALA A 313 -22.70 37.29 5.46
C ALA A 313 -22.70 37.97 6.82
N SER A 314 -21.62 38.66 7.17
CA SER A 314 -21.57 39.35 8.45
C SER A 314 -22.64 40.44 8.53
N SER A 315 -22.85 41.16 7.42
CA SER A 315 -23.81 42.26 7.43
C SER A 315 -25.25 41.78 7.60
N SER A 316 -25.52 40.50 7.38
CA SER A 316 -26.88 39.95 7.44
C SER A 316 -26.88 38.64 8.21
N ALA A 317 -26.25 38.63 9.39
CA ALA A 317 -26.16 37.44 10.22
C ALA A 317 -26.94 37.55 11.52
N SER A 318 -27.97 38.39 11.56
CA SER A 318 -28.76 38.58 12.77
C SER A 318 -29.50 37.30 13.11
N GLY A 319 -29.07 36.62 14.16
CA GLY A 319 -29.70 35.37 14.56
C GLY A 319 -28.87 34.66 15.62
N GLU A 320 -29.14 33.37 15.77
CA GLU A 320 -28.45 32.53 16.74
C GLU A 320 -27.85 31.33 16.03
N TRP A 321 -26.75 30.82 16.59
CA TRP A 321 -26.00 29.76 15.94
C TRP A 321 -26.79 28.46 15.93
N LYS A 322 -26.68 27.72 14.83
CA LYS A 322 -27.27 26.40 14.68
C LYS A 322 -26.23 25.46 14.11
N ARG A 323 -26.36 24.17 14.45
CA ARG A 323 -25.41 23.19 13.96
C ARG A 323 -25.42 23.16 12.44
N ALA A 324 -24.22 23.14 11.85
CA ALA A 324 -24.08 23.18 10.39
C ALA A 324 -24.58 21.86 9.81
N GLU A 325 -25.75 21.89 9.21
CA GLU A 325 -26.32 20.72 8.53
C GLU A 325 -26.16 20.90 7.02
N TYR A 326 -25.60 19.89 6.37
CA TYR A 326 -25.38 19.92 4.94
C TYR A 326 -26.32 18.94 4.25
N GLN A 327 -26.71 19.29 3.02
CA GLN A 327 -27.66 18.48 2.25
C GLN A 327 -27.15 18.37 0.82
N VAL A 328 -27.01 17.14 0.34
CA VAL A 328 -26.61 16.88 -1.04
C VAL A 328 -27.86 16.89 -1.90
N GLU A 329 -27.90 17.78 -2.90
CA GLU A 329 -29.08 17.93 -3.74
C GLU A 329 -29.24 16.69 -4.61
N GLU A 330 -30.32 15.96 -4.41
CA GLU A 330 -30.59 14.77 -5.20
C GLU A 330 -30.87 15.15 -6.64
N MET A 331 -30.38 14.32 -7.57
CA MET A 331 -30.62 14.50 -8.99
C MET A 331 -30.85 13.15 -9.64
N SER A 332 -31.61 13.14 -10.73
CA SER A 332 -31.97 11.92 -11.41
C SER A 332 -30.97 11.61 -12.52
N LEU A 333 -31.21 10.51 -13.22
CA LEU A 333 -30.34 10.11 -14.32
C LEU A 333 -30.59 11.02 -15.52
N PRO A 334 -29.59 11.74 -16.01
CA PRO A 334 -29.82 12.61 -17.17
C PRO A 334 -29.78 11.81 -18.46
N PRO A 335 -30.47 12.29 -19.50
CA PRO A 335 -30.49 11.53 -20.76
C PRO A 335 -29.20 11.61 -21.56
N TRP A 336 -28.25 12.47 -21.16
CA TRP A 336 -27.04 12.64 -21.96
C TRP A 336 -25.99 11.58 -21.70
N VAL A 337 -26.18 10.71 -20.69
CA VAL A 337 -25.21 9.65 -20.46
C VAL A 337 -25.24 8.63 -21.59
N GLU A 338 -26.44 8.23 -22.02
CA GLU A 338 -26.54 7.30 -23.13
C GLU A 338 -25.99 7.90 -24.41
N GLU A 339 -26.29 9.19 -24.66
CA GLU A 339 -25.76 9.85 -25.85
C GLU A 339 -24.24 9.95 -25.79
N GLU A 340 -23.69 10.23 -24.60
CA GLU A 340 -22.25 10.28 -24.46
C GLU A 340 -21.62 8.93 -24.73
N MET A 341 -22.23 7.86 -24.22
CA MET A 341 -21.70 6.52 -24.47
C MET A 341 -21.76 6.18 -25.94
N VAL A 342 -22.85 6.54 -26.62
CA VAL A 342 -22.96 6.27 -28.05
C VAL A 342 -21.90 7.06 -28.83
N LEU A 343 -21.70 8.33 -28.48
CA LEU A 343 -20.78 9.17 -29.24
C LEU A 343 -19.33 8.84 -28.93
N LEU A 344 -19.02 8.38 -27.72
CA LEU A 344 -17.63 8.13 -27.35
C LEU A 344 -17.01 7.02 -28.18
N ARG A 345 -17.81 6.03 -28.58
CA ARG A 345 -17.31 4.92 -29.36
C ARG A 345 -17.45 5.14 -30.87
N SER A 346 -17.59 6.39 -31.29
CA SER A 346 -17.64 6.69 -32.72
C SER A 346 -16.26 6.53 -33.34
N ASP A 347 -16.23 5.98 -34.55
CA ASP A 347 -14.96 5.72 -35.22
C ASP A 347 -14.28 7.03 -35.62
N GLN A 348 -12.96 7.05 -35.52
CA GLN A 348 -12.15 8.17 -35.95
C GLN A 348 -11.29 7.75 -37.15
N GLU A 349 -10.56 8.70 -37.71
CA GLU A 349 -9.67 8.43 -38.82
C GLU A 349 -8.28 8.02 -38.35
N ASP A 350 -7.64 8.86 -37.54
CA ASP A 350 -6.32 8.56 -37.02
C ASP A 350 -6.43 7.69 -35.78
N ASN A 351 -5.38 6.90 -35.53
CA ASN A 351 -5.29 6.12 -34.31
C ASN A 351 -4.72 6.99 -33.20
N TRP A 352 -5.48 7.18 -32.14
CA TRP A 352 -5.15 8.12 -31.09
C TRP A 352 -4.38 7.51 -29.93
N ILE A 353 -3.93 6.26 -30.06
CA ILE A 353 -3.12 5.60 -29.05
C ILE A 353 -1.83 5.18 -29.74
N GLU A 354 -0.81 6.02 -29.64
CA GLU A 354 0.49 5.79 -30.27
C GLU A 354 1.51 5.51 -29.17
N LEU A 355 1.65 4.24 -28.82
CA LEU A 355 2.60 3.79 -27.81
C LEU A 355 3.63 2.90 -28.47
N GLU A 356 4.90 3.11 -28.14
CA GLU A 356 5.97 2.31 -28.72
C GLU A 356 5.88 0.87 -28.25
N LYS A 357 6.33 -0.05 -29.09
CA LYS A 357 6.33 -1.47 -28.74
C LYS A 357 7.59 -1.82 -27.95
N ASN A 358 7.49 -2.91 -27.20
CA ASN A 358 8.64 -3.43 -26.46
C ASN A 358 9.46 -4.33 -27.37
N ALA A 359 10.61 -4.79 -26.87
CA ALA A 359 11.56 -5.57 -27.65
C ALA A 359 11.24 -7.04 -27.49
N ILE A 360 10.62 -7.63 -28.52
CA ILE A 360 10.24 -9.04 -28.46
C ILE A 360 11.50 -9.91 -28.48
N TYR A 361 11.68 -10.71 -27.43
CA TYR A 361 12.76 -11.69 -27.38
C TYR A 361 12.24 -13.11 -27.29
N THR A 362 11.36 -13.39 -26.34
CA THR A 362 10.76 -14.71 -26.19
C THR A 362 9.44 -14.78 -26.94
N GLU A 363 8.95 -16.01 -27.16
CA GLU A 363 7.64 -16.18 -27.76
C GLU A 363 6.55 -15.59 -26.89
N VAL A 364 6.72 -15.63 -25.57
CA VAL A 364 5.77 -15.01 -24.66
C VAL A 364 5.72 -13.50 -24.90
N ASP A 365 6.89 -12.88 -25.07
CA ASP A 365 6.93 -11.45 -25.38
C ASP A 365 6.20 -11.17 -26.69
N GLY A 366 6.40 -12.01 -27.70
CA GLY A 366 5.71 -11.82 -28.96
C GLY A 366 4.21 -11.90 -28.81
N VAL A 367 3.73 -12.88 -28.03
CA VAL A 367 2.29 -13.02 -27.82
C VAL A 367 1.75 -11.80 -27.09
N ALA A 368 2.46 -11.33 -26.06
CA ALA A 368 1.99 -10.17 -25.31
C ALA A 368 1.91 -8.94 -26.20
N GLU A 369 2.96 -8.72 -27.00
CA GLU A 369 2.96 -7.56 -27.89
C GLU A 369 1.86 -7.68 -28.94
N GLY A 370 1.62 -8.89 -29.45
CA GLY A 370 0.53 -9.06 -30.41
C GLY A 370 -0.82 -8.76 -29.80
N LEU A 371 -1.05 -9.22 -28.57
CA LEU A 371 -2.31 -8.92 -27.89
C LEU A 371 -2.47 -7.42 -27.69
N VAL A 372 -1.41 -6.75 -27.25
CA VAL A 372 -1.51 -5.32 -27.00
C VAL A 372 -1.73 -4.57 -28.31
N ASP A 373 -1.07 -4.98 -29.39
CA ASP A 373 -1.27 -4.33 -30.68
C ASP A 373 -2.69 -4.50 -31.17
N LYS A 374 -3.25 -5.70 -31.03
CA LYS A 374 -4.63 -5.91 -31.45
C LYS A 374 -5.59 -5.09 -30.60
N TYR A 375 -5.33 -4.99 -29.30
CA TYR A 375 -6.17 -4.16 -28.45
C TYR A 375 -6.12 -2.70 -28.88
N ILE A 376 -4.91 -2.20 -29.16
CA ILE A 376 -4.76 -0.82 -29.61
C ILE A 376 -5.52 -0.61 -30.91
N GLU A 377 -5.45 -1.57 -31.83
CA GLU A 377 -6.22 -1.47 -33.06
C GLU A 377 -7.71 -1.43 -32.77
N ILE A 378 -8.17 -2.24 -31.81
CA ILE A 378 -9.59 -2.28 -31.49
C ILE A 378 -10.08 -0.94 -30.97
N VAL A 379 -9.37 -0.37 -29.99
CA VAL A 379 -9.84 0.84 -29.33
C VAL A 379 -9.10 2.09 -29.76
N GLY A 380 -8.12 1.97 -30.66
CA GLY A 380 -7.34 3.14 -31.04
C GLY A 380 -8.16 4.18 -31.80
N ARG A 381 -8.99 3.72 -32.74
CA ARG A 381 -9.74 4.63 -33.61
C ARG A 381 -11.16 4.82 -33.04
N THR A 382 -11.21 5.49 -31.90
CA THR A 382 -12.48 5.83 -31.25
C THR A 382 -12.37 7.23 -30.67
N LYS A 383 -13.52 7.90 -30.55
CA LYS A 383 -13.53 9.23 -29.98
C LYS A 383 -13.08 9.22 -28.53
N VAL A 384 -13.31 8.12 -27.81
CA VAL A 384 -12.91 8.07 -26.41
C VAL A 384 -11.40 8.18 -26.28
N ALA A 385 -10.65 7.58 -27.20
CA ALA A 385 -9.20 7.71 -27.18
C ALA A 385 -8.78 9.16 -27.40
N SER A 386 -9.44 9.84 -28.33
CA SER A 386 -9.13 11.25 -28.57
C SER A 386 -9.39 12.08 -27.33
N VAL A 387 -10.52 11.84 -26.66
CA VAL A 387 -10.85 12.59 -25.46
C VAL A 387 -9.86 12.27 -24.35
N ILE A 388 -9.40 11.02 -24.27
CA ILE A 388 -8.40 10.65 -23.27
C ILE A 388 -7.11 11.41 -23.52
N GLU A 389 -6.68 11.48 -24.78
CA GLU A 389 -5.47 12.23 -25.10
C GLU A 389 -5.64 13.71 -24.75
N LYS A 390 -6.80 14.28 -25.07
CA LYS A 390 -7.06 15.68 -24.75
C LYS A 390 -6.98 15.90 -23.24
N TRP A 391 -7.63 15.04 -22.46
CA TRP A 391 -7.61 15.18 -21.02
C TRP A 391 -6.19 15.08 -20.47
N GLN A 392 -5.43 14.11 -20.97
CA GLN A 392 -4.05 13.95 -20.50
C GLN A 392 -3.23 15.19 -20.78
N ILE A 393 -3.31 15.70 -22.01
CA ILE A 393 -2.51 16.87 -22.37
C ILE A 393 -2.91 18.08 -21.54
N ALA A 394 -4.22 18.31 -21.40
CA ALA A 394 -4.68 19.47 -20.65
C ALA A 394 -4.25 19.37 -19.18
N ALA A 395 -4.43 18.19 -18.58
CA ALA A 395 -4.05 18.03 -17.18
C ALA A 395 -2.57 18.22 -16.98
N THR A 396 -1.75 17.65 -17.87
CA THR A 396 -0.30 17.80 -17.74
C THR A 396 0.10 19.27 -17.86
N ARG A 397 -0.40 19.95 -18.88
CA ARG A 397 -0.01 21.33 -19.11
C ARG A 397 -0.47 22.23 -17.96
N THR A 398 -1.64 21.96 -17.39
CA THR A 398 -2.11 22.79 -16.28
C THR A 398 -1.40 22.47 -14.97
N PHE A 399 -1.05 21.21 -14.74
CA PHE A 399 -0.37 20.84 -13.50
C PHE A 399 1.09 21.26 -13.51
N SER A 400 1.71 21.38 -14.69
CA SER A 400 3.09 21.83 -14.75
C SER A 400 3.25 23.26 -14.28
N GLN A 401 2.16 24.02 -14.15
CA GLN A 401 2.22 25.43 -13.77
C GLN A 401 1.76 25.68 -12.34
N LEU A 402 1.58 24.64 -11.54
CA LEU A 402 1.06 24.78 -10.19
C LEU A 402 2.11 24.48 -9.12
N HIS A 403 3.38 24.50 -9.49
CA HIS A 403 4.47 24.19 -8.56
C HIS A 403 5.09 25.44 -7.94
N THR A 404 4.60 26.63 -8.26
CA THR A 404 5.12 27.85 -7.70
C THR A 404 3.98 28.82 -7.43
N ASP A 405 4.15 29.64 -6.40
CA ASP A 405 3.19 30.71 -6.14
C ASP A 405 3.26 31.74 -7.26
N ARG A 406 2.11 32.19 -7.72
CA ARG A 406 2.05 33.15 -8.81
C ARG A 406 0.82 34.03 -8.65
N SER A 407 1.01 35.34 -8.79
CA SER A 407 -0.07 36.31 -8.70
C SER A 407 -0.51 36.82 -10.06
N ARG A 408 -0.02 36.22 -11.14
CA ARG A 408 -0.36 36.63 -12.50
C ARG A 408 -1.05 35.48 -13.23
N ILE A 409 -1.79 35.83 -14.27
CA ILE A 409 -2.60 34.85 -14.99
C ILE A 409 -1.70 34.05 -15.93
N THR A 410 -1.79 32.73 -15.83
CA THR A 410 -1.02 31.82 -16.65
C THR A 410 -1.95 31.12 -17.65
N ALA A 411 -1.45 30.93 -18.86
CA ALA A 411 -2.20 30.30 -19.94
C ALA A 411 -1.59 28.95 -20.27
N CYS A 412 -2.41 27.90 -20.26
CA CYS A 412 -1.97 26.53 -20.51
C CYS A 412 -2.83 25.96 -21.63
N PRO A 413 -2.40 26.08 -22.88
CA PRO A 413 -3.24 25.65 -24.00
C PRO A 413 -3.31 24.14 -24.13
N ILE A 414 -4.36 23.69 -24.81
CA ILE A 414 -4.59 22.28 -25.09
C ILE A 414 -4.42 22.10 -26.60
N ILE A 415 -3.24 21.68 -27.01
CA ILE A 415 -2.91 21.49 -28.42
C ILE A 415 -2.29 20.12 -28.60
N THR A 416 -2.79 19.36 -29.58
CA THR A 416 -2.25 18.06 -29.92
C THR A 416 -1.98 18.00 -31.41
N ARG A 417 -0.92 17.31 -31.81
CA ARG A 417 -0.48 17.31 -33.19
C ARG A 417 -0.81 15.97 -33.85
N ASP A 418 -1.46 16.05 -35.01
CA ASP A 418 -1.77 14.86 -35.79
C ASP A 418 -0.52 14.33 -36.47
N PRO A 419 -0.54 13.07 -36.94
CA PRO A 419 0.67 12.52 -37.57
C PRO A 419 1.16 13.31 -38.76
N SER A 420 0.30 14.12 -39.39
CA SER A 420 0.71 15.00 -40.48
C SER A 420 1.34 16.30 -39.97
N GLY A 421 1.37 16.51 -38.66
CA GLY A 421 1.96 17.70 -38.09
C GLY A 421 0.99 18.83 -37.83
N ASN A 422 -0.21 18.79 -38.41
CA ASN A 422 -1.18 19.84 -38.19
C ASN A 422 -1.53 19.93 -36.71
N CYS A 423 -1.53 21.15 -36.18
CA CYS A 423 -1.92 21.35 -34.80
C CYS A 423 -3.43 21.22 -34.65
N GLN A 424 -3.86 20.83 -33.46
CA GLN A 424 -5.27 20.65 -33.14
C GLN A 424 -5.51 21.34 -31.81
N PHE A 425 -6.27 22.43 -31.86
CA PHE A 425 -6.55 23.27 -30.70
C PHE A 425 -7.86 22.78 -30.08
N TRP A 426 -7.75 22.03 -28.99
CA TRP A 426 -8.93 21.62 -28.25
C TRP A 426 -9.48 22.76 -27.39
N GLY A 427 -8.62 23.65 -26.94
CA GLY A 427 -9.04 24.75 -26.09
C GLY A 427 -7.85 25.31 -25.34
N MET A 428 -8.15 25.96 -24.22
CA MET A 428 -7.13 26.58 -23.39
C MET A 428 -7.59 26.56 -21.93
N VAL A 429 -6.62 26.61 -21.03
CA VAL A 429 -6.87 26.67 -19.60
C VAL A 429 -6.07 27.84 -19.05
N LEU A 430 -6.77 28.82 -18.47
CA LEU A 430 -6.13 29.98 -17.86
C LEU A 430 -6.06 29.77 -16.37
N LEU A 431 -4.86 29.88 -15.81
CA LEU A 431 -4.62 29.67 -14.38
C LEU A 431 -4.63 31.02 -13.69
N GLY A 432 -5.65 31.27 -12.88
CA GLY A 432 -5.76 32.50 -12.13
C GLY A 432 -4.61 32.66 -11.15
N PRO A 433 -4.64 33.73 -10.38
CA PRO A 433 -3.58 33.93 -9.38
C PRO A 433 -3.68 32.92 -8.25
N HIS A 434 -2.72 31.98 -8.21
CA HIS A 434 -2.69 30.94 -7.21
C HIS A 434 -1.48 31.13 -6.31
N HIS A 435 -1.69 30.90 -5.01
CA HIS A 435 -0.64 31.01 -4.00
C HIS A 435 -0.63 29.76 -3.14
N VAL A 436 -0.60 28.61 -3.79
CA VAL A 436 -0.74 27.32 -3.12
C VAL A 436 0.26 27.21 -1.99
N LYS A 437 -0.24 27.07 -0.75
CA LYS A 437 0.59 26.75 0.39
C LYS A 437 0.43 25.30 0.83
N ARG A 438 -0.67 24.66 0.48
CA ARG A 438 -0.90 23.24 0.67
C ARG A 438 -1.02 22.58 -0.70
N ASP A 439 -1.27 21.28 -0.70
CA ASP A 439 -1.35 20.51 -1.94
C ASP A 439 -2.76 20.54 -2.54
N THR A 440 -3.74 20.09 -1.76
CA THR A 440 -5.10 19.90 -2.28
C THR A 440 -5.86 21.20 -2.48
N ASP A 441 -5.24 22.35 -2.26
CA ASP A 441 -5.95 23.62 -2.44
C ASP A 441 -6.44 23.73 -3.88
N ASN A 442 -7.68 24.20 -4.04
CA ASN A 442 -8.30 24.31 -5.35
C ASN A 442 -7.79 25.56 -6.04
N ALA A 443 -6.99 25.37 -7.08
CA ALA A 443 -6.57 26.49 -7.90
C ALA A 443 -7.73 26.94 -8.80
N PRO A 444 -7.83 28.24 -9.07
CA PRO A 444 -8.92 28.72 -9.95
C PRO A 444 -8.53 28.67 -11.42
N LEU A 445 -9.41 28.11 -12.24
CA LEU A 445 -9.16 27.95 -13.66
C LEU A 445 -10.31 28.57 -14.45
N LEU A 446 -9.96 29.12 -15.60
CA LEU A 446 -10.93 29.53 -16.62
C LEU A 446 -10.68 28.64 -17.83
N ILE A 447 -11.58 27.70 -18.07
CA ILE A 447 -11.38 26.67 -19.09
C ILE A 447 -12.25 27.00 -20.30
N ALA A 448 -11.60 27.22 -21.44
CA ALA A 448 -12.28 27.41 -22.71
C ALA A 448 -12.07 26.16 -23.55
N GLU A 449 -13.16 25.62 -24.09
CA GLU A 449 -13.09 24.37 -24.84
C GLU A 449 -13.91 24.48 -26.11
N ILE A 450 -13.37 23.94 -27.20
CA ILE A 450 -14.11 23.85 -28.45
C ILE A 450 -15.11 22.70 -28.33
N MET A 451 -16.39 23.01 -28.54
CA MET A 451 -17.47 22.07 -28.36
C MET A 451 -18.20 21.87 -29.68
N GLY A 452 -18.56 20.62 -29.96
CA GLY A 452 -19.27 20.29 -31.19
C GLY A 452 -20.74 20.66 -31.15
N GLU A 453 -21.38 20.45 -30.00
CA GLU A 453 -22.81 20.71 -29.86
C GLU A 453 -23.08 21.11 -28.41
N ASP A 454 -23.96 22.09 -28.24
CA ASP A 454 -24.25 22.67 -26.93
C ASP A 454 -25.67 22.36 -26.50
N THR A 455 -25.81 22.01 -25.22
CA THR A 455 -27.12 21.75 -24.61
C THR A 455 -27.17 22.50 -23.28
N GLU A 456 -28.15 23.39 -23.13
CA GLU A 456 -28.25 24.19 -21.92
C GLU A 456 -28.46 23.29 -20.70
N GLU A 457 -29.32 22.28 -20.84
CA GLU A 457 -29.60 21.38 -19.72
C GLU A 457 -28.34 20.60 -19.32
N LYS A 458 -27.41 20.41 -20.25
CA LYS A 458 -26.20 19.66 -19.98
C LYS A 458 -25.05 20.55 -19.50
N TYR A 459 -25.01 21.80 -19.92
CA TYR A 459 -23.95 22.74 -19.57
C TYR A 459 -24.55 24.03 -19.04
N PRO A 460 -25.29 23.97 -17.94
CA PRO A 460 -25.93 25.19 -17.42
C PRO A 460 -24.94 26.26 -17.02
N LYS A 461 -23.76 25.89 -16.53
CA LYS A 461 -22.78 26.83 -16.01
C LYS A 461 -21.74 27.25 -17.04
N HIS A 462 -21.83 26.75 -18.27
CA HIS A 462 -20.92 27.14 -19.33
C HIS A 462 -21.49 28.30 -20.13
N SER A 463 -20.61 29.17 -20.61
CA SER A 463 -20.99 30.25 -21.51
C SER A 463 -20.48 29.92 -22.91
N VAL A 464 -21.40 29.88 -23.87
CA VAL A 464 -21.09 29.42 -25.22
C VAL A 464 -20.97 30.63 -26.14
N PHE A 465 -19.83 30.75 -26.81
CA PHE A 465 -19.55 31.78 -27.79
C PHE A 465 -19.34 31.12 -29.15
N SER A 466 -19.37 31.94 -30.20
CA SER A 466 -19.17 31.47 -31.57
C SER A 466 -17.81 31.94 -32.06
N LEU A 467 -16.97 30.98 -32.44
CA LEU A 467 -15.67 31.23 -33.03
C LEU A 467 -15.75 31.02 -34.54
N LYS A 468 -14.97 31.81 -35.28
CA LYS A 468 -14.93 31.71 -36.73
C LYS A 468 -13.48 31.72 -37.18
N VAL A 469 -13.06 30.65 -37.86
CA VAL A 469 -11.70 30.53 -38.36
C VAL A 469 -11.77 30.07 -39.81
N GLU A 470 -11.21 30.86 -40.72
CA GLU A 470 -11.16 30.52 -42.14
C GLU A 470 -12.55 30.16 -42.66
N GLY A 471 -13.55 30.89 -42.21
CA GLY A 471 -14.93 30.65 -42.59
C GLY A 471 -15.64 29.62 -41.75
N LYS A 472 -14.92 28.58 -41.34
CA LYS A 472 -15.52 27.53 -40.51
C LYS A 472 -15.99 28.11 -39.18
N GLN A 473 -17.13 27.60 -38.71
CA GLN A 473 -17.72 28.04 -37.46
C GLN A 473 -17.50 26.97 -36.39
N PHE A 474 -17.37 27.43 -35.14
CA PHE A 474 -17.14 26.55 -34.00
C PHE A 474 -17.82 27.16 -32.79
N LEU A 475 -18.04 26.32 -31.78
CA LEU A 475 -18.58 26.77 -30.50
C LEU A 475 -17.48 26.68 -29.44
N LEU A 476 -17.43 27.68 -28.57
CA LEU A 476 -16.40 27.77 -27.53
C LEU A 476 -17.07 27.97 -26.19
N SER A 477 -16.94 27.00 -25.29
CA SER A 477 -17.54 27.06 -23.98
C SER A 477 -16.52 27.51 -22.95
N LEU A 478 -16.89 28.50 -22.14
CA LEU A 478 -16.06 29.00 -21.06
C LEU A 478 -16.70 28.58 -19.73
N LYS A 479 -15.86 28.05 -18.84
CA LYS A 479 -16.30 27.63 -17.51
C LYS A 479 -15.32 28.17 -16.47
N ILE A 480 -15.86 28.72 -15.39
CA ILE A 480 -15.06 29.17 -14.25
C ILE A 480 -15.06 28.05 -13.22
N THR A 481 -13.94 27.35 -13.10
CA THR A 481 -13.83 26.19 -12.23
C THR A 481 -12.80 26.45 -11.14
N SER A 482 -12.85 25.63 -10.10
CA SER A 482 -11.81 25.59 -9.07
C SER A 482 -11.46 24.13 -8.85
N PHE A 483 -10.27 23.73 -9.26
CA PHE A 483 -9.89 22.32 -9.30
C PHE A 483 -8.65 22.08 -8.44
N SER A 484 -8.64 20.92 -7.77
CA SER A 484 -7.54 20.58 -6.88
C SER A 484 -6.31 20.16 -7.68
N ARG A 485 -5.14 20.35 -7.07
CA ARG A 485 -3.90 19.93 -7.70
C ARG A 485 -3.84 18.41 -7.83
N ASN A 486 -4.30 17.69 -6.81
CA ASN A 486 -4.21 16.23 -6.84
C ASN A 486 -5.02 15.65 -8.00
N LYS A 487 -6.22 16.17 -8.23
CA LYS A 487 -7.03 15.68 -9.35
C LYS A 487 -6.34 15.97 -10.68
N LEU A 488 -5.74 17.15 -10.81
CA LEU A 488 -5.02 17.47 -12.04
C LEU A 488 -3.86 16.51 -12.26
N TYR A 489 -3.11 16.22 -11.21
CA TYR A 489 -2.00 15.27 -11.35
C TYR A 489 -2.52 13.88 -11.72
N THR A 490 -3.62 13.45 -11.10
CA THR A 490 -4.17 12.14 -11.42
C THR A 490 -4.60 12.07 -12.87
N PHE A 491 -5.24 13.12 -13.37
CA PHE A 491 -5.68 13.11 -14.77
C PHE A 491 -4.53 13.32 -15.73
N SER A 492 -3.39 13.82 -15.25
CA SER A 492 -2.22 13.95 -16.12
C SER A 492 -1.78 12.61 -16.68
N ASN A 493 -2.17 11.51 -16.05
CA ASN A 493 -1.89 10.16 -16.52
C ASN A 493 -3.19 9.38 -16.64
N ILE A 494 -4.19 9.97 -17.29
CA ILE A 494 -5.51 9.36 -17.45
C ILE A 494 -5.42 8.19 -18.42
N ARG A 495 -4.24 8.00 -19.04
CA ARG A 495 -4.07 6.90 -19.99
C ARG A 495 -4.24 5.54 -19.34
N ARG A 496 -4.20 5.46 -18.01
CA ARG A 496 -4.34 4.18 -17.32
C ARG A 496 -5.72 3.56 -17.51
N VAL A 497 -6.70 4.33 -18.00
CA VAL A 497 -8.03 3.77 -18.21
C VAL A 497 -8.01 2.66 -19.26
N LEU A 498 -6.94 2.57 -20.06
CA LEU A 498 -6.86 1.57 -21.11
C LEU A 498 -6.56 0.16 -20.58
N ILE A 499 -6.28 0.02 -19.30
CA ILE A 499 -5.81 -1.26 -18.78
C ILE A 499 -6.96 -2.23 -18.53
N GLN A 500 -8.04 -1.76 -17.91
CA GLN A 500 -9.14 -2.66 -17.57
C GLN A 500 -9.78 -3.30 -18.80
N PRO A 501 -10.23 -2.54 -19.80
CA PRO A 501 -10.74 -3.19 -21.01
C PRO A 501 -9.71 -4.07 -21.68
N ALA A 502 -8.43 -3.68 -21.64
CA ALA A 502 -7.38 -4.54 -22.15
C ALA A 502 -7.34 -5.85 -21.39
N SER A 503 -7.49 -5.80 -20.07
CA SER A 503 -7.50 -7.02 -19.27
C SER A 503 -8.65 -7.92 -19.67
N ILE A 504 -9.85 -7.35 -19.86
CA ILE A 504 -11.01 -8.17 -20.22
C ILE A 504 -10.80 -8.79 -21.60
N TYR A 505 -10.33 -8.00 -22.56
CA TYR A 505 -10.12 -8.51 -23.91
C TYR A 505 -9.08 -9.62 -23.91
N SER A 506 -7.97 -9.41 -23.21
CA SER A 506 -6.94 -10.43 -23.14
C SER A 506 -7.45 -11.69 -22.46
N GLN A 507 -8.23 -11.55 -21.40
CA GLN A 507 -8.77 -12.71 -20.73
C GLN A 507 -9.67 -13.51 -21.67
N VAL A 508 -10.53 -12.83 -22.43
CA VAL A 508 -11.40 -13.53 -23.36
C VAL A 508 -10.58 -14.26 -24.42
N VAL A 509 -9.61 -13.56 -25.00
CA VAL A 509 -8.80 -14.15 -26.07
C VAL A 509 -8.03 -15.36 -25.56
N LEU A 510 -7.42 -15.23 -24.37
CA LEU A 510 -6.65 -16.33 -23.81
C LEU A 510 -7.55 -17.50 -23.40
N SER A 511 -8.76 -17.23 -22.91
CA SER A 511 -9.69 -18.32 -22.63
C SER A 511 -10.03 -19.08 -23.90
N ARG A 512 -10.29 -18.36 -24.99
CA ARG A 512 -10.54 -19.03 -26.26
C ARG A 512 -9.34 -19.85 -26.69
N ALA A 513 -8.14 -19.28 -26.58
CA ALA A 513 -6.93 -19.98 -26.99
C ALA A 513 -6.74 -21.27 -26.18
N ALA A 514 -6.92 -21.17 -24.86
CA ALA A 514 -6.78 -22.35 -24.02
C ALA A 514 -7.83 -23.40 -24.36
N GLU A 515 -9.06 -22.97 -24.65
CA GLU A 515 -10.08 -23.93 -25.06
C GLU A 515 -9.72 -24.61 -26.37
N ASN A 516 -9.04 -23.89 -27.26
CA ASN A 516 -8.59 -24.45 -28.53
C ASN A 516 -7.11 -24.82 -28.54
N ASN A 517 -6.38 -24.53 -27.46
CA ASN A 517 -4.95 -24.83 -27.37
C ASN A 517 -4.12 -24.10 -28.41
N SER A 518 -4.70 -23.09 -29.06
CA SER A 518 -3.99 -22.33 -30.09
C SER A 518 -4.40 -20.87 -29.97
N LEU A 519 -3.43 -19.98 -29.94
CA LEU A 519 -3.69 -18.55 -29.79
C LEU A 519 -4.04 -17.96 -31.14
N ASN A 520 -5.32 -17.69 -31.36
CA ASN A 520 -5.81 -17.04 -32.58
C ASN A 520 -6.15 -15.59 -32.19
N LEU A 521 -5.19 -14.69 -32.42
CA LEU A 521 -5.40 -13.30 -32.02
C LEU A 521 -6.55 -12.67 -32.77
N GLU A 522 -6.67 -12.96 -34.07
CA GLU A 522 -7.72 -12.37 -34.91
C GLU A 522 -9.02 -13.12 -34.66
N VAL A 523 -9.54 -12.98 -33.44
CA VAL A 523 -10.78 -13.62 -33.03
C VAL A 523 -11.62 -12.61 -32.27
N ASN A 524 -12.92 -12.57 -32.57
CA ASN A 524 -13.87 -11.79 -31.78
C ASN A 524 -15.17 -12.58 -31.65
N PRO A 525 -15.35 -13.28 -30.54
CA PRO A 525 -16.60 -14.02 -30.32
C PRO A 525 -17.75 -13.09 -29.97
N GLU A 526 -18.94 -13.64 -29.80
CA GLU A 526 -20.12 -12.87 -29.45
C GLU A 526 -20.32 -12.95 -27.94
N ILE A 527 -20.35 -11.80 -27.29
CA ILE A 527 -20.52 -11.70 -25.84
C ILE A 527 -22.01 -11.46 -25.59
N GLN A 528 -22.72 -12.52 -25.24
CA GLN A 528 -24.13 -12.39 -24.91
C GLN A 528 -24.29 -11.58 -23.63
N LEU A 529 -25.21 -10.61 -23.65
CA LEU A 529 -25.42 -9.70 -22.54
C LEU A 529 -26.91 -9.46 -22.36
N TYR A 530 -27.26 -8.72 -21.32
CA TYR A 530 -28.63 -8.29 -21.07
C TYR A 530 -28.77 -6.89 -21.68
N LEU A 531 -29.28 -6.84 -22.91
CA LEU A 531 -29.40 -5.60 -23.66
C LEU A 531 -30.87 -5.21 -23.77
N GLU A 532 -31.14 -4.16 -24.54
CA GLU A 532 -32.49 -3.59 -24.58
C GLU A 532 -33.54 -4.63 -24.95
N GLY A 533 -33.17 -5.64 -25.74
CA GLY A 533 -34.08 -6.71 -26.06
C GLY A 533 -34.03 -7.13 -27.51
N ALA A 534 -33.80 -6.18 -28.41
CA ALA A 534 -33.70 -6.52 -29.83
C ALA A 534 -32.49 -7.40 -30.08
N GLN A 535 -31.37 -7.10 -29.43
CA GLN A 535 -30.12 -7.83 -29.60
C GLN A 535 -29.79 -8.59 -28.33
N ARG A 536 -29.20 -9.77 -28.49
CA ARG A 536 -28.86 -10.64 -27.37
C ARG A 536 -27.35 -10.75 -27.16
N GLY A 537 -26.59 -9.80 -27.68
CA GLY A 537 -25.15 -9.81 -27.51
C GLY A 537 -24.47 -8.94 -28.53
N MET A 538 -23.14 -8.97 -28.48
CA MET A 538 -22.33 -8.19 -29.41
C MET A 538 -20.96 -8.84 -29.51
N THR A 539 -20.22 -8.47 -30.55
CA THR A 539 -18.88 -9.00 -30.75
C THR A 539 -17.94 -8.45 -29.69
N LEU A 540 -16.79 -9.11 -29.55
CA LEU A 540 -15.85 -8.75 -28.49
C LEU A 540 -15.34 -7.33 -28.67
N TYR A 541 -15.11 -6.91 -29.91
CA TYR A 541 -14.51 -5.59 -30.14
C TYR A 541 -15.45 -4.47 -29.71
N GLN A 542 -16.73 -4.56 -30.09
CA GLN A 542 -17.69 -3.55 -29.67
C GLN A 542 -17.86 -3.53 -28.16
N TRP A 543 -17.90 -4.72 -27.55
CA TRP A 543 -18.01 -4.79 -26.09
C TRP A 543 -16.82 -4.12 -25.42
N VAL A 544 -15.61 -4.37 -25.94
CA VAL A 544 -14.41 -3.75 -25.37
C VAL A 544 -14.48 -2.24 -25.53
N ARG A 545 -14.94 -1.76 -26.69
CA ARG A 545 -15.05 -0.32 -26.89
C ARG A 545 -16.03 0.31 -25.91
N MET A 546 -17.19 -0.34 -25.70
CA MET A 546 -18.15 0.21 -24.74
C MET A 546 -17.61 0.16 -23.33
N ILE A 547 -16.87 -0.90 -22.99
CA ILE A 547 -16.26 -0.97 -21.67
C ILE A 547 -15.28 0.18 -21.49
N LEU A 548 -14.49 0.47 -22.52
CA LEU A 548 -13.55 1.58 -22.42
C LEU A 548 -14.28 2.90 -22.23
N CYS A 549 -15.36 3.11 -22.98
CA CYS A 549 -16.12 4.35 -22.84
C CYS A 549 -16.68 4.49 -21.43
N LEU A 550 -17.29 3.42 -20.91
CA LEU A 550 -17.88 3.48 -19.58
C LEU A 550 -16.82 3.67 -18.51
N GLU A 551 -15.67 3.00 -18.66
CA GLU A 551 -14.58 3.17 -17.70
C GLU A 551 -14.05 4.59 -17.72
N PHE A 552 -13.92 5.19 -18.90
CA PHE A 552 -13.51 6.58 -18.98
C PHE A 552 -14.50 7.49 -18.28
N LEU A 553 -15.80 7.26 -18.50
CA LEU A 553 -16.81 8.08 -17.82
C LEU A 553 -16.72 7.92 -16.31
N MET A 554 -16.55 6.68 -15.83
CA MET A 554 -16.43 6.45 -14.41
C MET A 554 -15.21 7.14 -13.82
N ALA A 555 -14.07 7.05 -14.51
CA ALA A 555 -12.86 7.72 -14.03
C ALA A 555 -13.05 9.22 -13.99
N ILE A 556 -13.68 9.79 -15.02
CA ILE A 556 -13.90 11.23 -15.05
C ILE A 556 -14.87 11.66 -13.95
N TYR A 557 -15.79 10.77 -13.57
CA TYR A 557 -16.79 11.09 -12.55
C TYR A 557 -16.53 10.33 -11.25
N ASN A 558 -15.27 9.96 -11.00
CA ASN A 558 -14.93 9.27 -9.76
C ASN A 558 -15.03 10.24 -8.59
N ASN A 559 -15.70 9.81 -7.53
CA ASN A 559 -15.88 10.62 -6.34
C ASN A 559 -16.44 9.71 -5.25
N PRO A 560 -16.63 10.19 -4.02
CA PRO A 560 -17.04 9.29 -2.93
C PRO A 560 -18.27 8.46 -3.28
N GLN A 561 -19.25 9.05 -3.97
CA GLN A 561 -20.44 8.30 -4.34
C GLN A 561 -20.08 7.12 -5.24
N MET A 562 -19.26 7.35 -6.26
CA MET A 562 -18.85 6.25 -7.13
C MET A 562 -18.07 5.21 -6.36
N GLU A 563 -17.14 5.65 -5.50
CA GLU A 563 -16.33 4.71 -4.73
C GLU A 563 -17.22 3.79 -3.92
N GLY A 564 -18.12 4.37 -3.13
CA GLY A 564 -19.01 3.56 -2.32
C GLY A 564 -19.91 2.67 -3.16
N PHE A 565 -20.46 3.22 -4.26
CA PHE A 565 -21.36 2.45 -5.09
C PHE A 565 -20.68 1.20 -5.64
N LEU A 566 -19.47 1.36 -6.17
CA LEU A 566 -18.77 0.20 -6.73
C LEU A 566 -18.35 -0.77 -5.62
N ALA A 567 -17.85 -0.25 -4.50
CA ALA A 567 -17.40 -1.11 -3.43
C ALA A 567 -18.54 -1.97 -2.90
N ASN A 568 -19.74 -1.40 -2.81
CA ASN A 568 -20.89 -2.14 -2.32
C ASN A 568 -21.66 -2.86 -3.42
N MET A 569 -21.34 -2.61 -4.69
CA MET A 569 -21.94 -3.32 -5.80
C MET A 569 -21.18 -4.57 -6.18
N ARG A 570 -19.90 -4.66 -5.81
CA ARG A 570 -19.17 -5.91 -6.05
C ARG A 570 -19.88 -7.08 -5.38
N ARG A 571 -20.44 -6.87 -4.20
CA ARG A 571 -21.15 -7.94 -3.50
C ARG A 571 -22.35 -8.41 -4.31
N LEU A 572 -23.15 -7.49 -4.82
CA LEU A 572 -24.32 -7.87 -5.59
C LEU A 572 -23.92 -8.50 -6.93
N HIS A 573 -22.82 -8.05 -7.51
CA HIS A 573 -22.31 -8.71 -8.72
C HIS A 573 -21.97 -10.17 -8.43
N MET A 574 -21.29 -10.41 -7.31
CA MET A 574 -20.97 -11.79 -6.93
C MET A 574 -22.23 -12.60 -6.68
N SER A 575 -23.23 -11.99 -6.02
CA SER A 575 -24.49 -12.70 -5.76
C SER A 575 -25.19 -13.07 -7.05
N ARG A 576 -25.22 -12.15 -8.02
CA ARG A 576 -25.81 -12.46 -9.32
C ARG A 576 -25.07 -13.58 -9.99
N HIS A 577 -23.73 -13.56 -9.94
CA HIS A 577 -22.97 -14.64 -10.56
C HIS A 577 -23.29 -15.97 -9.90
N ALA A 578 -23.40 -15.99 -8.58
CA ALA A 578 -23.74 -17.23 -7.88
C ALA A 578 -25.12 -17.72 -8.30
N MET A 579 -26.09 -16.81 -8.39
CA MET A 579 -27.41 -17.21 -8.83
C MET A 579 -27.40 -17.75 -10.25
N MET A 580 -26.55 -17.21 -11.11
CA MET A 580 -26.47 -17.71 -12.48
C MET A 580 -26.07 -19.18 -12.51
N GLU A 581 -25.14 -19.57 -11.64
CA GLU A 581 -24.64 -20.94 -11.58
C GLU A 581 -25.54 -21.87 -10.75
N ARG A 582 -26.79 -21.49 -10.52
CA ARG A 582 -27.73 -22.30 -9.76
C ARG A 582 -27.23 -22.55 -8.33
N ARG A 583 -26.52 -21.58 -7.76
CA ARG A 583 -26.16 -21.63 -6.35
C ARG A 583 -27.20 -20.90 -5.53
N GLN A 584 -27.13 -21.08 -4.21
CA GLN A 584 -28.05 -20.44 -3.28
C GLN A 584 -27.29 -19.40 -2.48
N VAL A 585 -27.88 -18.21 -2.35
CA VAL A 585 -27.29 -17.10 -1.61
C VAL A 585 -28.09 -16.93 -0.33
N PHE A 586 -27.40 -16.98 0.80
CA PHE A 586 -28.02 -16.87 2.11
C PHE A 586 -27.46 -15.66 2.83
N LEU A 587 -28.32 -15.01 3.62
CA LEU A 587 -27.97 -13.75 4.26
C LEU A 587 -28.24 -13.83 5.75
N PRO A 588 -27.49 -13.08 6.57
CA PRO A 588 -27.78 -13.06 8.02
C PRO A 588 -29.08 -12.34 8.33
N PHE A 589 -29.40 -12.24 9.62
CA PHE A 589 -30.60 -11.52 10.03
C PHE A 589 -30.43 -10.03 9.80
N GLY A 590 -31.48 -9.39 9.29
CA GLY A 590 -31.46 -7.94 9.10
C GLY A 590 -30.41 -7.47 8.12
N SER A 591 -30.27 -8.16 7.00
CA SER A 591 -29.28 -7.82 5.98
C SER A 591 -29.97 -7.22 4.77
N ARG A 592 -29.42 -6.12 4.27
CA ARG A 592 -29.93 -5.47 3.06
C ARG A 592 -28.77 -4.80 2.35
N PRO A 593 -28.02 -5.55 1.54
CA PRO A 593 -26.92 -4.93 0.79
C PRO A 593 -27.40 -3.80 -0.12
N GLU A 594 -28.62 -3.91 -0.64
CA GLU A 594 -29.16 -2.85 -1.46
C GLU A 594 -29.21 -1.53 -0.70
N ASP A 595 -29.30 -1.57 0.62
CA ASP A 595 -29.24 -0.33 1.39
C ASP A 595 -27.84 0.29 1.33
N LYS A 596 -26.81 -0.54 1.48
CA LYS A 596 -25.44 -0.04 1.37
C LYS A 596 -25.18 0.52 -0.02
N VAL A 597 -25.80 -0.06 -1.05
CA VAL A 597 -25.63 0.48 -2.40
C VAL A 597 -26.42 1.78 -2.56
N ASN A 598 -27.68 1.79 -2.12
CA ASN A 598 -28.54 2.96 -2.29
C ASN A 598 -28.04 4.16 -1.52
N GLU A 599 -27.24 3.94 -0.46
CA GLU A 599 -26.65 5.06 0.25
C GLU A 599 -25.81 5.94 -0.68
N CYS A 600 -25.30 5.38 -1.77
CA CYS A 600 -24.34 6.06 -2.65
C CYS A 600 -24.93 6.39 -4.01
N ILE A 601 -26.24 6.64 -4.08
CA ILE A 601 -26.90 7.08 -5.30
C ILE A 601 -27.58 8.41 -4.98
N ILE A 602 -26.87 9.51 -5.23
CA ILE A 602 -27.38 10.84 -4.91
C ILE A 602 -27.33 11.74 -6.13
N ASN A 603 -26.13 12.03 -6.63
CA ASN A 603 -25.91 13.01 -7.68
C ASN A 603 -25.24 12.44 -8.92
N ASN A 604 -24.33 11.50 -8.75
CA ASN A 604 -23.48 11.07 -9.85
C ASN A 604 -24.33 10.57 -11.01
N PRO A 605 -24.16 11.12 -12.23
CA PRO A 605 -24.93 10.58 -13.36
C PRO A 605 -24.45 9.22 -13.80
N ILE A 606 -23.16 8.93 -13.68
CA ILE A 606 -22.64 7.62 -14.07
C ILE A 606 -23.12 6.56 -13.09
N VAL A 607 -23.20 6.89 -11.80
CA VAL A 607 -23.74 5.94 -10.83
C VAL A 607 -25.20 5.65 -11.15
N ALA A 608 -25.96 6.69 -11.52
CA ALA A 608 -27.35 6.47 -11.90
C ALA A 608 -27.46 5.60 -13.15
N TYR A 609 -26.55 5.80 -14.10
CA TYR A 609 -26.52 4.97 -15.30
C TYR A 609 -26.28 3.51 -14.94
N LEU A 610 -25.30 3.27 -14.07
CA LEU A 610 -25.00 1.90 -13.64
C LEU A 610 -26.18 1.29 -12.90
N ALA A 611 -26.83 2.08 -12.03
CA ALA A 611 -27.98 1.57 -11.29
C ALA A 611 -29.13 1.21 -12.22
N LYS A 612 -29.39 2.05 -13.22
CA LYS A 612 -30.44 1.73 -14.19
C LYS A 612 -30.08 0.48 -14.98
N GLY A 613 -28.82 0.34 -15.37
CA GLY A 613 -28.40 -0.87 -16.04
C GLY A 613 -28.61 -2.11 -15.19
N TRP A 614 -28.29 -2.01 -13.89
CA TRP A 614 -28.53 -3.13 -12.99
C TRP A 614 -30.02 -3.45 -12.92
N ASN A 615 -30.86 -2.42 -12.77
CA ASN A 615 -32.30 -2.65 -12.68
C ASN A 615 -32.84 -3.30 -13.94
N SER A 616 -32.25 -2.99 -15.10
CA SER A 616 -32.74 -3.56 -16.35
C SER A 616 -32.56 -5.07 -16.40
N MET A 617 -31.58 -5.60 -15.67
CA MET A 617 -31.28 -7.03 -15.72
C MET A 617 -32.30 -7.82 -14.92
N PRO A 618 -32.47 -9.10 -15.23
CA PRO A 618 -33.38 -9.94 -14.44
C PRO A 618 -32.86 -10.14 -13.02
N ASN A 619 -33.80 -10.33 -12.10
CA ASN A 619 -33.47 -10.51 -10.69
C ASN A 619 -33.82 -11.89 -10.16
N VAL A 620 -34.35 -12.78 -10.99
CA VAL A 620 -34.72 -14.13 -10.57
C VAL A 620 -34.15 -15.12 -11.57
N TYR A 621 -33.60 -16.21 -11.07
CA TYR A 621 -33.02 -17.26 -11.90
C TYR A 621 -33.63 -18.60 -11.52
N TYR A 622 -33.94 -19.41 -12.52
CA TYR A 622 -34.50 -20.74 -12.31
C TYR A 622 -33.56 -21.81 -12.84
N MET B 1 -24.51 -1.07 -16.27
CA MET B 1 -24.02 -2.16 -15.37
C MET B 1 -24.18 -3.52 -16.05
N ASN B 2 -25.20 -3.63 -16.91
CA ASN B 2 -25.37 -4.86 -17.67
C ASN B 2 -24.21 -5.10 -18.63
N LEU B 3 -23.47 -4.05 -18.99
CA LEU B 3 -22.27 -4.23 -19.81
C LEU B 3 -21.18 -4.97 -19.06
N PHE B 4 -21.17 -4.91 -17.74
CA PHE B 4 -20.20 -5.62 -16.91
C PHE B 4 -20.70 -6.99 -16.48
N THR B 5 -21.69 -7.55 -17.18
CA THR B 5 -22.28 -8.83 -16.82
C THR B 5 -22.29 -9.74 -18.06
N PRO B 6 -21.11 -10.24 -18.45
CA PRO B 6 -21.06 -11.18 -19.57
C PRO B 6 -21.52 -12.56 -19.14
N ARG B 7 -22.35 -13.20 -19.97
CA ARG B 7 -22.89 -14.51 -19.67
C ARG B 7 -22.62 -15.52 -20.80
N SER B 8 -21.65 -15.24 -21.66
CA SER B 8 -21.31 -16.13 -22.77
C SER B 8 -19.88 -16.63 -22.70
N GLU B 9 -18.90 -15.74 -22.63
CA GLU B 9 -17.49 -16.11 -22.72
C GLU B 9 -16.83 -16.16 -21.35
N ILE B 10 -16.93 -15.08 -20.58
CA ILE B 10 -16.38 -15.03 -19.23
C ILE B 10 -17.55 -14.86 -18.26
N ASN B 11 -17.26 -14.87 -16.97
CA ASN B 11 -18.29 -14.76 -15.95
C ASN B 11 -18.29 -13.37 -15.34
N PRO B 12 -19.36 -13.01 -14.62
CA PRO B 12 -19.34 -11.73 -13.90
C PRO B 12 -18.21 -11.64 -12.90
N THR B 13 -17.74 -12.77 -12.37
CA THR B 13 -16.58 -12.75 -11.48
C THR B 13 -15.35 -12.25 -12.22
N THR B 14 -15.16 -12.67 -13.47
CA THR B 14 -14.02 -12.19 -14.25
C THR B 14 -14.08 -10.68 -14.46
N THR B 15 -15.28 -10.13 -14.57
CA THR B 15 -15.45 -8.69 -14.79
C THR B 15 -15.49 -7.91 -13.48
N GLN B 16 -15.18 -8.55 -12.35
CA GLN B 16 -15.07 -7.81 -11.10
C GLN B 16 -14.00 -6.73 -11.19
N GLU B 17 -13.01 -6.92 -12.06
CA GLU B 17 -11.99 -5.90 -12.27
C GLU B 17 -12.56 -4.63 -12.89
N LEU B 18 -13.70 -4.72 -13.57
CA LEU B 18 -14.32 -3.56 -14.19
C LEU B 18 -15.08 -2.70 -13.19
N LEU B 19 -15.28 -3.18 -11.96
CA LEU B 19 -15.99 -2.43 -10.93
C LEU B 19 -15.05 -1.60 -10.07
N TYR B 20 -13.91 -1.18 -10.63
CA TYR B 20 -12.97 -0.31 -9.95
C TYR B 20 -12.76 0.94 -10.81
N ALA B 21 -12.93 2.10 -10.21
CA ALA B 21 -12.66 3.37 -10.86
C ALA B 21 -11.42 4.04 -10.28
N TYR B 22 -10.45 3.24 -9.84
CA TYR B 22 -9.25 3.79 -9.21
C TYR B 22 -8.38 4.56 -10.18
N THR B 23 -8.65 4.48 -11.49
CA THR B 23 -7.93 5.31 -12.45
C THR B 23 -8.28 6.79 -12.32
N GLY B 24 -9.33 7.12 -11.57
CA GLY B 24 -9.67 8.50 -11.31
C GLY B 24 -9.11 8.96 -9.98
N PRO B 25 -9.26 10.25 -9.68
CA PRO B 25 -8.70 10.78 -8.42
C PRO B 25 -9.39 10.16 -7.22
N ALA B 26 -8.61 9.95 -6.15
CA ALA B 26 -9.16 9.45 -4.91
C ALA B 26 -9.78 10.59 -4.11
N PRO B 27 -10.92 10.36 -3.45
CA PRO B 27 -11.54 11.44 -2.68
C PRO B 27 -10.64 11.93 -1.56
N VAL B 28 -10.69 13.23 -1.31
CA VAL B 28 -9.88 13.87 -0.27
C VAL B 28 -10.84 14.52 0.73
N ALA B 29 -10.59 14.28 2.02
CA ALA B 29 -11.41 14.87 3.05
C ALA B 29 -11.21 16.39 3.11
N TYR B 30 -12.26 17.09 3.49
CA TYR B 30 -12.27 18.55 3.50
C TYR B 30 -12.70 19.06 4.86
N GLY B 31 -11.97 20.03 5.39
CA GLY B 31 -12.38 20.74 6.58
C GLY B 31 -12.23 19.93 7.86
N THR B 32 -12.91 20.42 8.89
CA THR B 32 -12.75 19.88 10.24
C THR B 32 -13.15 18.41 10.28
N ARG B 33 -12.37 17.62 11.03
CA ARG B 33 -12.65 16.22 11.25
C ARG B 33 -13.39 15.97 12.57
N THR B 34 -13.78 17.03 13.27
CA THR B 34 -14.34 16.85 14.62
C THR B 34 -15.61 16.01 14.58
N ARG B 35 -16.45 16.21 13.57
CA ARG B 35 -17.69 15.43 13.49
C ARG B 35 -17.39 13.95 13.39
N ALA B 36 -16.49 13.56 12.48
CA ALA B 36 -16.17 12.15 12.32
C ALA B 36 -15.52 11.58 13.56
N VAL B 37 -14.60 12.33 14.16
CA VAL B 37 -13.91 11.84 15.36
C VAL B 37 -14.91 11.62 16.49
N LEU B 38 -15.81 12.58 16.70
CA LEU B 38 -16.80 12.45 17.75
C LEU B 38 -17.76 11.30 17.46
N GLU B 39 -18.14 11.11 16.20
CA GLU B 39 -19.01 9.99 15.86
C GLU B 39 -18.32 8.67 16.17
N ASN B 40 -17.04 8.55 15.81
CA ASN B 40 -16.28 7.35 16.09
C ASN B 40 -16.17 7.11 17.60
N ILE B 41 -15.95 8.17 18.36
CA ILE B 41 -15.80 8.03 19.81
C ILE B 41 -17.12 7.68 20.47
N ILE B 42 -18.24 8.14 19.92
CA ILE B 42 -19.54 7.92 20.56
C ILE B 42 -20.16 6.58 20.15
N ARG B 43 -19.81 6.05 18.99
CA ARG B 43 -20.41 4.79 18.55
C ARG B 43 -20.27 3.67 19.58
N PRO B 44 -19.09 3.45 20.20
CA PRO B 44 -18.99 2.35 21.17
C PRO B 44 -19.99 2.45 22.32
N TYR B 45 -20.24 3.67 22.82
CA TYR B 45 -21.09 3.82 23.99
C TYR B 45 -22.55 3.54 23.68
N GLN B 46 -23.01 3.87 22.48
CA GLN B 46 -24.39 3.58 22.11
C GLN B 46 -24.63 2.08 22.00
N TYR B 47 -23.64 1.32 21.53
CA TYR B 47 -23.80 -0.10 21.28
C TYR B 47 -23.52 -0.97 22.50
N PHE B 48 -23.06 -0.38 23.61
CA PHE B 48 -22.70 -1.20 24.77
C PHE B 48 -23.93 -1.91 25.32
N TYR B 49 -25.04 -1.20 25.45
CA TYR B 49 -26.29 -1.78 25.90
C TYR B 49 -27.25 -1.93 24.73
N LYS B 50 -28.18 -2.88 24.86
CA LYS B 50 -29.12 -3.13 23.78
C LYS B 50 -29.90 -1.86 23.44
N GLU B 51 -30.41 -1.17 24.45
CA GLU B 51 -31.03 0.13 24.27
C GLU B 51 -29.99 1.21 24.53
N PRO B 52 -29.73 2.14 23.60
CA PRO B 52 -28.64 3.10 23.82
C PRO B 52 -28.78 3.88 25.13
N ASN B 53 -27.83 3.68 26.03
CA ASN B 53 -27.72 4.46 27.28
C ASN B 53 -26.28 4.94 27.37
N VAL B 54 -26.00 6.08 26.73
CA VAL B 54 -24.63 6.57 26.66
C VAL B 54 -24.16 7.04 28.04
N GLN B 55 -25.04 7.71 28.78
CA GLN B 55 -24.64 8.24 30.09
C GLN B 55 -24.22 7.11 31.03
N ARG B 56 -24.98 6.02 31.05
CA ARG B 56 -24.63 4.91 31.92
C ARG B 56 -23.34 4.23 31.48
N ALA B 57 -23.13 4.13 30.17
CA ALA B 57 -21.94 3.43 29.66
C ALA B 57 -20.69 4.26 29.85
N LEU B 58 -20.80 5.59 29.88
CA LEU B 58 -19.62 6.43 30.00
C LEU B 58 -18.90 6.23 31.33
N ASP B 59 -19.56 5.61 32.31
CA ASP B 59 -18.95 5.33 33.61
C ASP B 59 -18.30 3.95 33.66
N ILE B 60 -18.36 3.17 32.59
CA ILE B 60 -17.81 1.82 32.57
C ILE B 60 -16.34 1.90 32.19
N LYS B 61 -15.47 1.36 33.05
CA LYS B 61 -14.04 1.39 32.80
C LYS B 61 -13.62 0.27 31.86
N THR B 62 -13.86 -0.98 32.25
CA THR B 62 -13.57 -2.14 31.42
C THR B 62 -14.85 -2.53 30.68
N GLY B 63 -14.75 -2.68 29.36
CA GLY B 63 -15.92 -2.97 28.55
C GLY B 63 -16.32 -4.42 28.55
N CYS B 64 -16.39 -5.03 29.73
CA CYS B 64 -16.80 -6.42 29.87
C CYS B 64 -18.26 -6.48 30.29
N LYS B 65 -18.99 -7.44 29.72
CA LYS B 65 -20.41 -7.57 30.01
C LYS B 65 -20.81 -9.03 29.91
N GLU B 66 -21.99 -9.34 30.42
CA GLU B 66 -22.54 -10.68 30.41
C GLU B 66 -23.18 -10.99 29.06
N PRO B 67 -23.37 -12.27 28.75
CA PRO B 67 -23.94 -12.63 27.43
C PRO B 67 -25.33 -12.08 27.21
N GLU B 68 -26.07 -11.74 28.28
CA GLU B 68 -27.40 -11.17 28.10
C GLU B 68 -27.33 -9.82 27.41
N ASP B 69 -26.33 -9.01 27.76
CA ASP B 69 -26.21 -7.66 27.21
C ASP B 69 -25.65 -7.65 25.80
N ILE B 70 -25.20 -8.79 25.28
CA ILE B 70 -24.66 -8.86 23.93
C ILE B 70 -25.81 -8.79 22.94
N ASN B 71 -25.74 -7.84 22.01
CA ASN B 71 -26.80 -7.64 21.03
C ASN B 71 -26.59 -8.57 19.85
N VAL B 72 -27.52 -9.52 19.67
CA VAL B 72 -27.48 -10.41 18.52
C VAL B 72 -28.26 -9.86 17.34
N GLU B 73 -28.73 -8.62 17.43
CA GLU B 73 -29.48 -7.97 16.37
C GLU B 73 -28.78 -6.75 15.80
N GLY B 74 -28.01 -6.03 16.61
CA GLY B 74 -27.25 -4.90 16.15
C GLY B 74 -25.83 -4.95 16.69
N PRO B 75 -25.03 -3.93 16.38
CA PRO B 75 -23.64 -3.93 16.86
C PRO B 75 -23.56 -3.98 18.37
N SER B 76 -22.59 -4.74 18.87
CA SER B 76 -22.26 -4.81 20.28
C SER B 76 -20.87 -4.24 20.50
N SER B 77 -20.67 -3.58 21.65
CA SER B 77 -19.44 -2.85 21.91
C SER B 77 -18.55 -3.48 22.95
N GLY B 78 -19.05 -4.41 23.75
CA GLY B 78 -18.28 -5.03 24.82
C GLY B 78 -17.74 -6.39 24.45
N PHE B 79 -17.18 -7.06 25.45
CA PHE B 79 -16.65 -8.41 25.29
C PHE B 79 -16.98 -9.23 26.52
N HIS B 80 -16.94 -10.55 26.37
CA HIS B 80 -17.17 -11.47 27.48
C HIS B 80 -15.82 -11.96 27.99
N THR B 81 -15.55 -11.72 29.27
CA THR B 81 -14.25 -12.04 29.84
C THR B 81 -13.97 -13.54 29.80
N ALA B 82 -14.91 -14.34 30.29
CA ALA B 82 -14.71 -15.78 30.32
C ALA B 82 -14.57 -16.34 28.90
N SER B 83 -15.39 -15.85 27.98
CA SER B 83 -15.28 -16.30 26.59
C SER B 83 -13.93 -15.95 26.01
N VAL B 84 -13.43 -14.74 26.29
CA VAL B 84 -12.12 -14.35 25.78
C VAL B 84 -11.05 -15.27 26.35
N LEU B 85 -11.11 -15.55 27.65
CA LEU B 85 -10.12 -16.43 28.27
C LEU B 85 -10.13 -17.81 27.61
N LYS B 86 -11.31 -18.40 27.47
CA LYS B 86 -11.39 -19.75 26.91
C LYS B 86 -10.96 -19.77 25.45
N LEU B 87 -11.35 -18.76 24.68
CA LEU B 87 -10.98 -18.71 23.27
C LEU B 87 -9.48 -18.52 23.10
N ALA B 88 -8.86 -17.68 23.94
CA ALA B 88 -7.42 -17.52 23.90
C ALA B 88 -6.72 -18.82 24.27
N ASP B 89 -7.22 -19.53 25.27
CA ASP B 89 -6.65 -20.83 25.63
C ASP B 89 -6.75 -21.81 24.46
N ASN B 90 -7.92 -21.86 23.81
CA ASN B 90 -8.09 -22.77 22.68
C ASN B 90 -7.16 -22.41 21.54
N PHE B 91 -7.01 -21.12 21.25
CA PHE B 91 -6.11 -20.69 20.19
C PHE B 91 -4.67 -21.07 20.52
N PHE B 92 -4.26 -20.86 21.77
CA PHE B 92 -2.92 -21.25 22.18
C PHE B 92 -2.69 -22.74 22.00
N ARG B 93 -3.67 -23.55 22.41
CA ARG B 93 -3.52 -25.00 22.30
C ARG B 93 -3.45 -25.44 20.84
N LYS B 94 -4.31 -24.87 19.99
CA LYS B 94 -4.42 -25.37 18.61
C LYS B 94 -3.19 -25.00 17.78
N TYR B 95 -2.56 -23.87 18.07
CA TYR B 95 -1.42 -23.42 17.27
C TYR B 95 -0.17 -23.32 18.13
N ARG B 96 0.09 -24.37 18.92
CA ARG B 96 1.24 -24.36 19.82
C ARG B 96 2.56 -24.05 19.12
N PRO B 97 2.89 -24.61 17.96
CA PRO B 97 4.16 -24.23 17.32
C PRO B 97 4.28 -22.74 17.03
N ALA B 98 3.19 -22.09 16.67
CA ALA B 98 3.22 -20.64 16.49
C ALA B 98 3.58 -19.94 17.79
N MET B 99 3.02 -20.41 18.91
CA MET B 99 3.36 -19.83 20.20
C MET B 99 4.80 -20.10 20.57
N GLU B 100 5.34 -21.25 20.19
CA GLU B 100 6.75 -21.53 20.45
C GLU B 100 7.65 -20.62 19.64
N LYS B 101 7.27 -20.34 18.39
CA LYS B 101 8.03 -19.37 17.60
C LYS B 101 7.94 -17.98 18.20
N LEU B 102 6.77 -17.62 18.74
CA LEU B 102 6.64 -16.34 19.45
C LEU B 102 7.57 -16.31 20.66
N LYS B 103 7.65 -17.42 21.39
CA LYS B 103 8.55 -17.50 22.54
C LYS B 103 10.00 -17.33 22.12
N TYR B 104 10.37 -17.96 21.00
CA TYR B 104 11.72 -17.79 20.48
C TYR B 104 12.00 -16.34 20.14
N TRP B 105 11.05 -15.67 19.49
CA TRP B 105 11.21 -14.26 19.16
C TRP B 105 11.36 -13.43 20.44
N ILE B 106 10.55 -13.72 21.46
CA ILE B 106 10.61 -12.96 22.70
C ILE B 106 11.96 -13.15 23.38
N LEU B 107 12.46 -14.38 23.41
CA LEU B 107 13.68 -14.68 24.15
C LEU B 107 14.94 -14.23 23.41
N VAL B 108 14.92 -14.23 22.08
CA VAL B 108 16.10 -13.98 21.28
C VAL B 108 16.02 -12.64 20.55
N LYS B 109 14.93 -12.41 19.83
CA LYS B 109 14.85 -11.24 18.95
C LYS B 109 14.40 -9.98 19.68
N LEU B 110 13.47 -10.09 20.63
CA LEU B 110 12.97 -8.90 21.31
C LEU B 110 14.07 -8.12 22.02
N PRO B 111 14.95 -8.74 22.80
CA PRO B 111 15.96 -7.94 23.52
C PRO B 111 16.92 -7.20 22.62
N LYS B 112 17.06 -7.60 21.35
CA LYS B 112 18.01 -7.00 20.44
C LYS B 112 17.36 -6.00 19.48
N LEU B 113 16.08 -5.69 19.66
CA LEU B 113 15.45 -4.68 18.83
C LEU B 113 16.02 -3.31 19.13
N LYS B 114 16.30 -2.55 18.08
CA LYS B 114 16.83 -1.20 18.20
C LYS B 114 15.71 -0.19 17.97
N TYR B 115 15.70 0.87 18.77
CA TYR B 115 14.69 1.90 18.64
C TYR B 115 14.95 2.84 17.47
N ALA B 116 16.04 2.65 16.73
CA ALA B 116 16.26 3.44 15.52
C ALA B 116 15.11 3.25 14.54
N GLU B 117 14.61 2.02 14.41
CA GLU B 117 13.48 1.77 13.53
C GLU B 117 12.26 2.58 13.95
N LEU B 118 12.19 3.00 15.21
CA LEU B 118 11.10 3.85 15.66
C LEU B 118 11.03 5.17 14.90
N SER B 119 12.05 5.50 14.10
CA SER B 119 12.06 6.70 13.28
C SER B 119 11.38 6.50 11.93
N LYS B 120 10.81 5.31 11.69
CA LYS B 120 10.12 5.02 10.44
C LYS B 120 8.61 5.22 10.55
N GLY B 121 8.14 5.82 11.64
CA GLY B 121 6.73 6.00 11.86
C GLY B 121 6.14 7.17 11.09
N ARG B 122 4.90 7.48 11.41
CA ARG B 122 4.16 8.54 10.74
C ARG B 122 4.49 9.89 11.39
N GLN B 123 3.91 10.96 10.83
CA GLN B 123 4.12 12.29 11.37
C GLN B 123 3.72 12.34 12.83
N THR B 124 4.68 12.53 13.72
CA THR B 124 4.43 12.51 15.15
C THR B 124 4.19 13.92 15.68
N TYR B 125 3.32 14.03 16.68
CA TYR B 125 3.06 15.30 17.34
C TYR B 125 4.04 15.47 18.49
N SER B 126 4.87 16.49 18.43
CA SER B 126 5.85 16.74 19.47
C SER B 126 5.16 17.29 20.70
N PHE B 127 5.32 16.61 21.84
CA PHE B 127 4.81 17.13 23.09
C PHE B 127 5.62 18.31 23.61
N ILE B 128 6.75 18.62 22.97
CA ILE B 128 7.55 19.78 23.33
C ILE B 128 7.17 20.94 22.43
N HIS B 129 7.36 20.78 21.12
CA HIS B 129 7.09 21.85 20.17
C HIS B 129 5.61 22.01 19.84
N LYS B 130 4.78 21.02 20.19
CA LYS B 130 3.33 21.12 20.02
C LYS B 130 2.94 21.31 18.55
N ARG B 131 3.31 20.31 17.74
CA ARG B 131 2.92 20.30 16.34
C ARG B 131 3.43 19.00 15.72
N ASN B 132 2.83 18.63 14.59
CA ASN B 132 3.22 17.40 13.91
C ASN B 132 4.58 17.58 13.25
N LEU B 133 5.44 16.59 13.42
CA LEU B 133 6.79 16.59 12.88
C LEU B 133 7.10 15.23 12.29
N PRO B 134 8.10 15.14 11.41
CA PRO B 134 8.51 13.83 10.89
C PRO B 134 9.02 12.93 12.00
N ALA B 135 8.86 11.63 11.80
CA ALA B 135 9.23 10.65 12.81
C ALA B 135 10.66 10.79 13.31
N PRO B 136 11.68 10.91 12.45
CA PRO B 136 13.06 11.01 12.99
C PRO B 136 13.25 12.20 13.91
N ILE B 137 12.65 13.36 13.58
CA ILE B 137 12.83 14.55 14.41
C ILE B 137 12.19 14.34 15.78
N ALA B 138 10.97 13.80 15.79
CA ALA B 138 10.29 13.56 17.05
C ALA B 138 11.05 12.55 17.90
N LEU B 139 11.55 11.49 17.27
CA LEU B 139 12.33 10.51 18.03
C LEU B 139 13.59 11.16 18.60
N GLU B 140 14.28 11.98 17.80
CA GLU B 140 15.49 12.64 18.27
C GLU B 140 15.20 13.50 19.49
N GLU B 141 14.17 14.36 19.41
CA GLU B 141 13.89 15.26 20.51
C GLU B 141 13.40 14.50 21.74
N THR B 142 12.60 13.44 21.55
CA THR B 142 12.14 12.65 22.69
C THR B 142 13.31 11.98 23.38
N VAL B 143 14.24 11.40 22.61
CA VAL B 143 15.39 10.76 23.21
C VAL B 143 16.24 11.79 23.95
N GLU B 144 16.42 12.97 23.37
CA GLU B 144 17.19 14.02 24.04
C GLU B 144 16.52 14.43 25.36
N PHE B 145 15.20 14.56 25.35
CA PHE B 145 14.47 14.88 26.57
C PHE B 145 14.68 13.80 27.62
N LEU B 146 14.63 12.53 27.20
CA LEU B 146 14.85 11.43 28.13
C LEU B 146 16.25 11.50 28.73
N GLU B 147 17.27 11.75 27.89
CA GLU B 147 18.63 11.85 28.42
C GLU B 147 18.75 13.00 29.40
N GLN B 148 18.17 14.15 29.07
CA GLN B 148 18.27 15.32 29.94
C GLN B 148 17.62 15.05 31.29
N ASN B 149 16.44 14.43 31.30
CA ASN B 149 15.70 14.25 32.53
C ASN B 149 16.11 13.00 33.31
N LEU B 150 16.84 12.08 32.70
CA LEU B 150 17.30 10.88 33.38
C LEU B 150 18.76 10.95 33.83
N ARG B 151 19.52 11.91 33.30
CA ARG B 151 20.95 12.05 33.62
C ARG B 151 21.73 10.80 33.26
N ARG B 152 21.21 9.99 32.35
CA ARG B 152 21.86 8.77 31.89
C ARG B 152 21.80 8.72 30.37
N LYS B 153 22.34 7.64 29.80
CA LYS B 153 22.37 7.45 28.36
C LYS B 153 21.47 6.27 28.02
N ILE B 154 20.51 6.49 27.12
CA ILE B 154 19.60 5.44 26.72
C ILE B 154 20.32 4.46 25.80
N GLY B 155 20.20 3.17 26.11
CA GLY B 155 20.83 2.15 25.31
C GLY B 155 20.23 2.07 23.93
N PRO B 156 20.97 1.49 22.98
CA PRO B 156 20.45 1.40 21.61
C PRO B 156 19.26 0.48 21.46
N THR B 157 18.98 -0.38 22.44
CA THR B 157 17.91 -1.35 22.32
C THR B 157 16.56 -0.71 22.61
N LEU B 158 15.52 -1.26 21.99
CA LEU B 158 14.17 -0.76 22.19
C LEU B 158 13.72 -0.96 23.63
N LEU B 159 14.07 -2.10 24.23
CA LEU B 159 13.71 -2.35 25.63
C LEU B 159 14.31 -1.29 26.53
N SER B 160 15.54 -0.87 26.26
CA SER B 160 16.16 0.19 27.05
C SER B 160 15.39 1.49 26.93
N TYR B 161 14.94 1.82 25.71
CA TYR B 161 14.15 3.04 25.50
C TYR B 161 12.84 2.96 26.28
N CYS B 162 12.16 1.82 26.23
CA CYS B 162 10.91 1.67 26.97
C CYS B 162 11.14 1.78 28.47
N GLN B 163 12.23 1.18 28.96
CA GLN B 163 12.55 1.30 30.38
C GLN B 163 12.85 2.74 30.76
N ALA B 164 13.52 3.48 29.87
CA ALA B 164 13.77 4.89 30.11
C ALA B 164 12.47 5.67 30.20
N ILE B 165 11.51 5.35 29.33
CA ILE B 165 10.20 6.01 29.39
C ILE B 165 9.53 5.69 30.72
N ALA B 166 9.56 4.42 31.12
CA ALA B 166 8.93 4.04 32.37
C ALA B 166 9.58 4.76 33.55
N ASP B 167 10.90 4.94 33.50
CA ASP B 167 11.59 5.62 34.59
C ASP B 167 11.26 7.09 34.62
N VAL B 168 11.31 7.76 33.46
CA VAL B 168 10.99 9.19 33.42
C VAL B 168 9.54 9.43 33.82
N MET B 169 8.69 8.42 33.68
CA MET B 169 7.31 8.55 34.16
C MET B 169 7.22 8.62 35.69
N GLU B 170 8.34 8.48 36.40
CA GLU B 170 8.35 8.50 37.85
C GLU B 170 8.77 9.85 38.42
N LEU B 171 9.04 10.84 37.58
CA LEU B 171 9.50 12.14 38.04
C LEU B 171 8.33 13.10 38.17
N ASP B 172 8.25 13.78 39.32
CA ASP B 172 7.17 14.76 39.51
C ASP B 172 7.30 15.92 38.54
N GLU B 173 8.53 16.30 38.19
CA GLU B 173 8.76 17.38 37.25
C GLU B 173 9.84 16.96 36.26
N THR B 174 9.63 17.32 34.99
CA THR B 174 10.60 17.06 33.94
C THR B 174 10.84 18.35 33.17
N THR B 175 12.06 18.51 32.66
CA THR B 175 12.46 19.71 31.96
C THR B 175 13.12 19.36 30.64
N TYR B 176 12.95 20.23 29.65
CA TYR B 176 13.58 20.09 28.35
C TYR B 176 14.18 21.44 27.96
N GLU B 177 15.50 21.47 27.79
CA GLU B 177 16.21 22.66 27.35
C GLU B 177 16.57 22.51 25.88
N GLY B 178 16.03 23.41 25.05
CA GLY B 178 16.22 23.30 23.62
C GLY B 178 16.37 24.63 22.91
N ALA B 179 17.41 24.74 22.08
CA ALA B 179 17.66 25.96 21.32
C ALA B 179 17.18 25.80 19.87
N THR B 209 16.59 29.15 22.59
CA THR B 209 16.82 28.54 23.90
C THR B 209 15.60 28.69 24.79
N TYR B 210 14.90 27.58 25.04
CA TYR B 210 13.73 27.55 25.89
C TYR B 210 13.83 26.38 26.85
N THR B 211 13.12 26.49 27.97
CA THR B 211 13.08 25.45 29.00
C THR B 211 11.62 25.09 29.24
N ILE B 212 11.17 24.02 28.60
CA ILE B 212 9.80 23.54 28.78
C ILE B 212 9.73 22.67 30.02
N LYS B 213 8.72 22.92 30.86
CA LYS B 213 8.53 22.20 32.12
C LYS B 213 7.22 21.43 32.07
N PHE B 214 7.28 20.16 32.42
CA PHE B 214 6.11 19.30 32.50
C PHE B 214 5.97 18.75 33.90
N SER B 215 4.75 18.79 34.44
CA SER B 215 4.46 18.02 35.64
C SER B 215 4.14 16.58 35.26
N ARG B 216 4.02 15.71 36.27
CA ARG B 216 3.74 14.32 35.99
C ARG B 216 2.41 14.17 35.27
N GLU B 217 1.39 14.90 35.70
CA GLU B 217 0.08 14.82 35.05
C GLU B 217 0.14 15.32 33.62
N GLU B 218 0.85 16.43 33.38
CA GLU B 218 0.95 16.96 32.02
C GLU B 218 1.66 15.98 31.09
N LEU B 219 2.75 15.38 31.56
CA LEU B 219 3.45 14.40 30.73
C LEU B 219 2.61 13.15 30.52
N TRP B 220 1.85 12.75 31.53
CA TRP B 220 0.93 11.63 31.36
C TRP B 220 -0.10 11.94 30.29
N ASP B 221 -0.65 13.14 30.30
CA ASP B 221 -1.62 13.54 29.28
C ASP B 221 -0.98 13.55 27.90
N GLN B 222 0.24 14.08 27.79
CA GLN B 222 0.93 14.09 26.51
C GLN B 222 1.24 12.68 26.02
N MET B 223 1.50 11.76 26.95
CA MET B 223 1.79 10.38 26.56
C MET B 223 0.55 9.64 26.10
N ARG B 224 -0.58 9.86 26.80
CA ARG B 224 -1.80 9.14 26.49
C ARG B 224 -2.63 9.81 25.40
N THR B 225 -2.29 11.02 24.99
CA THR B 225 -3.08 11.72 23.98
C THR B 225 -2.83 11.12 22.60
N LEU B 226 -3.91 10.78 21.91
CA LEU B 226 -3.85 10.32 20.53
C LEU B 226 -4.22 11.47 19.61
N ASN B 227 -3.56 11.55 18.47
CA ASN B 227 -3.78 12.63 17.52
C ASN B 227 -4.48 12.08 16.29
N THR B 228 -5.62 12.67 15.96
CA THR B 228 -6.47 12.22 14.88
C THR B 228 -6.17 13.00 13.60
N MET B 229 -6.31 12.32 12.47
CA MET B 229 -5.99 12.92 11.18
C MET B 229 -6.88 12.27 10.13
N TRP B 230 -7.33 13.08 9.16
CA TRP B 230 -8.09 12.55 8.05
C TRP B 230 -7.28 11.48 7.34
N LYS B 231 -7.95 10.37 7.00
CA LYS B 231 -7.31 9.30 6.23
C LYS B 231 -7.45 9.65 4.75
N HIS B 232 -6.60 10.57 4.31
CA HIS B 232 -6.66 11.05 2.94
C HIS B 232 -6.38 9.93 1.95
N LEU B 233 -7.03 9.99 0.80
CA LEU B 233 -6.82 9.05 -0.29
C LEU B 233 -7.20 7.62 0.12
N GLU B 234 -8.44 7.48 0.57
CA GLU B 234 -9.02 6.20 0.93
C GLU B 234 -10.17 5.91 -0.03
N ARG B 235 -10.13 4.74 -0.66
CA ARG B 235 -11.08 4.37 -1.69
C ARG B 235 -12.12 3.39 -1.16
N GLY B 236 -13.19 3.24 -1.93
CA GLY B 236 -14.23 2.29 -1.60
C GLY B 236 -15.16 2.69 -0.48
N ARG B 237 -15.13 3.95 -0.06
CA ARG B 237 -15.92 4.42 1.08
C ARG B 237 -16.67 5.68 0.69
N LEU B 238 -17.96 5.74 1.04
CA LEU B 238 -18.74 6.95 0.79
C LEU B 238 -18.36 8.06 1.75
N ASN B 239 -18.20 7.73 3.03
CA ASN B 239 -17.90 8.71 4.06
C ASN B 239 -16.44 8.62 4.48
N ARG B 240 -15.81 9.78 4.65
CA ARG B 240 -14.43 9.83 5.10
C ARG B 240 -14.34 9.43 6.56
N ARG B 241 -13.24 8.76 6.91
CA ARG B 241 -12.99 8.33 8.28
C ARG B 241 -11.56 8.72 8.68
N THR B 242 -11.37 8.95 9.97
CA THR B 242 -10.11 9.41 10.51
C THR B 242 -9.28 8.24 11.03
N ILE B 243 -8.00 8.53 11.30
CA ILE B 243 -7.09 7.58 11.90
C ILE B 243 -6.39 8.28 13.06
N ALA B 244 -5.84 7.47 13.97
CA ALA B 244 -5.19 7.99 15.16
C ALA B 244 -3.72 7.57 15.18
N THR B 245 -2.89 8.46 15.71
CA THR B 245 -1.48 8.19 15.91
C THR B 245 -1.12 8.44 17.37
N PRO B 246 -0.29 7.58 17.97
CA PRO B 246 0.11 7.78 19.36
C PRO B 246 1.31 8.71 19.47
N SER B 247 1.58 9.13 20.71
CA SER B 247 2.75 9.93 20.98
C SER B 247 4.01 9.09 20.84
N MET B 248 5.13 9.77 20.61
CA MET B 248 6.41 9.08 20.51
C MET B 248 6.82 8.43 21.82
N LEU B 249 6.19 8.81 22.94
CA LEU B 249 6.52 8.20 24.22
C LEU B 249 6.06 6.75 24.28
N ILE B 250 4.86 6.47 23.77
CA ILE B 250 4.27 5.14 23.86
C ILE B 250 4.46 4.34 22.58
N ARG B 251 5.22 4.86 21.62
CA ARG B 251 5.34 4.17 20.34
C ARG B 251 6.24 2.94 20.45
N GLY B 252 7.18 2.93 21.40
CA GLY B 252 8.03 1.77 21.58
C GLY B 252 7.25 0.54 22.00
N PHE B 253 6.37 0.71 22.99
CA PHE B 253 5.54 -0.40 23.44
C PHE B 253 4.62 -0.88 22.32
N VAL B 254 4.04 0.05 21.57
CA VAL B 254 3.19 -0.32 20.45
C VAL B 254 3.98 -1.13 19.43
N LYS B 255 5.22 -0.70 19.14
CA LYS B 255 6.03 -1.44 18.19
C LYS B 255 6.33 -2.84 18.70
N ILE B 256 6.65 -2.98 19.98
CA ILE B 256 6.95 -4.30 20.55
C ILE B 256 5.72 -5.20 20.40
N VAL B 257 4.56 -4.69 20.79
CA VAL B 257 3.35 -5.50 20.77
C VAL B 257 3.00 -5.89 19.33
N GLU B 258 3.11 -4.93 18.40
CA GLU B 258 2.76 -5.21 17.02
C GLU B 258 3.73 -6.20 16.39
N ASP B 259 5.01 -6.11 16.73
CA ASP B 259 5.97 -7.09 16.21
C ASP B 259 5.68 -8.48 16.76
N ALA B 260 5.34 -8.58 18.04
CA ALA B 260 4.95 -9.89 18.58
C ALA B 260 3.71 -10.43 17.88
N ALA B 261 2.72 -9.55 17.65
CA ALA B 261 1.51 -9.98 16.95
C ALA B 261 1.84 -10.45 15.54
N LYS B 262 2.70 -9.72 14.83
CA LYS B 262 3.11 -10.15 13.50
C LYS B 262 3.80 -11.50 13.54
N GLU B 263 4.68 -11.71 14.51
CA GLU B 263 5.39 -12.97 14.61
C GLU B 263 4.43 -14.13 14.83
N ILE B 264 3.44 -13.95 15.71
CA ILE B 264 2.49 -15.03 15.96
C ILE B 264 1.58 -15.23 14.74
N LEU B 265 1.23 -14.15 14.04
CA LEU B 265 0.28 -14.25 12.94
C LEU B 265 0.87 -14.98 11.74
N GLU B 266 2.14 -14.74 11.41
CA GLU B 266 2.72 -15.29 10.20
C GLU B 266 2.81 -16.81 10.22
N ASN B 267 2.67 -17.43 11.40
CA ASN B 267 2.74 -18.88 11.53
C ASN B 267 1.37 -19.50 11.78
N VAL B 268 0.29 -18.75 11.55
CA VAL B 268 -1.06 -19.19 11.81
C VAL B 268 -1.80 -19.28 10.48
N PRO B 269 -2.42 -20.42 10.14
CA PRO B 269 -3.01 -20.58 8.82
C PRO B 269 -4.36 -19.88 8.64
N THR B 270 -4.87 -19.20 9.67
CA THR B 270 -6.16 -18.52 9.58
C THR B 270 -6.02 -17.02 9.36
N SER B 271 -4.81 -16.54 9.07
CA SER B 271 -4.54 -15.12 8.90
C SER B 271 -4.27 -14.80 7.44
N GLY B 272 -4.82 -13.68 6.98
CA GLY B 272 -4.62 -13.23 5.62
C GLY B 272 -3.65 -12.08 5.50
N VAL B 273 -3.10 -11.63 6.62
CA VAL B 273 -2.17 -10.51 6.65
C VAL B 273 -1.04 -10.80 7.63
N PRO B 274 0.11 -10.13 7.48
CA PRO B 274 0.44 -9.18 6.41
C PRO B 274 1.10 -9.85 5.19
N VAL B 275 1.30 -11.16 5.26
CA VAL B 275 1.99 -11.89 4.21
C VAL B 275 1.06 -12.03 3.01
N GLY B 276 1.60 -12.47 1.87
CA GLY B 276 0.84 -12.58 0.66
C GLY B 276 -0.41 -13.44 0.79
N GLY B 277 -1.52 -12.96 0.26
CA GLY B 277 -2.76 -13.71 0.30
C GLY B 277 -2.92 -14.75 -0.79
N GLU B 278 -1.97 -14.82 -1.72
CA GLU B 278 -2.04 -15.81 -2.79
C GLU B 278 -2.24 -17.21 -2.21
N GLU B 279 -1.27 -17.66 -1.42
CA GLU B 279 -1.36 -19.00 -0.84
C GLU B 279 -2.57 -19.13 0.08
N LYS B 280 -2.84 -18.09 0.87
CA LYS B 280 -3.96 -18.16 1.82
C LYS B 280 -5.26 -18.47 1.10
N LEU B 281 -5.59 -17.70 0.06
CA LEU B 281 -6.87 -17.90 -0.62
C LEU B 281 -6.86 -19.11 -1.53
N ALA B 282 -5.73 -19.40 -2.19
CA ALA B 282 -5.69 -20.54 -3.10
C ALA B 282 -5.75 -21.86 -2.35
N LYS B 283 -5.15 -21.91 -1.15
CA LYS B 283 -5.13 -23.14 -0.38
C LYS B 283 -6.54 -23.59 -0.04
N LEU B 284 -7.40 -22.67 0.38
CA LEU B 284 -8.79 -23.02 0.69
C LEU B 284 -9.59 -23.26 -0.59
N ALA B 285 -9.30 -22.49 -1.64
CA ALA B 285 -10.01 -22.68 -2.90
C ALA B 285 -9.74 -24.07 -3.48
N SER B 286 -8.50 -24.56 -3.35
CA SER B 286 -8.18 -25.88 -3.86
C SER B 286 -8.91 -26.98 -3.11
N LYS B 287 -9.12 -26.81 -1.82
CA LYS B 287 -9.75 -27.86 -1.01
C LYS B 287 -11.15 -28.17 -1.53
N GLN B 288 -11.52 -29.44 -1.43
CA GLN B 288 -12.80 -29.93 -1.93
C GLN B 288 -13.35 -30.91 -0.91
N THR B 289 -14.37 -31.67 -1.31
CA THR B 289 -15.00 -32.64 -0.42
C THR B 289 -15.39 -33.86 -1.25
N PHE B 290 -16.21 -34.74 -0.66
CA PHE B 290 -16.63 -35.99 -1.28
C PHE B 290 -17.94 -35.84 -2.05
N HIS B 291 -18.24 -34.63 -2.56
CA HIS B 291 -19.45 -34.36 -3.32
C HIS B 291 -20.71 -34.88 -2.63
N THR B 292 -20.65 -35.02 -1.30
CA THR B 292 -21.80 -35.43 -0.50
C THR B 292 -22.04 -34.54 0.70
N ALA B 293 -21.04 -33.77 1.15
CA ALA B 293 -21.19 -32.85 2.25
C ALA B 293 -21.56 -31.46 1.73
N VAL B 294 -22.33 -30.73 2.52
CA VAL B 294 -22.71 -29.37 2.14
C VAL B 294 -21.52 -28.45 2.38
N THR B 295 -21.09 -27.77 1.32
CA THR B 295 -19.95 -26.86 1.37
C THR B 295 -20.46 -25.46 1.12
N GLY B 296 -20.07 -24.52 1.98
CA GLY B 296 -20.49 -23.14 1.85
C GLY B 296 -19.34 -22.17 1.99
N GLU B 297 -19.48 -20.98 1.41
CA GLU B 297 -18.45 -19.95 1.46
C GLU B 297 -19.09 -18.64 1.86
N LEU B 298 -18.69 -18.12 3.02
CA LEU B 298 -19.23 -16.88 3.56
C LEU B 298 -18.18 -15.79 3.47
N SER B 299 -18.46 -14.77 2.66
CA SER B 299 -17.59 -13.61 2.53
C SER B 299 -18.22 -12.45 3.29
N GLY B 300 -17.42 -11.73 4.07
CA GLY B 300 -18.00 -10.66 4.85
C GLY B 300 -16.98 -9.65 5.32
N ASP B 301 -17.50 -8.55 5.84
CA ASP B 301 -16.74 -7.51 6.49
C ASP B 301 -17.31 -7.29 7.88
N GLN B 302 -16.63 -6.45 8.65
CA GLN B 302 -17.02 -6.14 10.02
C GLN B 302 -17.50 -4.70 10.10
N GLU B 303 -18.69 -4.50 10.65
CA GLU B 303 -19.24 -3.15 10.78
C GLU B 303 -18.65 -2.45 11.98
N LYS B 304 -18.15 -1.23 11.77
CA LYS B 304 -17.55 -0.45 12.84
C LYS B 304 -16.53 -1.28 13.61
N PHE B 305 -15.61 -1.89 12.86
CA PHE B 305 -14.66 -2.83 13.45
C PHE B 305 -13.83 -2.17 14.53
N ASN B 306 -13.30 -0.97 14.25
CA ASN B 306 -12.42 -0.30 15.19
C ASN B 306 -13.17 0.44 16.28
N GLU B 307 -14.48 0.63 16.14
CA GLU B 307 -15.27 1.36 17.11
C GLU B 307 -16.05 0.44 18.04
N CYS B 308 -15.63 -0.82 18.17
CA CYS B 308 -16.24 -1.74 19.10
C CYS B 308 -15.25 -2.54 19.93
N LEU B 309 -14.00 -2.67 19.48
CA LEU B 309 -13.02 -3.45 20.23
C LEU B 309 -12.59 -2.72 21.48
N ASP B 310 -12.40 -3.47 22.56
CA ASP B 310 -11.89 -2.91 23.81
C ASP B 310 -10.42 -3.26 23.97
N PRO B 311 -9.55 -2.30 24.28
CA PRO B 311 -8.14 -2.68 24.53
C PRO B 311 -7.98 -3.67 25.66
N ASP B 312 -8.91 -3.68 26.62
CA ASP B 312 -8.83 -4.63 27.73
C ASP B 312 -8.90 -6.06 27.23
N ALA B 313 -9.75 -6.34 26.24
CA ALA B 313 -9.83 -7.68 25.69
C ALA B 313 -8.51 -8.08 25.04
N MET B 314 -7.90 -7.16 24.29
CA MET B 314 -6.65 -7.47 23.61
C MET B 314 -5.54 -7.73 24.62
N ARG B 315 -5.45 -6.91 25.67
CA ARG B 315 -4.41 -7.13 26.66
C ARG B 315 -4.67 -8.40 27.47
N LEU B 316 -5.94 -8.74 27.71
CA LEU B 316 -6.24 -10.00 28.37
C LEU B 316 -5.82 -11.19 27.51
N MET B 317 -6.09 -11.12 26.20
CA MET B 317 -5.66 -12.18 25.31
C MET B 317 -4.14 -12.31 25.32
N TRP B 318 -3.43 -11.18 25.27
CA TRP B 318 -1.98 -11.23 25.30
C TRP B 318 -1.48 -11.81 26.62
N THR B 319 -2.12 -11.44 27.72
CA THR B 319 -1.72 -11.98 29.02
C THR B 319 -1.93 -13.49 29.06
N VAL B 320 -3.05 -13.98 28.53
CA VAL B 320 -3.28 -15.42 28.49
C VAL B 320 -2.20 -16.09 27.66
N PHE B 321 -1.90 -15.54 26.48
CA PHE B 321 -0.87 -16.11 25.63
C PHE B 321 0.46 -16.20 26.37
N LEU B 322 0.90 -15.10 26.97
CA LEU B 322 2.20 -15.07 27.62
C LEU B 322 2.24 -15.99 28.84
N ARG B 323 1.18 -15.99 29.65
CA ARG B 323 1.17 -16.83 30.84
C ARG B 323 1.20 -18.30 30.48
N LYS B 324 0.38 -18.72 29.52
CA LYS B 324 0.41 -20.11 29.09
C LYS B 324 1.71 -20.46 28.39
N LEU B 325 2.49 -19.46 27.98
CA LEU B 325 3.78 -19.67 27.35
C LEU B 325 4.93 -19.69 28.36
N GLY B 326 4.65 -19.50 29.64
CA GLY B 326 5.70 -19.50 30.64
C GLY B 326 6.57 -18.27 30.62
N CYS B 327 6.09 -17.16 30.08
CA CYS B 327 6.88 -15.94 30.03
C CYS B 327 6.98 -15.31 31.41
N PRO B 328 8.03 -14.52 31.66
CA PRO B 328 8.19 -13.89 32.96
C PRO B 328 7.23 -12.72 33.14
N ASP B 329 7.16 -12.24 34.39
CA ASP B 329 6.20 -11.19 34.74
C ASP B 329 6.51 -9.90 33.99
N TRP B 330 7.79 -9.54 33.88
CA TRP B 330 8.13 -8.26 33.25
C TRP B 330 7.70 -8.23 31.79
N ILE B 331 7.75 -9.37 31.09
CA ILE B 331 7.28 -9.41 29.71
C ILE B 331 5.78 -9.13 29.67
N MET B 332 5.03 -9.72 30.59
CA MET B 332 3.58 -9.48 30.62
C MET B 332 3.29 -8.00 30.90
N GLU B 333 4.02 -7.40 31.84
CA GLU B 333 3.81 -5.98 32.12
C GLU B 333 4.15 -5.14 30.89
N LEU B 334 5.24 -5.46 30.21
CA LEU B 334 5.64 -4.71 29.02
C LEU B 334 4.56 -4.80 27.95
N PHE B 335 4.00 -5.99 27.74
CA PHE B 335 2.96 -6.14 26.74
C PHE B 335 1.69 -5.43 27.13
N ASN B 336 1.36 -5.41 28.42
CA ASN B 336 0.09 -4.84 28.86
C ASN B 336 0.11 -3.32 28.90
N ILE B 337 1.26 -2.70 29.16
CA ILE B 337 1.30 -1.26 29.37
C ILE B 337 0.64 -0.48 28.23
N PRO B 338 1.00 -0.69 26.96
CA PRO B 338 0.41 0.16 25.91
C PRO B 338 -1.09 0.07 25.83
N PHE B 339 -1.65 -1.10 26.11
CA PHE B 339 -3.10 -1.25 26.06
C PHE B 339 -3.78 -0.45 27.18
N MET B 340 -3.18 -0.43 28.37
CA MET B 340 -3.72 0.41 29.44
C MET B 340 -3.63 1.88 29.04
N VAL B 341 -2.49 2.29 28.48
CA VAL B 341 -2.34 3.69 28.08
C VAL B 341 -3.41 4.06 27.06
N PHE B 342 -3.67 3.18 26.10
CA PHE B 342 -4.73 3.43 25.12
C PHE B 342 -6.10 3.47 25.79
N LYS B 343 -6.32 2.59 26.77
CA LYS B 343 -7.56 2.61 27.53
C LYS B 343 -7.76 3.93 28.25
N SER B 344 -6.68 4.63 28.59
CA SER B 344 -6.75 5.95 29.21
C SER B 344 -6.33 7.05 28.24
N LYS B 345 -6.78 6.92 26.99
CA LYS B 345 -6.36 7.82 25.92
C LYS B 345 -7.07 9.16 26.01
N LEU B 346 -6.59 10.11 25.21
CA LEU B 346 -7.21 11.41 25.03
C LEU B 346 -7.20 11.71 23.52
N ALA B 347 -8.35 11.54 22.88
CA ALA B 347 -8.46 11.77 21.45
C ALA B 347 -8.52 13.26 21.16
N ASP B 348 -7.74 13.70 20.18
CA ASP B 348 -7.74 15.11 19.80
C ASP B 348 -8.99 15.43 19.00
N MET B 349 -9.77 16.41 19.48
CA MET B 349 -11.05 16.71 18.85
C MET B 349 -10.86 17.29 17.45
N GLY B 350 -9.87 18.18 17.29
CA GLY B 350 -9.64 18.81 16.00
C GLY B 350 -10.00 20.28 16.01
N GLU B 351 -10.41 20.82 14.86
CA GLU B 351 -10.71 22.24 14.76
C GLU B 351 -12.01 22.57 15.49
N GLY B 352 -13.02 21.73 15.34
CA GLY B 352 -14.29 21.92 16.02
C GLY B 352 -15.47 21.74 15.08
N LEU B 353 -16.65 21.66 15.70
CA LEU B 353 -17.89 21.51 14.95
C LEU B 353 -18.28 22.83 14.30
N VAL B 354 -18.90 22.73 13.12
CA VAL B 354 -19.26 23.90 12.35
C VAL B 354 -20.67 24.36 12.74
N TYR B 355 -20.80 25.64 13.05
CA TYR B 355 -22.09 26.26 13.33
C TYR B 355 -22.27 27.46 12.41
N THR B 356 -23.49 27.61 11.89
CA THR B 356 -23.83 28.74 11.04
C THR B 356 -24.74 29.70 11.79
N LYS B 357 -24.78 30.94 11.30
CA LYS B 357 -25.62 32.01 11.85
C LYS B 357 -26.53 32.55 10.76
N GLY B 358 -27.23 31.64 10.10
CA GLY B 358 -28.00 31.99 8.91
C GLY B 358 -27.16 31.76 7.66
N LYS B 359 -26.07 32.52 7.52
CA LYS B 359 -25.18 32.36 6.39
C LYS B 359 -23.70 32.46 6.76
N LEU B 360 -23.35 32.59 8.04
CA LEU B 360 -21.96 32.66 8.46
C LEU B 360 -21.42 31.24 8.65
N THR B 361 -20.22 31.15 9.22
CA THR B 361 -19.63 29.85 9.54
C THR B 361 -18.60 30.07 10.66
N ASP B 362 -18.64 29.20 11.65
CA ASP B 362 -17.72 29.28 12.78
C ASP B 362 -17.46 27.89 13.31
N ARG B 363 -16.18 27.53 13.44
CA ARG B 363 -15.79 26.26 14.03
C ARG B 363 -15.60 26.47 15.53
N LYS B 364 -16.38 25.75 16.33
CA LYS B 364 -16.35 25.88 17.78
C LYS B 364 -16.14 24.52 18.44
N PRO B 365 -15.42 24.47 19.56
CA PRO B 365 -15.21 23.19 20.24
C PRO B 365 -16.50 22.67 20.86
N LEU B 366 -16.53 21.36 21.05
CA LEU B 366 -17.68 20.72 21.68
C LEU B 366 -17.88 21.26 23.09
N GLY B 367 -19.14 21.45 23.46
CA GLY B 367 -19.52 21.93 24.77
C GLY B 367 -19.90 23.39 24.83
N GLU B 368 -19.55 24.17 23.81
CA GLU B 368 -19.91 25.59 23.80
C GLU B 368 -21.38 25.80 23.50
N MET B 369 -22.02 24.86 22.81
CA MET B 369 -23.40 25.01 22.37
C MET B 369 -23.99 23.63 22.15
N PRO B 370 -25.32 23.51 22.14
CA PRO B 370 -25.93 22.19 21.96
C PRO B 370 -25.53 21.56 20.64
N SER B 371 -25.40 20.24 20.65
CA SER B 371 -25.02 19.48 19.46
C SER B 371 -25.48 18.04 19.64
N GLU B 372 -25.10 17.20 18.69
CA GLU B 372 -25.48 15.80 18.72
C GLU B 372 -24.66 14.99 19.71
N PHE B 373 -23.46 15.45 20.06
CA PHE B 373 -22.55 14.73 20.95
C PHE B 373 -22.47 15.36 22.33
N ASP B 374 -23.53 16.05 22.76
CA ASP B 374 -23.51 16.68 24.07
C ASP B 374 -23.25 15.67 25.17
N ASP B 375 -23.63 14.40 24.96
CA ASP B 375 -23.41 13.38 25.98
C ASP B 375 -21.94 13.26 26.35
N LEU B 376 -21.04 13.63 25.44
CA LEU B 376 -19.61 13.52 25.66
C LEU B 376 -19.00 14.79 26.25
N VAL B 377 -19.79 15.84 26.47
CA VAL B 377 -19.23 17.10 26.94
C VAL B 377 -18.54 16.92 28.29
N ARG B 378 -19.03 16.01 29.12
CA ARG B 378 -18.42 15.80 30.42
C ARG B 378 -17.00 15.26 30.29
N ASN B 379 -16.66 14.62 29.18
CA ASN B 379 -15.35 14.00 29.00
C ASN B 379 -14.34 14.93 28.35
N VAL B 380 -14.72 16.16 28.02
CA VAL B 380 -13.81 17.08 27.34
C VAL B 380 -12.69 17.48 28.29
N VAL B 381 -11.46 17.40 27.79
CA VAL B 381 -10.27 17.80 28.55
C VAL B 381 -9.51 18.78 27.66
N GLY B 382 -9.75 20.07 27.86
CA GLY B 382 -9.16 21.08 26.99
C GLY B 382 -9.68 20.95 25.57
N ASN B 383 -8.79 20.65 24.63
CA ASN B 383 -9.17 20.39 23.25
C ASN B 383 -9.15 18.90 22.92
N SER B 384 -9.16 18.04 23.93
CA SER B 384 -9.15 16.59 23.75
C SER B 384 -10.33 15.98 24.49
N ILE B 385 -10.77 14.83 24.00
CA ILE B 385 -11.94 14.13 24.53
C ILE B 385 -11.47 12.79 25.06
N SER B 386 -11.81 12.49 26.31
CA SER B 386 -11.34 11.28 26.97
C SER B 386 -12.36 10.17 26.79
N CYS B 387 -11.91 9.04 26.23
CA CYS B 387 -12.77 7.90 25.97
C CYS B 387 -12.05 6.62 26.43
N ARG B 388 -12.84 5.65 26.88
CA ARG B 388 -12.32 4.38 27.35
C ARG B 388 -12.64 3.22 26.42
N LEU B 389 -13.85 3.17 25.88
CA LEU B 389 -14.23 2.10 24.97
C LEU B 389 -13.86 2.48 23.53
N GLY B 390 -13.95 1.48 22.65
CA GLY B 390 -13.70 1.70 21.24
C GLY B 390 -12.23 1.94 20.92
N MET B 391 -11.88 1.87 19.65
CA MET B 391 -10.52 2.08 19.19
C MET B 391 -10.54 2.99 17.96
N PHE B 392 -9.36 3.45 17.58
CA PHE B 392 -9.18 4.23 16.37
C PHE B 392 -8.37 3.42 15.36
N MET B 393 -8.63 3.68 14.08
CA MET B 393 -8.03 2.88 13.02
C MET B 393 -6.53 3.15 12.90
N GLY B 394 -5.79 2.10 12.52
CA GLY B 394 -4.40 2.26 12.20
C GLY B 394 -3.44 2.28 13.37
N MET B 395 -3.83 1.68 14.50
CA MET B 395 -2.96 1.64 15.67
C MET B 395 -2.63 0.21 16.11
N TYR B 396 -3.62 -0.66 16.23
CA TYR B 396 -3.44 -2.03 16.69
C TYR B 396 -4.03 -3.02 15.71
N ASN B 397 -3.68 -2.85 14.43
CA ASN B 397 -4.26 -3.68 13.38
C ASN B 397 -4.01 -5.17 13.63
N LEU B 398 -2.75 -5.54 13.86
CA LEU B 398 -2.41 -6.95 13.99
C LEU B 398 -3.00 -7.55 15.26
N THR B 399 -2.99 -6.80 16.37
CA THR B 399 -3.62 -7.30 17.59
C THR B 399 -5.11 -7.48 17.40
N SER B 400 -5.76 -6.57 16.66
CA SER B 400 -7.17 -6.73 16.37
C SER B 400 -7.42 -7.98 15.54
N THR B 401 -6.57 -8.25 14.55
CA THR B 401 -6.72 -9.46 13.77
C THR B 401 -6.55 -10.69 14.63
N LEU B 402 -5.58 -10.68 15.55
CA LEU B 402 -5.41 -11.80 16.46
C LEU B 402 -6.64 -12.00 17.34
N LEU B 403 -7.20 -10.91 17.83
CA LEU B 403 -8.41 -10.99 18.64
C LEU B 403 -9.55 -11.61 17.84
N ALA B 404 -9.70 -11.20 16.58
CA ALA B 404 -10.72 -11.79 15.73
C ALA B 404 -10.46 -13.29 15.52
N LEU B 405 -9.18 -13.67 15.40
CA LEU B 405 -8.85 -15.06 15.11
C LEU B 405 -9.12 -15.96 16.30
N ILE B 406 -8.81 -15.50 17.52
CA ILE B 406 -8.96 -16.37 18.67
C ILE B 406 -10.41 -16.82 18.84
N SER B 407 -11.37 -16.00 18.41
CA SER B 407 -12.78 -16.30 18.61
C SER B 407 -13.30 -17.41 17.67
N ILE B 408 -12.50 -17.83 16.69
CA ILE B 408 -12.94 -18.86 15.75
C ILE B 408 -12.59 -20.27 16.21
N GLU B 409 -11.81 -20.40 17.29
CA GLU B 409 -11.34 -21.72 17.74
C GLU B 409 -12.31 -22.26 18.78
N ARG B 410 -13.37 -22.90 18.28
CA ARG B 410 -14.37 -23.54 19.13
C ARG B 410 -14.71 -24.90 18.54
N GLU B 411 -15.33 -25.74 19.37
CA GLU B 411 -15.67 -27.09 18.94
C GLU B 411 -16.65 -27.07 17.77
N GLU B 412 -17.64 -26.17 17.82
CA GLU B 412 -18.67 -26.15 16.79
C GLU B 412 -18.10 -25.77 15.42
N LEU B 413 -17.20 -24.80 15.38
CA LEU B 413 -16.70 -24.23 14.13
C LEU B 413 -15.68 -25.19 13.52
N THR B 414 -16.19 -26.19 12.81
CA THR B 414 -15.35 -27.13 12.07
C THR B 414 -15.17 -26.70 10.61
N GLY B 415 -14.70 -25.47 10.41
CA GLY B 415 -14.53 -24.94 9.07
C GLY B 415 -13.37 -23.97 9.02
N SER B 416 -12.85 -23.76 7.81
CA SER B 416 -11.69 -22.90 7.62
C SER B 416 -12.08 -21.44 7.71
N HIS B 417 -11.13 -20.61 8.14
CA HIS B 417 -11.38 -19.18 8.31
C HIS B 417 -10.12 -18.41 7.91
N VAL B 418 -10.32 -17.28 7.24
CA VAL B 418 -9.24 -16.37 6.89
C VAL B 418 -9.72 -14.95 7.18
N GLU B 419 -8.89 -14.17 7.87
CA GLU B 419 -9.27 -12.82 8.28
C GLU B 419 -8.13 -11.87 8.05
N SER B 420 -8.44 -10.69 7.52
CA SER B 420 -7.50 -9.58 7.38
C SER B 420 -8.14 -8.36 8.02
N SER B 421 -7.76 -8.07 9.26
CA SER B 421 -8.31 -6.94 10.00
C SER B 421 -9.82 -6.92 9.93
N ASP B 422 -10.38 -6.39 8.84
CA ASP B 422 -11.81 -6.25 8.65
C ASP B 422 -12.39 -7.35 7.77
N ASP B 423 -11.82 -7.56 6.59
CA ASP B 423 -12.37 -8.54 5.67
C ASP B 423 -12.18 -9.95 6.20
N PHE B 424 -13.10 -10.85 5.84
CA PHE B 424 -12.95 -12.24 6.25
C PHE B 424 -13.71 -13.13 5.29
N ILE B 425 -13.23 -14.37 5.16
CA ILE B 425 -13.87 -15.41 4.37
C ILE B 425 -13.81 -16.71 5.14
N HIS B 426 -14.94 -17.39 5.23
CA HIS B 426 -15.05 -18.64 5.97
C HIS B 426 -15.57 -19.73 5.04
N PHE B 427 -15.01 -20.92 5.18
CA PHE B 427 -15.43 -22.09 4.40
C PHE B 427 -16.03 -23.11 5.36
N PHE B 428 -17.29 -23.46 5.12
CA PHE B 428 -18.01 -24.44 5.91
C PHE B 428 -18.06 -25.75 5.14
N ASN B 429 -17.80 -26.86 5.83
CA ASN B 429 -17.91 -28.20 5.26
C ASN B 429 -18.66 -29.04 6.28
N CYS B 430 -19.98 -29.12 6.13
CA CYS B 430 -20.84 -29.80 7.10
C CYS B 430 -21.59 -30.93 6.41
N LYS B 431 -22.42 -31.63 7.19
CA LYS B 431 -23.18 -32.76 6.68
C LYS B 431 -24.56 -32.38 6.18
N THR B 432 -25.11 -31.27 6.67
CA THR B 432 -26.45 -30.84 6.26
C THR B 432 -26.50 -29.32 6.26
N HIS B 433 -27.50 -28.78 5.58
CA HIS B 433 -27.66 -27.33 5.53
C HIS B 433 -27.93 -26.76 6.91
N GLU B 434 -28.69 -27.49 7.74
CA GLU B 434 -28.95 -27.02 9.10
C GLU B 434 -27.65 -26.87 9.88
N GLU B 435 -26.74 -27.83 9.75
CA GLU B 435 -25.46 -27.73 10.41
C GLU B 435 -24.67 -26.53 9.90
N MET B 436 -24.71 -26.29 8.59
CA MET B 436 -23.97 -25.15 8.02
C MET B 436 -24.51 -23.83 8.57
N PHE B 437 -25.83 -23.68 8.63
CA PHE B 437 -26.41 -22.44 9.13
C PHE B 437 -26.14 -22.28 10.61
N LYS B 438 -26.20 -23.39 11.38
CA LYS B 438 -25.85 -23.32 12.79
C LYS B 438 -24.41 -22.87 12.98
N GLN B 439 -23.50 -23.40 12.16
CA GLN B 439 -22.09 -22.99 12.27
C GLN B 439 -21.91 -21.53 11.88
N ALA B 440 -22.63 -21.06 10.85
CA ALA B 440 -22.51 -19.65 10.47
C ALA B 440 -22.99 -18.74 11.60
N GLU B 441 -24.14 -19.08 12.19
CA GLU B 441 -24.65 -18.27 13.29
C GLU B 441 -23.71 -18.35 14.49
N THR B 442 -23.11 -19.51 14.73
CA THR B 442 -22.14 -19.63 15.82
C THR B 442 -20.94 -18.74 15.57
N LEU B 443 -20.47 -18.69 14.32
CA LEU B 443 -19.36 -17.80 13.98
C LEU B 443 -19.73 -16.34 14.26
N ARG B 444 -20.92 -15.94 13.83
CA ARG B 444 -21.37 -14.57 14.09
C ARG B 444 -21.42 -14.29 15.59
N LEU B 445 -21.97 -15.22 16.37
CA LEU B 445 -22.13 -15.00 17.79
C LEU B 445 -20.79 -15.01 18.53
N THR B 446 -19.83 -15.83 18.07
CA THR B 446 -18.52 -15.80 18.69
C THR B 446 -17.81 -14.48 18.40
N LEU B 447 -17.90 -13.99 17.17
CA LEU B 447 -17.33 -12.69 16.87
C LEU B 447 -17.97 -11.61 17.75
N LYS B 448 -19.29 -11.70 17.96
CA LYS B 448 -19.94 -10.80 18.90
C LYS B 448 -19.37 -10.97 20.30
N LEU B 449 -19.09 -12.22 20.69
CA LEU B 449 -18.57 -12.51 22.02
C LEU B 449 -17.26 -11.80 22.26
N VAL B 450 -16.36 -11.82 21.27
CA VAL B 450 -15.07 -11.15 21.43
C VAL B 450 -15.17 -9.64 21.19
N GLY B 451 -16.32 -9.15 20.76
CA GLY B 451 -16.53 -7.73 20.55
C GLY B 451 -16.52 -7.28 19.10
N ILE B 452 -16.62 -8.20 18.15
CA ILE B 452 -16.57 -7.89 16.73
C ILE B 452 -17.91 -8.23 16.11
N ASN B 453 -18.52 -7.26 15.43
CA ASN B 453 -19.81 -7.44 14.79
C ASN B 453 -19.61 -7.47 13.28
N MET B 454 -19.99 -8.58 12.65
CA MET B 454 -19.90 -8.69 11.21
C MET B 454 -21.09 -7.95 10.58
N SER B 455 -20.80 -7.06 9.65
CA SER B 455 -21.83 -6.24 9.01
C SER B 455 -22.84 -7.13 8.33
N PRO B 456 -24.08 -7.24 8.84
CA PRO B 456 -25.03 -8.17 8.23
C PRO B 456 -25.29 -7.87 6.76
N SER B 457 -25.33 -6.59 6.38
CA SER B 457 -25.59 -6.24 4.99
C SER B 457 -24.42 -6.57 4.08
N LYS B 458 -23.21 -6.71 4.62
CA LYS B 458 -22.03 -6.98 3.83
C LYS B 458 -21.57 -8.43 3.93
N CYS B 459 -22.36 -9.30 4.54
CA CYS B 459 -22.01 -10.71 4.71
C CYS B 459 -22.93 -11.54 3.83
N ILE B 460 -22.33 -12.35 2.95
CA ILE B 460 -23.08 -13.15 1.99
C ILE B 460 -22.49 -14.56 1.98
N LEU B 461 -23.36 -15.56 2.02
CA LEU B 461 -22.96 -16.96 2.07
C LEU B 461 -23.50 -17.68 0.84
N ILE B 462 -22.61 -18.29 0.08
CA ILE B 462 -22.95 -19.03 -1.13
C ILE B 462 -22.85 -20.52 -0.84
N SER B 463 -23.86 -21.27 -1.28
CA SER B 463 -23.87 -22.72 -1.13
C SER B 463 -24.41 -23.35 -2.42
N PRO B 464 -23.68 -24.28 -3.06
CA PRO B 464 -22.38 -24.83 -2.65
C PRO B 464 -21.23 -23.83 -2.79
N ALA B 465 -20.14 -24.10 -2.09
CA ALA B 465 -18.99 -23.20 -2.12
C ALA B 465 -18.34 -23.21 -3.50
N GLY B 466 -17.57 -22.17 -3.78
CA GLY B 466 -16.89 -22.05 -5.05
C GLY B 466 -16.82 -20.62 -5.55
N ILE B 467 -17.64 -19.74 -4.99
CA ILE B 467 -17.67 -18.33 -5.37
C ILE B 467 -17.53 -17.49 -4.10
N GLY B 468 -16.58 -16.57 -4.10
CA GLY B 468 -16.36 -15.73 -2.94
C GLY B 468 -15.45 -14.58 -3.26
N GLU B 469 -15.33 -13.68 -2.28
CA GLU B 469 -14.48 -12.50 -2.40
C GLU B 469 -13.79 -12.26 -1.07
N PHE B 470 -12.53 -11.85 -1.13
CA PHE B 470 -11.77 -11.59 0.10
C PHE B 470 -10.50 -10.80 -0.21
N ASN B 471 -10.33 -9.67 0.45
CA ASN B 471 -9.14 -8.84 0.30
C ASN B 471 -8.86 -8.53 -1.16
N SER B 472 -9.92 -8.13 -1.87
CA SER B 472 -9.84 -7.74 -3.28
C SER B 472 -9.39 -8.90 -4.17
N LYS B 473 -9.53 -10.14 -3.70
CA LYS B 473 -9.28 -11.33 -4.50
C LYS B 473 -10.61 -12.05 -4.67
N PHE B 474 -10.98 -12.31 -5.92
CA PHE B 474 -12.28 -12.89 -6.24
C PHE B 474 -12.07 -14.33 -6.71
N HIS B 475 -12.63 -15.27 -5.97
CA HIS B 475 -12.43 -16.70 -6.21
C HIS B 475 -13.68 -17.29 -6.85
N HIS B 476 -13.48 -18.03 -7.94
CA HIS B 476 -14.57 -18.73 -8.62
C HIS B 476 -14.06 -20.13 -8.95
N ARG B 477 -14.63 -21.13 -8.28
CA ARG B 477 -14.23 -22.52 -8.48
C ARG B 477 -12.75 -22.70 -8.14
N ASP B 478 -11.88 -22.68 -9.15
CA ASP B 478 -10.44 -22.86 -8.93
C ASP B 478 -9.65 -21.75 -9.63
N PHE B 479 -10.30 -20.62 -9.89
CA PHE B 479 -9.64 -19.45 -10.47
C PHE B 479 -9.76 -18.31 -9.48
N VAL B 480 -8.61 -17.80 -9.03
CA VAL B 480 -8.57 -16.69 -8.08
C VAL B 480 -8.03 -15.47 -8.82
N GLY B 481 -8.93 -14.56 -9.18
CA GLY B 481 -8.51 -13.32 -9.79
C GLY B 481 -8.12 -12.29 -8.75
N ASN B 482 -6.84 -11.92 -8.74
CA ASN B 482 -6.33 -10.91 -7.83
C ASN B 482 -6.47 -9.54 -8.49
N VAL B 483 -7.28 -8.68 -7.88
CA VAL B 483 -7.56 -7.35 -8.39
C VAL B 483 -6.86 -6.35 -7.48
N ALA B 484 -6.00 -5.51 -8.05
CA ALA B 484 -5.30 -4.52 -7.26
C ALA B 484 -6.28 -3.53 -6.66
N THR B 485 -6.05 -3.16 -5.40
CA THR B 485 -6.85 -2.14 -4.75
C THR B 485 -6.46 -0.73 -5.21
N GLU B 486 -5.33 -0.59 -5.88
CA GLU B 486 -4.87 0.71 -6.36
C GLU B 486 -3.97 0.47 -7.55
N LEU B 487 -4.42 0.86 -8.74
CA LEU B 487 -3.62 0.64 -9.93
C LEU B 487 -2.25 1.31 -9.78
N PRO B 488 -1.17 0.66 -10.19
CA PRO B 488 0.15 1.26 -10.01
C PRO B 488 0.24 2.60 -10.72
N ALA B 489 0.91 3.55 -10.06
CA ALA B 489 1.14 4.87 -10.64
C ALA B 489 2.25 4.72 -11.67
N LEU B 490 1.86 4.42 -12.91
CA LEU B 490 2.83 4.11 -13.95
C LEU B 490 3.56 5.36 -14.42
N VAL B 491 4.33 5.98 -13.52
CA VAL B 491 5.14 7.14 -13.85
C VAL B 491 6.45 7.06 -13.10
N PRO B 492 7.49 7.71 -13.62
CA PRO B 492 8.79 7.69 -12.93
C PRO B 492 8.69 8.24 -11.52
N ASN B 493 9.48 7.64 -10.61
CA ASN B 493 9.45 8.03 -9.21
C ASN B 493 9.99 9.43 -9.00
N GLY B 494 10.80 9.95 -9.91
CA GLY B 494 11.36 11.28 -9.79
C GLY B 494 12.78 11.33 -9.26
N THR B 495 13.41 10.19 -8.99
CA THR B 495 14.78 10.21 -8.50
C THR B 495 15.76 10.56 -9.62
N ASN B 496 15.81 9.73 -10.66
CA ASN B 496 16.68 9.97 -11.81
C ASN B 496 16.34 8.92 -12.87
N PRO B 497 16.71 9.17 -14.13
CA PRO B 497 16.28 8.27 -15.21
C PRO B 497 16.52 6.79 -14.94
N MET B 498 17.74 6.40 -14.59
CA MET B 498 18.04 4.97 -14.43
C MET B 498 17.27 4.38 -13.25
N THR B 499 17.33 5.05 -12.10
CA THR B 499 16.61 4.57 -10.92
C THR B 499 15.11 4.52 -11.19
N ASP B 500 14.57 5.55 -11.84
CA ASP B 500 13.14 5.59 -12.12
C ASP B 500 12.73 4.44 -13.03
N LEU B 501 13.51 4.19 -14.09
CA LEU B 501 13.19 3.10 -15.00
C LEU B 501 13.23 1.76 -14.28
N ALA B 502 14.28 1.54 -13.47
CA ALA B 502 14.39 0.29 -12.74
C ALA B 502 13.22 0.09 -11.79
N MET B 503 12.86 1.15 -11.05
CA MET B 503 11.77 1.05 -10.09
C MET B 503 10.43 0.80 -10.78
N GLY B 504 10.19 1.50 -11.89
CA GLY B 504 8.93 1.30 -12.60
C GLY B 504 8.80 -0.10 -13.15
N LEU B 505 9.87 -0.62 -13.76
CA LEU B 505 9.83 -1.99 -14.27
C LEU B 505 9.66 -2.99 -13.14
N ASN B 506 10.30 -2.72 -11.99
CA ASN B 506 10.12 -3.61 -10.84
C ASN B 506 8.68 -3.60 -10.37
N VAL B 507 8.05 -2.43 -10.33
CA VAL B 507 6.65 -2.35 -9.92
C VAL B 507 5.78 -3.13 -10.87
N ILE B 508 6.00 -2.99 -12.18
CA ILE B 508 5.18 -3.70 -13.15
C ILE B 508 5.37 -5.20 -13.02
N LYS B 509 6.61 -5.65 -12.86
CA LYS B 509 6.87 -7.08 -12.67
C LYS B 509 6.21 -7.61 -11.40
N HIS B 510 6.29 -6.86 -10.30
CA HIS B 510 5.65 -7.31 -9.07
C HIS B 510 4.14 -7.41 -9.25
N SER B 511 3.54 -6.44 -9.94
CA SER B 511 2.11 -6.52 -10.21
C SER B 511 1.78 -7.70 -11.12
N VAL B 512 2.67 -8.03 -12.05
CA VAL B 512 2.38 -9.10 -13.01
C VAL B 512 2.47 -10.47 -12.34
N ASN B 513 3.60 -10.76 -11.70
CA ASN B 513 3.76 -12.06 -11.07
C ASN B 513 2.84 -12.23 -9.86
N THR B 514 2.36 -11.13 -9.29
CA THR B 514 1.37 -11.21 -8.23
C THR B 514 -0.01 -11.60 -8.76
N GLY B 515 -0.21 -11.62 -10.08
CA GLY B 515 -1.47 -11.98 -10.67
C GLY B 515 -2.39 -10.82 -10.97
N GLN B 516 -2.05 -9.61 -10.56
CA GLN B 516 -2.89 -8.46 -10.80
C GLN B 516 -2.85 -7.98 -12.25
N MET B 517 -1.93 -8.50 -13.06
CA MET B 517 -1.82 -8.10 -14.46
C MET B 517 -1.24 -9.27 -15.24
N ASN B 518 -1.97 -9.70 -16.27
CA ASN B 518 -1.51 -10.79 -17.12
C ASN B 518 -0.54 -10.25 -18.17
N LEU B 519 -0.20 -11.07 -19.16
CA LEU B 519 0.84 -10.69 -20.12
C LEU B 519 0.42 -9.49 -20.96
N CYS B 520 -0.81 -9.49 -21.46
CA CYS B 520 -1.25 -8.40 -22.33
C CYS B 520 -1.32 -7.08 -21.57
N THR B 521 -1.98 -7.06 -20.43
CA THR B 521 -2.04 -5.84 -19.64
C THR B 521 -0.68 -5.49 -19.07
N GLY B 522 0.19 -6.49 -18.86
CA GLY B 522 1.55 -6.18 -18.44
C GLY B 522 2.32 -5.41 -19.50
N ALA B 523 2.23 -5.87 -20.75
CA ALA B 523 2.89 -5.16 -21.83
C ALA B 523 2.27 -3.77 -22.04
N LEU B 524 0.94 -3.67 -21.92
CA LEU B 524 0.29 -2.38 -22.05
C LEU B 524 0.74 -1.42 -20.96
N ALA B 525 0.85 -1.91 -19.73
CA ALA B 525 1.34 -1.07 -18.63
C ALA B 525 2.78 -0.66 -18.89
N MET B 526 3.60 -1.56 -19.44
CA MET B 526 4.97 -1.17 -19.81
C MET B 526 4.95 -0.04 -20.82
N ARG B 527 4.10 -0.14 -21.84
CA ARG B 527 4.05 0.90 -22.86
C ARG B 527 3.61 2.23 -22.25
N ILE B 528 2.61 2.20 -21.38
CA ILE B 528 2.13 3.44 -20.77
C ILE B 528 3.22 4.06 -19.90
N PHE B 529 3.89 3.23 -19.08
CA PHE B 529 4.95 3.75 -18.23
C PHE B 529 6.11 4.26 -19.07
N ASN B 530 6.44 3.58 -20.17
CA ASN B 530 7.51 4.04 -21.03
C ASN B 530 7.20 5.39 -21.62
N HIS B 531 5.96 5.59 -22.09
CA HIS B 531 5.59 6.88 -22.64
C HIS B 531 5.66 7.98 -21.58
N ALA B 532 5.13 7.70 -20.39
CA ALA B 532 5.17 8.70 -19.32
C ALA B 532 6.61 9.02 -18.92
N TYR B 533 7.45 7.99 -18.81
CA TYR B 533 8.83 8.15 -18.39
C TYR B 533 9.63 8.94 -19.43
N LYS B 534 9.41 8.66 -20.71
CA LYS B 534 10.08 9.42 -21.76
C LYS B 534 9.60 10.87 -21.76
N TYR B 535 8.31 11.09 -21.54
CA TYR B 535 7.82 12.48 -21.48
C TYR B 535 8.44 13.23 -20.32
N ALA B 536 8.51 12.60 -19.14
CA ALA B 536 8.96 13.31 -17.95
C ALA B 536 10.36 13.87 -18.09
N TYR B 537 11.18 13.32 -19.00
CA TYR B 537 12.56 13.73 -19.16
C TYR B 537 12.81 14.42 -20.50
N MET B 538 11.78 15.03 -21.08
CA MET B 538 11.89 15.78 -22.33
C MET B 538 12.61 14.97 -23.40
N ALA B 539 12.04 13.83 -23.74
CA ALA B 539 12.62 12.93 -24.74
C ALA B 539 11.62 12.48 -25.79
N LEU B 540 10.40 13.01 -25.80
CA LEU B 540 9.35 12.51 -26.68
C LEU B 540 9.16 13.37 -27.93
N GLY B 541 8.88 14.65 -27.75
CA GLY B 541 8.54 15.50 -28.88
C GLY B 541 9.67 16.38 -29.34
N VAL B 542 9.45 17.70 -29.30
CA VAL B 542 10.46 18.69 -29.68
C VAL B 542 10.65 19.58 -28.46
N THR B 543 11.65 19.23 -27.63
CA THR B 543 11.96 19.95 -26.41
C THR B 543 13.38 20.49 -26.49
N ARG B 544 13.81 21.13 -25.39
CA ARG B 544 15.19 21.62 -25.33
C ARG B 544 16.18 20.46 -25.40
N ARG B 545 15.88 19.35 -24.74
CA ARG B 545 16.78 18.20 -24.77
C ARG B 545 16.91 17.63 -26.18
N THR B 546 15.77 17.40 -26.84
CA THR B 546 15.82 16.88 -28.20
C THR B 546 16.48 17.88 -29.14
N ARG B 547 16.21 19.16 -28.96
CA ARG B 547 16.85 20.17 -29.78
C ARG B 547 18.37 20.14 -29.62
N PHE B 548 18.84 20.04 -28.38
CA PHE B 548 20.28 19.98 -28.13
C PHE B 548 20.89 18.74 -28.76
N MET B 549 20.24 17.58 -28.57
CA MET B 549 20.77 16.34 -29.12
C MET B 549 20.72 16.30 -30.64
N GLU B 550 19.82 17.07 -31.25
CA GLU B 550 19.73 17.11 -32.70
C GLU B 550 20.76 18.07 -33.29
N GLU B 551 20.94 19.24 -32.65
CA GLU B 551 21.91 20.20 -33.16
C GLU B 551 23.33 19.65 -33.13
N ASN B 552 23.67 18.94 -32.06
CA ASN B 552 25.01 18.39 -31.88
C ASN B 552 25.13 16.96 -32.39
N ALA B 553 24.09 16.42 -33.02
CA ALA B 553 24.12 15.08 -33.59
C ALA B 553 24.48 14.04 -32.53
N ILE B 554 23.84 14.16 -31.36
CA ILE B 554 24.04 13.22 -30.27
C ILE B 554 22.95 12.16 -30.41
N THR B 555 23.33 10.99 -30.91
CA THR B 555 22.36 9.93 -31.11
C THR B 555 21.77 9.49 -29.77
N PRO B 556 20.48 9.17 -29.70
CA PRO B 556 19.92 8.64 -28.45
C PRO B 556 20.16 7.14 -28.35
N LEU B 557 20.91 6.73 -27.33
CA LEU B 557 21.25 5.33 -27.14
C LEU B 557 20.60 4.72 -25.91
N LEU B 558 19.99 5.51 -25.04
CA LEU B 558 19.28 5.02 -23.87
C LEU B 558 17.81 5.40 -23.97
N THR B 559 16.98 4.66 -23.22
CA THR B 559 15.54 4.90 -23.28
C THR B 559 15.20 6.32 -22.85
N ASN B 560 15.82 6.80 -21.76
CA ASN B 560 15.55 8.15 -21.30
C ASN B 560 16.00 9.20 -22.30
N GLN B 561 16.91 8.85 -23.21
CA GLN B 561 17.36 9.79 -24.22
C GLN B 561 16.41 9.83 -25.41
N GLY B 562 15.67 8.76 -25.66
CA GLY B 562 14.74 8.71 -26.78
C GLY B 562 14.83 7.42 -27.56
N ALA B 563 15.79 6.57 -27.21
CA ALA B 563 15.96 5.30 -27.92
C ALA B 563 14.75 4.40 -27.69
N SER B 564 14.51 3.51 -28.65
CA SER B 564 13.39 2.59 -28.53
C SER B 564 13.59 1.71 -27.31
N PRO B 565 12.52 1.35 -26.59
CA PRO B 565 12.69 0.57 -25.36
C PRO B 565 13.37 -0.76 -25.63
N VAL B 566 14.22 -1.17 -24.70
CA VAL B 566 14.94 -2.44 -24.82
C VAL B 566 14.35 -3.54 -23.93
N HIS B 567 13.63 -3.18 -22.88
CA HIS B 567 13.04 -4.17 -22.00
C HIS B 567 11.79 -4.77 -22.63
N SER B 568 11.41 -5.94 -22.15
CA SER B 568 10.27 -6.67 -22.67
C SER B 568 9.55 -7.34 -21.51
N PHE B 569 8.57 -8.19 -21.84
CA PHE B 569 7.82 -8.89 -20.79
C PHE B 569 8.72 -9.83 -20.00
N SER B 570 9.63 -10.52 -20.69
CA SER B 570 10.51 -11.48 -20.04
C SER B 570 11.80 -10.85 -19.53
N THR B 571 11.99 -9.55 -19.71
CA THR B 571 13.24 -8.89 -19.36
C THR B 571 12.98 -7.58 -18.61
N MET B 572 12.04 -7.59 -17.68
CA MET B 572 11.84 -6.43 -16.81
C MET B 572 12.81 -6.40 -15.64
N HIS B 573 13.47 -7.52 -15.34
CA HIS B 573 14.38 -7.60 -14.21
C HIS B 573 15.82 -7.25 -14.58
N LEU B 574 16.11 -7.07 -15.86
CA LEU B 574 17.46 -6.77 -16.30
C LEU B 574 17.70 -5.26 -16.34
N ASP B 575 18.95 -4.88 -16.16
CA ASP B 575 19.33 -3.47 -16.24
C ASP B 575 19.40 -3.02 -17.69
N GLU B 576 19.06 -1.74 -17.92
CA GLU B 576 19.04 -1.23 -19.28
C GLU B 576 20.43 -1.25 -19.90
N VAL B 577 21.44 -0.80 -19.15
CA VAL B 577 22.78 -0.68 -19.73
C VAL B 577 23.34 -2.05 -20.07
N ALA B 578 23.26 -3.00 -19.14
CA ALA B 578 23.77 -4.34 -19.40
C ALA B 578 23.00 -5.01 -20.54
N LEU B 579 21.67 -4.86 -20.54
CA LEU B 579 20.87 -5.47 -21.59
C LEU B 579 21.22 -4.90 -22.96
N ARG B 580 21.39 -3.58 -23.05
CA ARG B 580 21.76 -2.97 -24.32
C ARG B 580 23.16 -3.40 -24.74
N ARG B 581 24.09 -3.49 -23.80
CA ARG B 581 25.44 -3.91 -24.13
C ARG B 581 25.46 -5.33 -24.67
N HIS B 582 24.69 -6.23 -24.05
CA HIS B 582 24.62 -7.60 -24.55
C HIS B 582 24.05 -7.65 -25.95
N LEU B 583 23.19 -6.71 -26.31
CA LEU B 583 22.55 -6.67 -27.62
C LEU B 583 23.35 -5.87 -28.64
N GLY B 584 24.47 -5.28 -28.25
CA GLY B 584 25.26 -4.47 -29.15
C GLY B 584 24.73 -3.07 -29.39
N LEU B 585 23.65 -2.67 -28.70
CA LEU B 585 23.11 -1.34 -28.90
C LEU B 585 23.96 -0.27 -28.23
N LEU B 586 24.82 -0.65 -27.29
CA LEU B 586 25.80 0.25 -26.69
C LEU B 586 27.20 -0.23 -27.05
N ASP B 587 28.05 0.71 -27.43
CA ASP B 587 29.42 0.40 -27.83
C ASP B 587 30.39 0.71 -26.68
N GLU B 588 31.59 0.15 -26.80
CA GLU B 588 32.59 0.31 -25.75
C GLU B 588 32.93 1.78 -25.52
N GLU B 589 32.90 2.60 -26.57
CA GLU B 589 33.27 4.00 -26.41
C GLU B 589 32.23 4.75 -25.59
N THR B 590 30.96 4.65 -25.98
CA THR B 590 29.91 5.28 -25.18
C THR B 590 29.83 4.67 -23.79
N LEU B 591 30.07 3.36 -23.69
CA LEU B 591 30.01 2.69 -22.39
C LEU B 591 31.07 3.25 -21.45
N ARG B 592 32.29 3.44 -21.95
CA ARG B 592 33.34 4.03 -21.14
C ARG B 592 33.10 5.51 -20.87
N ARG B 593 32.38 6.18 -21.77
CA ARG B 593 32.11 7.60 -21.57
C ARG B 593 31.06 7.81 -20.49
N ILE B 594 29.99 7.00 -20.49
CA ILE B 594 28.89 7.22 -19.56
C ILE B 594 29.10 6.53 -18.21
N LEU B 595 29.89 5.46 -18.17
CA LEU B 595 30.15 4.73 -16.93
C LEU B 595 31.40 5.22 -16.21
N ASN B 596 32.09 6.21 -16.76
CA ASN B 596 33.31 6.70 -16.13
C ASN B 596 32.99 7.29 -14.76
N PRO B 597 33.59 6.79 -13.68
CA PRO B 597 33.25 7.31 -12.35
C PRO B 597 33.63 8.76 -12.15
N ASN B 598 34.55 9.30 -12.97
CA ASN B 598 35.01 10.67 -12.80
C ASN B 598 34.08 11.70 -13.43
N ASN B 599 33.00 11.27 -14.07
CA ASN B 599 32.08 12.23 -14.67
C ASN B 599 31.53 13.16 -13.60
N PRO B 600 31.45 14.47 -13.86
CA PRO B 600 31.01 15.44 -12.84
C PRO B 600 29.48 15.57 -12.76
N VAL B 601 28.80 14.43 -12.64
CA VAL B 601 27.34 14.42 -12.48
C VAL B 601 26.99 13.63 -11.22
N THR B 602 27.62 12.46 -11.06
CA THR B 602 27.38 11.62 -9.89
C THR B 602 28.68 11.36 -9.14
N ASP B 623 16.97 -0.94 -5.75
CA ASP B 623 17.56 -0.31 -6.97
C ASP B 623 18.80 -1.09 -7.40
N TYR B 624 18.86 -1.63 -8.62
CA TYR B 624 20.02 -2.40 -9.16
C TYR B 624 20.58 -1.75 -10.43
N SER B 625 20.24 -0.48 -10.69
CA SER B 625 20.71 0.28 -11.88
C SER B 625 22.20 0.60 -11.73
N VAL B 626 22.93 0.60 -12.85
CA VAL B 626 24.38 0.86 -12.85
C VAL B 626 24.63 2.35 -12.57
N PRO B 627 25.67 2.71 -11.82
CA PRO B 627 25.95 4.14 -11.59
C PRO B 627 26.62 4.83 -12.78
N SER B 628 25.79 5.21 -13.75
CA SER B 628 26.25 5.87 -14.96
C SER B 628 26.18 7.38 -14.80
N CYS B 629 26.48 8.11 -15.87
CA CYS B 629 26.41 9.58 -15.82
C CYS B 629 24.98 10.10 -15.73
N PHE B 630 24.00 9.26 -16.05
CA PHE B 630 22.60 9.66 -15.99
C PHE B 630 21.99 9.51 -14.60
N LYS B 631 22.73 8.94 -13.65
CA LYS B 631 22.24 8.79 -12.29
C LYS B 631 22.48 10.08 -11.50
N TYR B 632 22.02 11.21 -12.04
CA TYR B 632 22.26 12.50 -11.43
C TYR B 632 21.25 12.77 -10.32
N THR B 633 21.31 13.96 -9.73
CA THR B 633 20.41 14.37 -8.66
C THR B 633 19.85 15.74 -8.99
N LEU B 634 18.57 15.95 -8.65
CA LEU B 634 17.90 17.20 -8.94
C LEU B 634 18.19 18.22 -7.84
N SER B 635 18.15 19.50 -8.22
CA SER B 635 18.56 20.56 -7.31
C SER B 635 17.67 20.58 -6.06
N ARG B 636 16.38 20.84 -6.25
CA ARG B 636 15.46 20.99 -5.12
C ARG B 636 14.29 20.03 -5.24
N ASP C 50 6.43 9.17 0.05
CA ASP C 50 7.33 9.95 -0.79
C ASP C 50 6.72 10.19 -2.16
N HIS C 51 5.49 10.72 -2.16
CA HIS C 51 4.81 11.03 -3.41
C HIS C 51 5.25 12.36 -4.00
N ALA C 52 5.84 13.25 -3.20
CA ALA C 52 6.22 14.56 -3.70
C ALA C 52 7.18 14.48 -4.86
N PRO C 53 8.26 13.68 -4.81
CA PRO C 53 9.14 13.59 -5.99
C PRO C 53 8.40 13.13 -7.23
N GLN C 54 7.41 12.25 -7.08
CA GLN C 54 6.66 11.77 -8.23
C GLN C 54 5.95 12.91 -8.95
N MET C 55 5.29 13.78 -8.18
CA MET C 55 4.54 14.89 -8.76
C MET C 55 5.46 16.02 -9.22
N ARG C 56 6.62 16.17 -8.60
CA ARG C 56 7.52 17.29 -8.89
C ARG C 56 8.46 17.03 -10.05
N LEU C 57 8.50 15.80 -10.58
CA LEU C 57 9.53 15.45 -11.55
C LEU C 57 9.42 16.30 -12.81
N VAL C 58 8.21 16.44 -13.35
CA VAL C 58 8.06 17.15 -14.63
C VAL C 58 8.53 18.59 -14.49
N TYR C 59 8.10 19.28 -13.43
CA TYR C 59 8.55 20.63 -13.20
C TYR C 59 10.04 20.68 -12.85
N SER C 60 10.50 19.73 -12.04
CA SER C 60 11.90 19.72 -11.63
C SER C 60 12.82 19.64 -12.85
N VAL C 61 12.52 18.72 -13.76
CA VAL C 61 13.36 18.54 -14.94
C VAL C 61 13.31 19.77 -15.83
N ARG C 62 12.12 20.34 -16.02
CA ARG C 62 11.96 21.46 -16.94
C ARG C 62 12.52 22.77 -16.39
N LYS C 63 12.96 22.80 -15.13
CA LYS C 63 13.52 24.01 -14.54
C LYS C 63 14.71 24.48 -15.36
N PRO C 64 15.20 25.71 -15.14
CA PRO C 64 16.35 26.18 -15.93
C PRO C 64 17.64 25.45 -15.61
N TRP C 65 17.92 25.18 -14.33
CA TRP C 65 19.15 24.51 -13.91
C TRP C 65 18.79 23.35 -12.99
N PRO C 66 18.19 22.30 -13.53
CA PRO C 66 17.75 21.18 -12.68
C PRO C 66 18.88 20.41 -12.01
N ILE C 67 19.85 19.96 -12.80
CA ILE C 67 20.88 19.07 -12.26
C ILE C 67 21.81 19.84 -11.35
N SER C 68 22.07 19.30 -10.17
CA SER C 68 23.03 19.84 -9.22
C SER C 68 24.28 18.98 -9.28
N MET C 69 25.41 19.58 -9.68
CA MET C 69 26.64 18.85 -9.89
C MET C 69 27.80 19.58 -9.24
N THR C 70 28.83 18.83 -8.87
CA THR C 70 30.03 19.43 -8.33
C THR C 70 30.74 20.23 -9.43
N PRO C 71 31.34 21.37 -9.10
CA PRO C 71 32.01 22.17 -10.14
C PRO C 71 33.11 21.37 -10.81
N SER C 72 33.25 21.59 -12.12
CA SER C 72 34.26 20.90 -12.91
C SER C 72 34.66 21.76 -14.09
N LYS C 73 35.90 21.60 -14.54
CA LYS C 73 36.40 22.33 -15.70
C LYS C 73 36.19 21.55 -17.00
N GLU C 74 35.97 20.24 -16.93
CA GLU C 74 35.83 19.46 -18.14
C GLU C 74 34.61 19.90 -18.95
N ILE C 75 33.48 20.12 -18.27
CA ILE C 75 32.26 20.53 -18.95
C ILE C 75 32.42 21.98 -19.42
N PRO C 76 32.30 22.27 -20.70
CA PRO C 76 32.44 23.66 -21.15
C PRO C 76 31.34 24.54 -20.60
N LEU C 77 31.69 25.80 -20.37
CA LEU C 77 30.70 26.76 -19.87
C LEU C 77 29.58 26.97 -20.89
N VAL C 78 29.94 27.15 -22.16
CA VAL C 78 28.97 27.33 -23.23
C VAL C 78 29.45 26.49 -24.42
N PHE C 79 28.67 25.49 -24.79
CA PHE C 79 29.01 24.59 -25.90
C PHE C 79 28.02 24.83 -27.03
N ASN C 80 28.51 25.38 -28.15
CA ASN C 80 27.70 25.57 -29.35
C ASN C 80 26.42 26.33 -29.04
N GLY C 81 26.53 27.36 -28.20
CA GLY C 81 25.44 28.25 -27.89
C GLY C 81 24.62 27.85 -26.68
N THR C 82 24.88 26.70 -26.08
CA THR C 82 24.13 26.22 -24.92
C THR C 82 24.95 26.44 -23.66
N LYS C 83 24.38 27.15 -22.69
CA LYS C 83 25.05 27.42 -21.42
C LYS C 83 24.82 26.24 -20.50
N LEU C 84 25.82 25.36 -20.39
CA LEU C 84 25.64 24.09 -19.68
C LEU C 84 25.69 24.27 -18.18
N LYS C 85 26.52 25.18 -17.68
CA LYS C 85 26.80 25.26 -16.25
C LYS C 85 26.46 26.64 -15.71
N ASP C 86 26.27 26.70 -14.39
CA ASP C 86 26.11 27.93 -13.65
C ASP C 86 27.29 28.10 -12.71
N THR C 87 27.81 29.33 -12.63
CA THR C 87 29.04 29.61 -11.90
C THR C 87 28.82 29.74 -10.39
N ILE C 88 27.58 29.71 -9.92
CA ILE C 88 27.27 29.91 -8.50
C ILE C 88 27.10 28.56 -7.83
N LEU C 89 27.74 28.38 -6.68
CA LEU C 89 27.60 27.15 -5.91
C LEU C 89 26.17 27.00 -5.40
N ARG C 96 28.73 22.79 -4.71
CA ARG C 96 28.06 22.19 -5.85
C ARG C 96 27.35 23.24 -6.69
N THR C 97 27.64 23.26 -7.99
CA THR C 97 26.99 24.15 -8.92
C THR C 97 25.79 23.46 -9.55
N ARG C 98 25.20 24.11 -10.56
CA ARG C 98 24.03 23.59 -11.26
C ARG C 98 24.32 23.49 -12.75
N ALA C 99 23.58 22.59 -13.41
CA ALA C 99 23.70 22.42 -14.85
C ALA C 99 22.36 21.95 -15.40
N ASN C 100 22.18 22.14 -16.70
CA ASN C 100 20.93 21.77 -17.34
C ASN C 100 20.95 20.29 -17.73
N ILE C 101 19.76 19.75 -18.00
CA ILE C 101 19.61 18.33 -18.25
C ILE C 101 20.39 17.85 -19.47
N VAL C 102 20.86 18.78 -20.32
CA VAL C 102 21.62 18.36 -21.50
C VAL C 102 23.05 17.94 -21.17
N VAL C 103 23.54 18.23 -19.97
CA VAL C 103 24.91 17.86 -19.62
C VAL C 103 25.12 16.35 -19.69
N PRO C 104 24.29 15.52 -19.06
CA PRO C 104 24.50 14.07 -19.20
C PRO C 104 24.45 13.61 -20.65
N ASP C 105 23.57 14.19 -21.47
CA ASP C 105 23.56 13.86 -22.88
C ASP C 105 24.86 14.30 -23.55
N TYR C 106 25.36 15.48 -23.19
CA TYR C 106 26.63 15.94 -23.74
C TYR C 106 27.77 15.01 -23.34
N TRP C 107 27.76 14.54 -22.10
CA TRP C 107 28.82 13.66 -21.64
C TRP C 107 28.86 12.37 -22.45
N SER C 108 27.70 11.84 -22.82
CA SER C 108 27.64 10.60 -23.59
C SER C 108 28.25 10.74 -24.98
N LYS C 109 28.49 11.96 -25.44
CA LYS C 109 29.10 12.20 -26.74
C LYS C 109 30.52 12.74 -26.65
N TYR C 110 30.78 13.65 -25.71
CA TYR C 110 32.10 14.26 -25.51
C TYR C 110 32.43 14.17 -24.03
N GLY C 111 33.12 13.10 -23.64
CA GLY C 111 33.50 12.91 -22.25
C GLY C 111 34.75 12.08 -22.14
N SER C 112 35.42 12.22 -21.00
CA SER C 112 36.65 11.47 -20.76
C SER C 112 36.33 10.01 -20.50
N GLN C 113 36.81 9.14 -21.37
CA GLN C 113 36.52 7.72 -21.26
C GLN C 113 37.39 7.08 -20.18
N THR C 114 36.77 6.26 -19.35
CA THR C 114 37.49 5.46 -18.37
C THR C 114 37.95 4.16 -19.03
N SER C 115 38.79 3.43 -18.30
CA SER C 115 39.35 2.19 -18.83
C SER C 115 38.26 1.15 -19.06
N LEU C 116 38.44 0.34 -20.10
CA LEU C 116 37.49 -0.74 -20.37
C LEU C 116 37.40 -1.69 -19.20
N GLU C 117 38.52 -1.93 -18.50
CA GLU C 117 38.49 -2.83 -17.36
C GLU C 117 37.54 -2.32 -16.29
N VAL C 118 37.52 -1.01 -16.06
CA VAL C 118 36.57 -0.43 -15.11
C VAL C 118 35.14 -0.69 -15.55
N VAL C 119 34.87 -0.53 -16.85
CA VAL C 119 33.51 -0.71 -17.36
C VAL C 119 33.04 -2.14 -17.11
N ASN C 120 33.89 -3.12 -17.40
CA ASN C 120 33.49 -4.51 -17.21
C ASN C 120 33.23 -4.81 -15.74
N ALA C 121 34.07 -4.30 -14.85
CA ALA C 121 33.90 -4.57 -13.43
C ALA C 121 32.56 -4.04 -12.92
N ILE C 122 32.19 -2.83 -13.32
CA ILE C 122 30.93 -2.25 -12.86
C ILE C 122 29.76 -3.04 -13.42
N LEU C 123 29.82 -3.44 -14.68
CA LEU C 123 28.71 -4.10 -15.36
C LEU C 123 28.72 -5.61 -15.16
N TYR C 124 29.72 -6.17 -14.47
CA TYR C 124 29.82 -7.62 -14.37
C TYR C 124 28.60 -8.20 -13.65
N ALA C 125 28.17 -7.58 -12.56
CA ALA C 125 27.06 -8.12 -11.80
C ALA C 125 25.80 -8.25 -12.65
N GLU C 126 25.43 -7.17 -13.35
CA GLU C 126 24.21 -7.20 -14.15
C GLU C 126 24.41 -7.99 -15.44
N ASP C 127 25.61 -7.97 -16.02
CA ASP C 127 25.86 -8.75 -17.22
C ASP C 127 25.67 -10.24 -16.94
N LEU C 128 25.92 -10.68 -15.71
CA LEU C 128 25.71 -12.08 -15.37
C LEU C 128 24.24 -12.46 -15.50
N LYS C 129 23.34 -11.62 -15.01
CA LYS C 129 21.91 -11.89 -15.14
C LYS C 129 21.48 -11.86 -16.59
N VAL C 130 21.98 -10.90 -17.37
CA VAL C 130 21.62 -10.82 -18.78
C VAL C 130 22.07 -12.08 -19.51
N GLN C 131 23.30 -12.53 -19.25
CA GLN C 131 23.80 -13.74 -19.89
C GLN C 131 22.98 -14.96 -19.47
N ARG C 132 22.61 -15.03 -18.19
CA ARG C 132 21.83 -16.17 -17.72
C ARG C 132 20.49 -16.25 -18.44
N PHE C 133 19.81 -15.11 -18.59
CA PHE C 133 18.50 -15.13 -19.24
C PHE C 133 18.61 -15.53 -20.71
N PHE C 134 19.51 -14.89 -21.45
CA PHE C 134 19.63 -15.18 -22.87
C PHE C 134 20.17 -16.57 -23.14
N SER C 135 20.85 -17.18 -22.18
CA SER C 135 21.30 -18.57 -22.30
C SER C 135 20.25 -19.56 -21.82
N THR C 136 19.18 -19.09 -21.18
CA THR C 136 18.12 -19.97 -20.74
C THR C 136 17.31 -20.47 -21.94
N GLU C 137 16.75 -21.66 -21.79
CA GLU C 137 15.90 -22.26 -22.81
C GLU C 137 14.47 -22.27 -22.30
N TRP C 138 13.54 -21.75 -23.10
CA TRP C 138 12.13 -21.69 -22.76
C TRP C 138 11.37 -22.75 -23.56
N GLY C 139 10.61 -23.58 -22.88
CA GLY C 139 9.89 -24.66 -23.51
C GLY C 139 8.64 -24.19 -24.23
N GLU C 140 7.92 -25.15 -24.78
CA GLU C 140 6.69 -24.85 -25.51
C GLU C 140 5.72 -24.10 -24.61
N ILE C 141 5.13 -23.03 -25.15
CA ILE C 141 4.19 -22.22 -24.39
C ILE C 141 2.84 -22.93 -24.35
N ARG C 142 2.28 -23.08 -23.15
CA ARG C 142 1.02 -23.75 -22.94
C ARG C 142 -0.06 -22.76 -22.54
N TYR C 143 -1.30 -23.11 -22.85
CA TYR C 143 -2.46 -22.28 -22.53
C TYR C 143 -3.43 -23.08 -21.67
N GLY C 144 -3.94 -22.43 -20.63
CA GLY C 144 -4.86 -23.09 -19.71
C GLY C 144 -5.29 -22.20 -18.57
N THR C 739 25.24 -38.73 8.00
CA THR C 739 25.48 -40.05 8.56
C THR C 739 26.89 -40.53 8.25
N ASP C 740 27.29 -40.35 6.99
CA ASP C 740 28.64 -40.76 6.58
C ASP C 740 29.69 -39.78 7.10
N ASN C 741 29.34 -38.50 7.23
CA ASN C 741 30.29 -37.52 7.75
C ASN C 741 30.70 -37.87 9.18
N ILE C 742 29.71 -38.26 10.00
CA ILE C 742 30.01 -38.63 11.38
C ILE C 742 30.86 -39.90 11.41
N LYS C 743 30.58 -40.83 10.49
CA LYS C 743 31.35 -42.08 10.44
C LYS C 743 32.82 -41.80 10.18
N ALA C 744 33.12 -40.91 9.22
CA ALA C 744 34.50 -40.60 8.92
C ALA C 744 35.18 -39.94 10.10
N THR C 745 34.48 -39.03 10.79
CA THR C 745 35.07 -38.38 11.96
C THR C 745 35.33 -39.37 13.08
N ILE C 746 34.34 -40.22 13.38
CA ILE C 746 34.51 -41.20 14.44
C ILE C 746 35.64 -42.16 14.11
N ASP C 747 35.66 -42.66 12.86
CA ASP C 747 36.72 -43.57 12.45
C ASP C 747 38.09 -42.89 12.53
N SER C 748 38.17 -41.63 12.08
CA SER C 748 39.44 -40.91 12.16
C SER C 748 39.89 -40.74 13.61
N GLN C 749 38.97 -40.40 14.50
CA GLN C 749 39.32 -40.27 15.91
C GLN C 749 39.80 -41.60 16.47
N ARG C 750 39.14 -42.70 16.12
CA ARG C 750 39.57 -44.01 16.56
C ARG C 750 40.96 -44.33 16.03
N ASP C 751 41.24 -43.94 14.78
CA ASP C 751 42.56 -44.13 14.19
C ASP C 751 43.60 -43.29 14.90
#